data_4CYJ
#
_entry.id   4CYJ
#
_cell.length_a   89.094
_cell.length_b   145.359
_cell.length_c   101.811
_cell.angle_alpha   90.00
_cell.angle_beta   94.86
_cell.angle_gamma   90.00
#
_symmetry.space_group_name_H-M   'P 1 21 1'
#
loop_
_entity.id
_entity.type
_entity.pdbx_description
1 polymer 'PAB-DEPENDENT POLY(A)-SPECIFIC RIBONUCLEASE SUBUNIT PAN3-LIKE PROTEIN'
2 polymer PAN2
3 non-polymer "ADENOSINE-5'-TRIPHOSPHATE"
4 non-polymer 'MAGNESIUM ION'
5 water water
#
loop_
_entity_poly.entity_id
_entity_poly.type
_entity_poly.pdbx_seq_one_letter_code
_entity_poly.pdbx_strand_id
1 'polypeptide(L)'
;GSRQELQPWQRATYDFFMPQNLREDLQKKQFATLQVIPNSGLPQLEHWHSLVPLDTSNRKNTSCFGYPSWVYKAQNSRNG
RHYALRRLEGYRLTNEKAILNVMKDWKKIKNASIVTIHEVFTTREFGDSSLIFAYDFHPLSKTLQEHHFQPIHGNRYRPP
PAVPENTIWGYICQIANALKTIHSNRLAARCLEPSKIILTDINRIRLSACAILDVVQFGMNSRSVVELQQEDFVKFGKLI
LSLATGTLPAHLNNIPAALETLGNKYSANLKSAVNWLLDTSSGETKTIEHFMTGIASQMTTFFDLALQDNDEKLFHLARE
VENGRIARSLMKLLTILERGDYDGVPSWSETGDRYQLKLFRDYVFHRVDADGKPNLSIGHMLTCMSKLEAGVDENILLTS
RDNETVFVLSYRELRQMYDRAFNELVKASKTGAPGANT
;
A,B,C,D
2 'polypeptide(L)'
;GSMPLSSIGLPYYREPLFSAWPADIISDVGAPPLQLEPSFVATLKQAEWGLYGKNTRNVRRNQVEDTRNTNKQSNALQAP
KFLSERARESALSSGGDSSSDPQVDQEPEDPNEIESLKP
;
E,F
#
# COMPACT_ATOMS: atom_id res chain seq x y z
N GLU A 5 -4.36 -13.48 18.30
CA GLU A 5 -3.76 -12.37 17.55
C GLU A 5 -2.27 -12.58 17.48
N LEU A 6 -1.85 -13.46 16.58
CA LEU A 6 -0.44 -13.70 16.36
C LEU A 6 0.05 -12.61 15.42
N GLN A 7 -0.90 -11.84 14.91
CA GLN A 7 -0.63 -10.87 13.84
C GLN A 7 0.41 -9.80 14.15
N PRO A 8 0.51 -9.33 15.41
CA PRO A 8 1.47 -8.23 15.53
C PRO A 8 2.88 -8.68 15.19
N TRP A 9 3.33 -9.84 15.69
CA TRP A 9 4.68 -10.33 15.36
C TRP A 9 4.76 -10.89 13.94
N GLN A 10 3.64 -11.33 13.39
CA GLN A 10 3.65 -11.93 12.07
C GLN A 10 3.81 -10.80 11.05
N ARG A 11 3.31 -9.64 11.42
CA ARG A 11 3.34 -8.47 10.57
C ARG A 11 4.70 -7.77 10.47
N ALA A 12 5.58 -7.91 11.47
CA ALA A 12 6.73 -6.99 11.54
C ALA A 12 7.51 -6.92 10.25
N THR A 13 7.78 -5.69 9.83
CA THR A 13 8.48 -5.45 8.57
C THR A 13 9.89 -6.04 8.59
N TYR A 14 10.42 -6.28 7.39
CA TYR A 14 11.68 -7.01 7.25
C TYR A 14 12.88 -6.19 7.68
N ASP A 15 12.72 -4.87 7.72
CA ASP A 15 13.78 -3.95 8.10
C ASP A 15 13.93 -3.72 9.60
N PHE A 16 13.41 -4.62 10.43
CA PHE A 16 13.36 -4.37 11.87
C PHE A 16 14.69 -4.14 12.56
N PHE A 17 15.81 -4.62 12.01
CA PHE A 17 17.09 -4.48 12.66
C PHE A 17 17.99 -3.62 11.79
N MET A 18 17.46 -3.19 10.64
CA MET A 18 18.25 -2.42 9.69
C MET A 18 18.20 -0.91 10.00
N PRO A 19 19.38 -0.25 10.09
CA PRO A 19 19.39 1.21 10.32
C PRO A 19 18.77 2.02 9.19
N GLN A 20 18.12 3.13 9.53
CA GLN A 20 17.51 4.02 8.55
C GLN A 20 18.58 4.51 7.58
N ASN A 21 19.69 4.99 8.15
CA ASN A 21 20.79 5.54 7.38
C ASN A 21 22.12 5.01 7.87
N LEU A 22 22.57 3.94 7.23
CA LEU A 22 23.80 3.26 7.60
C LEU A 22 25.04 4.14 7.46
N ARG A 23 25.10 4.96 6.42
CA ARG A 23 26.27 5.79 6.19
C ARG A 23 26.48 6.76 7.34
N GLU A 24 25.42 7.49 7.68
CA GLU A 24 25.49 8.50 8.74
C GLU A 24 25.73 7.87 10.10
N ASP A 25 25.09 6.73 10.33
CA ASP A 25 25.24 6.01 11.58
C ASP A 25 26.70 5.58 11.82
N LEU A 26 27.32 5.00 10.79
CA LEU A 26 28.70 4.55 10.90
C LEU A 26 29.63 5.74 11.15
N GLN A 27 29.38 6.83 10.44
CA GLN A 27 30.21 8.02 10.58
C GLN A 27 30.10 8.59 11.99
N LYS A 28 28.88 8.68 12.50
CA LYS A 28 28.68 9.19 13.86
C LYS A 28 29.35 8.30 14.91
N LYS A 29 29.20 6.99 14.76
CA LYS A 29 29.83 6.07 15.70
C LYS A 29 31.36 6.09 15.59
N GLN A 30 31.88 6.30 14.39
CA GLN A 30 33.32 6.45 14.19
C GLN A 30 33.84 7.66 14.95
N PHE A 31 33.17 8.79 14.76
CA PHE A 31 33.56 10.02 15.44
C PHE A 31 33.47 9.85 16.97
N ALA A 32 32.41 9.21 17.45
CA ALA A 32 32.21 9.03 18.90
C ALA A 32 33.32 8.19 19.54
N THR A 33 33.89 7.28 18.78
CA THR A 33 34.93 6.40 19.30
C THR A 33 36.26 7.15 19.46
N LEU A 34 36.49 8.14 18.60
CA LEU A 34 37.76 8.88 18.62
C LEU A 34 37.71 10.15 19.46
N GLN A 35 36.51 10.61 19.80
CA GLN A 35 36.36 11.77 20.66
C GLN A 35 37.19 11.69 21.93
N VAL A 36 37.85 12.80 22.26
CA VAL A 36 38.47 12.97 23.57
C VAL A 36 38.10 14.34 24.11
N ILE A 37 38.39 14.57 25.39
CA ILE A 37 38.13 15.86 26.05
C ILE A 37 39.45 16.55 26.42
N PRO A 38 39.68 17.76 25.87
CA PRO A 38 40.97 18.43 26.00
C PRO A 38 41.43 18.65 27.45
N ASN A 39 40.52 19.08 28.32
CA ASN A 39 40.89 19.30 29.71
C ASN A 39 39.87 18.75 30.68
N SER A 40 39.76 17.42 30.70
CA SER A 40 38.99 16.77 31.73
C SER A 40 39.92 16.72 32.92
N GLY A 41 39.35 16.57 34.10
CA GLY A 41 40.12 16.37 35.31
C GLY A 41 40.52 14.91 35.46
N LEU A 42 40.10 14.09 34.51
CA LEU A 42 40.14 12.64 34.68
C LEU A 42 41.55 12.07 34.62
N PRO A 43 41.83 11.07 35.46
CA PRO A 43 43.16 10.47 35.57
C PRO A 43 43.44 9.47 34.47
N GLN A 44 44.71 9.10 34.32
CA GLN A 44 45.08 7.94 33.55
C GLN A 44 45.33 6.79 34.53
N LEU A 45 44.69 5.66 34.27
CA LEU A 45 44.92 4.46 35.05
C LEU A 45 46.06 3.68 34.43
N GLU A 46 46.58 2.68 35.15
CA GLU A 46 47.75 1.94 34.70
C GLU A 46 47.63 1.44 33.27
N HIS A 47 46.47 0.90 32.94
CA HIS A 47 46.23 0.31 31.63
C HIS A 47 45.21 1.11 30.81
N TRP A 48 44.81 2.27 31.31
CA TRP A 48 43.72 3.03 30.68
C TRP A 48 44.07 4.49 30.50
N HIS A 49 43.72 5.05 29.34
CA HIS A 49 43.87 6.48 29.13
C HIS A 49 42.77 7.04 28.24
N SER A 50 42.83 8.35 28.05
CA SER A 50 41.84 9.07 27.24
C SER A 50 40.41 8.85 27.71
N LEU A 51 40.21 8.80 29.02
CA LEU A 51 38.86 8.70 29.58
C LEU A 51 37.96 9.84 29.10
N VAL A 52 36.75 9.49 28.67
CA VAL A 52 35.73 10.44 28.22
C VAL A 52 34.40 10.10 28.89
N PRO A 53 33.80 11.05 29.61
CA PRO A 53 32.51 10.74 30.24
C PRO A 53 31.39 10.54 29.23
N LEU A 54 30.46 9.63 29.50
CA LEU A 54 29.31 9.39 28.62
C LEU A 54 28.00 9.78 29.30
N ASP A 55 28.06 10.00 30.61
CA ASP A 55 26.86 10.40 31.35
C ASP A 55 26.41 11.74 30.79
N THR A 56 25.18 11.80 30.32
CA THR A 56 24.66 13.00 29.69
C THR A 56 24.59 14.16 30.69
N SER A 57 23.99 13.88 31.83
CA SER A 57 23.83 14.83 32.93
C SER A 57 24.61 14.43 34.17
N ASN A 58 25.41 15.35 34.70
CA ASN A 58 26.25 15.04 35.86
C ASN A 58 25.46 15.11 37.16
N ARG A 59 24.69 14.05 37.43
CA ARG A 59 23.87 13.99 38.62
C ARG A 59 24.12 12.68 39.34
N LYS A 60 24.22 12.73 40.66
CA LYS A 60 24.47 11.51 41.40
C LYS A 60 23.16 10.74 41.46
N ASN A 61 23.17 9.54 40.88
CA ASN A 61 22.04 8.63 40.96
C ASN A 61 22.60 7.25 41.22
N THR A 62 21.95 6.56 42.14
CA THR A 62 22.49 5.33 42.70
C THR A 62 21.47 4.20 42.66
N SER A 63 20.49 4.31 41.79
CA SER A 63 19.30 3.47 41.88
C SER A 63 19.54 1.96 41.92
N CYS A 64 20.25 1.41 40.94
CA CYS A 64 20.42 -0.04 40.87
C CYS A 64 21.54 -0.60 41.77
N PHE A 65 22.62 0.15 41.91
CA PHE A 65 23.82 -0.32 42.61
C PHE A 65 24.02 0.20 44.04
N GLY A 66 23.29 1.25 44.39
CA GLY A 66 23.39 1.84 45.70
C GLY A 66 24.53 2.83 45.86
N TYR A 67 25.24 3.12 44.76
CA TYR A 67 26.35 4.08 44.78
C TYR A 67 26.32 4.94 43.52
N PRO A 68 26.90 6.16 43.61
CA PRO A 68 26.98 6.93 42.37
C PRO A 68 27.82 6.19 41.32
N SER A 69 27.39 6.18 40.07
CA SER A 69 28.12 5.48 39.03
C SER A 69 28.33 6.36 37.82
N TRP A 70 29.51 6.23 37.20
CA TRP A 70 29.84 6.98 36.00
C TRP A 70 30.23 6.00 34.92
N VAL A 71 30.08 6.41 33.66
CA VAL A 71 30.52 5.58 32.53
C VAL A 71 31.49 6.39 31.71
N TYR A 72 32.66 5.82 31.45
CA TYR A 72 33.65 6.46 30.61
C TYR A 72 33.98 5.60 29.41
N LYS A 73 34.06 6.21 28.23
CA LYS A 73 34.82 5.60 27.14
C LYS A 73 36.28 5.75 27.50
N ALA A 74 37.04 4.69 27.34
CA ALA A 74 38.47 4.76 27.60
C ALA A 74 39.18 3.86 26.61
N GLN A 75 40.48 4.07 26.45
CA GLN A 75 41.28 3.26 25.54
C GLN A 75 42.28 2.47 26.33
N ASN A 76 42.25 1.17 26.14
CA ASN A 76 43.15 0.27 26.83
C ASN A 76 44.53 0.42 26.22
N SER A 77 45.57 0.35 27.04
CA SER A 77 46.92 0.54 26.56
C SER A 77 47.59 -0.80 26.27
N ARG A 78 47.03 -1.88 26.81
CA ARG A 78 47.57 -3.23 26.58
C ARG A 78 47.28 -3.68 25.16
N ASN A 79 46.02 -3.61 24.76
CA ASN A 79 45.61 -3.76 23.37
C ASN A 79 45.04 -2.39 23.05
N GLY A 80 45.10 -1.95 21.81
CA GLY A 80 44.74 -0.57 21.49
C GLY A 80 43.25 -0.25 21.46
N ARG A 81 42.42 -1.09 22.06
CA ARG A 81 40.98 -1.00 21.87
C ARG A 81 40.25 -0.11 22.89
N HIS A 82 39.07 0.35 22.50
CA HIS A 82 38.24 1.18 23.36
C HIS A 82 37.24 0.34 24.13
N TYR A 83 37.08 0.65 25.42
CA TYR A 83 36.13 -0.04 26.29
C TYR A 83 35.27 0.97 27.01
N ALA A 84 34.18 0.48 27.59
CA ALA A 84 33.32 1.29 28.44
C ALA A 84 33.63 0.92 29.88
N LEU A 85 34.04 1.91 30.68
CA LEU A 85 34.35 1.68 32.10
C LEU A 85 33.24 2.18 33.02
N ARG A 86 32.58 1.26 33.72
CA ARG A 86 31.62 1.62 34.75
C ARG A 86 32.36 1.81 36.07
N ARG A 87 32.24 2.99 36.64
CA ARG A 87 32.92 3.33 37.87
C ARG A 87 31.90 3.47 38.99
N LEU A 88 32.08 2.73 40.07
CA LEU A 88 31.32 2.97 41.28
C LEU A 88 32.14 3.89 42.19
N GLU A 89 31.64 5.10 42.39
CA GLU A 89 32.37 6.10 43.14
C GLU A 89 32.20 5.88 44.63
N GLY A 90 33.32 5.98 45.36
CA GLY A 90 33.30 5.86 46.81
C GLY A 90 33.02 4.45 47.27
N TYR A 91 33.32 3.46 46.43
CA TYR A 91 33.14 2.07 46.82
C TYR A 91 34.48 1.44 47.20
N ARG A 92 34.52 0.77 48.35
CA ARG A 92 35.73 0.10 48.81
C ARG A 92 35.50 -1.41 48.78
N LEU A 93 36.26 -2.12 47.97
CA LEU A 93 36.11 -3.56 47.89
C LEU A 93 36.72 -4.14 49.16
N THR A 94 35.96 -4.96 49.87
CA THR A 94 36.40 -5.50 51.16
C THR A 94 36.86 -6.94 51.05
N ASN A 95 36.49 -7.61 49.98
CA ASN A 95 36.86 -9.00 49.78
C ASN A 95 37.35 -9.19 48.33
N GLU A 96 38.62 -9.55 48.16
CA GLU A 96 39.16 -9.72 46.82
C GLU A 96 38.61 -10.97 46.13
N LYS A 97 38.13 -11.92 46.94
CA LYS A 97 37.50 -13.13 46.42
C LYS A 97 36.28 -12.76 45.58
N ALA A 98 35.69 -11.60 45.87
CA ALA A 98 34.50 -11.15 45.15
C ALA A 98 34.76 -11.01 43.65
N ILE A 99 35.85 -10.36 43.30
CA ILE A 99 36.17 -10.13 41.91
C ILE A 99 36.55 -11.45 41.24
N LEU A 100 37.37 -12.25 41.89
CA LEU A 100 37.86 -13.48 41.28
C LEU A 100 36.74 -14.47 41.02
N ASN A 101 35.89 -14.71 42.01
CA ASN A 101 34.81 -15.67 41.83
C ASN A 101 33.77 -15.21 40.80
N VAL A 102 33.36 -13.95 40.89
CA VAL A 102 32.36 -13.41 39.99
C VAL A 102 32.86 -13.39 38.55
N MET A 103 34.12 -12.98 38.35
CA MET A 103 34.71 -12.94 37.03
C MET A 103 34.88 -14.33 36.45
N LYS A 104 35.20 -15.31 37.29
CA LYS A 104 35.33 -16.69 36.82
C LYS A 104 34.03 -17.12 36.15
N ASP A 105 32.90 -16.75 36.75
CA ASP A 105 31.60 -17.05 36.16
C ASP A 105 31.31 -16.28 34.87
N TRP A 106 31.52 -14.96 34.89
CA TRP A 106 31.03 -14.09 33.83
C TRP A 106 31.94 -13.91 32.63
N LYS A 107 33.21 -14.27 32.77
CA LYS A 107 34.11 -14.18 31.62
C LYS A 107 33.76 -15.20 30.54
N LYS A 108 33.11 -16.29 30.92
CA LYS A 108 32.63 -17.27 29.95
C LYS A 108 31.58 -16.63 29.05
N ILE A 109 30.77 -15.74 29.62
CA ILE A 109 29.56 -15.28 28.95
C ILE A 109 29.82 -14.42 27.73
N LYS A 110 29.38 -14.93 26.58
CA LYS A 110 29.41 -14.20 25.33
C LYS A 110 28.03 -14.29 24.71
N ASN A 111 27.30 -13.18 24.67
CA ASN A 111 25.93 -13.21 24.21
C ASN A 111 25.54 -11.91 23.54
N ALA A 112 24.83 -12.04 22.42
CA ALA A 112 24.46 -10.90 21.60
C ALA A 112 23.60 -9.87 22.34
N SER A 113 22.98 -10.30 23.43
CA SER A 113 22.07 -9.43 24.15
C SER A 113 22.64 -9.03 25.52
N ILE A 114 23.92 -9.33 25.76
CA ILE A 114 24.60 -8.94 26.99
C ILE A 114 25.90 -8.22 26.66
N VAL A 115 26.10 -7.04 27.24
CA VAL A 115 27.38 -6.36 27.07
C VAL A 115 28.46 -7.17 27.77
N THR A 116 29.46 -7.60 27.02
CA THR A 116 30.51 -8.42 27.59
C THR A 116 31.28 -7.67 28.67
N ILE A 117 31.52 -8.38 29.77
CA ILE A 117 32.32 -7.87 30.88
C ILE A 117 33.71 -8.51 30.80
N HIS A 118 34.74 -7.67 30.89
CA HIS A 118 36.12 -8.14 30.73
C HIS A 118 36.95 -8.14 31.99
N GLU A 119 36.75 -7.15 32.84
CA GLU A 119 37.67 -6.93 33.93
C GLU A 119 37.00 -6.17 35.07
N VAL A 120 37.39 -6.46 36.29
CA VAL A 120 36.98 -5.65 37.44
C VAL A 120 38.20 -5.33 38.27
N PHE A 121 38.39 -4.04 38.59
CA PHE A 121 39.52 -3.63 39.40
C PHE A 121 39.23 -2.39 40.24
N THR A 122 39.89 -2.32 41.40
CA THR A 122 39.78 -1.17 42.28
C THR A 122 40.83 -0.12 41.89
N THR A 123 40.56 1.14 42.22
CA THR A 123 41.54 2.19 41.95
C THR A 123 41.37 3.38 42.91
N ARG A 124 42.49 4.02 43.23
CA ARG A 124 42.48 5.22 44.06
C ARG A 124 42.77 6.45 43.20
N GLU A 125 42.91 6.23 41.89
CA GLU A 125 43.39 7.25 40.97
C GLU A 125 42.37 8.36 40.66
N PHE A 126 41.13 8.14 41.05
CA PHE A 126 40.10 9.18 40.91
C PHE A 126 40.06 10.10 42.13
N GLY A 127 40.93 9.83 43.11
CA GLY A 127 40.99 10.61 44.33
C GLY A 127 40.07 10.09 45.42
N ASP A 128 39.57 8.88 45.22
CA ASP A 128 38.73 8.20 46.20
C ASP A 128 38.93 6.70 46.01
N SER A 129 38.29 5.89 46.84
CA SER A 129 38.20 4.47 46.50
C SER A 129 37.14 4.34 45.42
N SER A 130 37.47 3.65 44.34
CA SER A 130 36.51 3.41 43.28
C SER A 130 36.62 1.99 42.77
N LEU A 131 35.49 1.43 42.36
CA LEU A 131 35.46 0.09 41.79
C LEU A 131 35.09 0.23 40.31
N ILE A 132 35.93 -0.35 39.44
CA ILE A 132 35.80 -0.19 37.99
C ILE A 132 35.50 -1.52 37.29
N PHE A 133 34.44 -1.51 36.48
CA PHE A 133 34.09 -2.65 35.62
C PHE A 133 34.32 -2.27 34.16
N ALA A 134 35.13 -3.05 33.46
CA ALA A 134 35.43 -2.79 32.03
C ALA A 134 34.55 -3.62 31.11
N TYR A 135 33.82 -2.95 30.23
CA TYR A 135 32.87 -3.58 29.30
C TYR A 135 33.24 -3.31 27.82
N ASP A 136 32.69 -4.12 26.91
CA ASP A 136 32.71 -3.76 25.48
C ASP A 136 32.19 -2.33 25.35
N PHE A 137 32.76 -1.54 24.45
CA PHE A 137 32.22 -0.22 24.16
C PHE A 137 31.25 -0.26 22.97
N HIS A 138 30.07 0.34 23.15
CA HIS A 138 29.08 0.43 22.07
C HIS A 138 28.75 1.89 21.80
N PRO A 139 29.38 2.47 20.76
CA PRO A 139 29.26 3.93 20.59
C PRO A 139 27.84 4.43 20.36
N LEU A 140 27.55 5.58 20.96
CA LEU A 140 26.26 6.24 20.84
C LEU A 140 25.08 5.37 21.30
N SER A 141 25.34 4.48 22.25
CA SER A 141 24.27 3.73 22.89
C SER A 141 23.43 4.69 23.73
N LYS A 142 22.12 4.42 23.79
CA LYS A 142 21.23 5.10 24.71
C LYS A 142 20.37 4.08 25.48
N THR A 143 20.06 4.35 26.74
CA THR A 143 19.26 3.41 27.54
C THR A 143 17.79 3.42 27.13
N LEU A 144 17.09 2.32 27.40
CA LEU A 144 15.66 2.28 27.12
C LEU A 144 14.95 3.38 27.87
N GLN A 145 15.50 3.75 29.03
CA GLN A 145 14.90 4.82 29.82
C GLN A 145 15.03 6.16 29.09
N GLU A 146 16.25 6.50 28.68
CA GLU A 146 16.48 7.70 27.86
C GLU A 146 15.59 7.71 26.63
N HIS A 147 15.41 6.55 26.00
CA HIS A 147 14.77 6.51 24.69
C HIS A 147 13.25 6.48 24.74
N HIS A 148 12.66 5.83 25.74
CA HIS A 148 11.21 5.64 25.82
C HIS A 148 10.50 6.50 26.86
N PHE A 149 11.26 7.09 27.78
CA PHE A 149 10.69 7.82 28.92
C PHE A 149 11.19 9.25 29.04
N GLN A 150 11.88 9.75 28.02
CA GLN A 150 12.37 11.13 28.03
C GLN A 150 11.35 12.14 27.46
N PRO A 151 10.74 12.96 28.32
CA PRO A 151 9.86 14.00 27.75
C PRO A 151 10.68 15.13 27.13
N PRO A 161 5.25 8.42 22.68
CA PRO A 161 4.14 7.72 22.02
C PRO A 161 4.15 6.23 22.31
N ALA A 162 3.03 5.57 22.05
CA ALA A 162 2.89 4.15 22.35
C ALA A 162 3.96 3.29 21.67
N VAL A 163 4.74 2.58 22.47
CA VAL A 163 5.71 1.64 21.92
C VAL A 163 4.94 0.56 21.14
N PRO A 164 5.25 0.38 19.84
CA PRO A 164 4.53 -0.65 19.08
C PRO A 164 4.76 -2.06 19.63
N GLU A 165 3.73 -2.90 19.54
CA GLU A 165 3.80 -4.24 20.10
C GLU A 165 4.97 -5.04 19.56
N ASN A 166 5.32 -4.82 18.30
CA ASN A 166 6.41 -5.54 17.68
C ASN A 166 7.76 -5.21 18.27
N THR A 167 7.98 -3.93 18.50
CA THR A 167 9.19 -3.49 19.15
C THR A 167 9.28 -4.23 20.50
N ILE A 168 8.15 -4.36 21.17
CA ILE A 168 8.11 -5.02 22.47
C ILE A 168 8.44 -6.50 22.38
N TRP A 169 7.89 -7.19 21.39
CA TRP A 169 8.21 -8.60 21.21
C TRP A 169 9.69 -8.78 20.87
N GLY A 170 10.23 -7.87 20.07
CA GLY A 170 11.64 -7.87 19.75
C GLY A 170 12.51 -7.72 20.98
N TYR A 171 12.11 -6.84 21.88
CA TYR A 171 12.81 -6.66 23.14
C TYR A 171 12.72 -7.93 23.96
N ILE A 172 11.51 -8.50 24.00
CA ILE A 172 11.26 -9.70 24.79
C ILE A 172 12.13 -10.86 24.32
N CYS A 173 12.29 -11.01 23.01
CA CYS A 173 13.06 -12.12 22.46
C CYS A 173 14.55 -11.97 22.78
N GLN A 174 15.06 -10.75 22.67
CA GLN A 174 16.46 -10.49 22.99
C GLN A 174 16.74 -10.66 24.50
N ILE A 175 15.83 -10.19 25.35
CA ILE A 175 16.02 -10.35 26.79
C ILE A 175 15.94 -11.84 27.14
N ALA A 176 15.02 -12.57 26.51
CA ALA A 176 14.91 -14.01 26.72
C ALA A 176 16.21 -14.69 26.29
N ASN A 177 16.81 -14.19 25.21
CA ASN A 177 18.09 -14.69 24.75
C ASN A 177 19.17 -14.49 25.82
N ALA A 178 19.25 -13.28 26.36
CA ALA A 178 20.18 -13.03 27.48
C ALA A 178 19.91 -14.00 28.64
N LEU A 179 18.66 -14.13 29.04
CA LEU A 179 18.33 -14.94 30.21
C LEU A 179 18.61 -16.41 29.99
N LYS A 180 18.49 -16.88 28.75
CA LYS A 180 18.80 -18.27 28.48
C LYS A 180 20.26 -18.55 28.81
N THR A 181 21.15 -17.69 28.34
CA THR A 181 22.57 -17.90 28.55
C THR A 181 22.96 -17.71 30.02
N ILE A 182 22.40 -16.68 30.65
CA ILE A 182 22.72 -16.36 32.03
C ILE A 182 22.25 -17.48 32.97
N HIS A 183 21.01 -17.92 32.81
CA HIS A 183 20.48 -18.95 33.70
C HIS A 183 21.18 -20.29 33.47
N SER A 184 21.56 -20.58 32.22
CA SER A 184 22.24 -21.83 31.91
C SER A 184 23.59 -21.94 32.59
N ASN A 185 24.23 -20.78 32.79
CA ASN A 185 25.51 -20.74 33.48
C ASN A 185 25.33 -20.55 34.99
N ARG A 186 24.14 -20.87 35.49
CA ARG A 186 23.88 -20.84 36.93
C ARG A 186 24.11 -19.46 37.50
N LEU A 187 23.71 -18.44 36.74
CA LEU A 187 23.83 -17.05 37.15
C LEU A 187 22.47 -16.38 37.13
N ALA A 188 22.44 -15.12 37.53
CA ALA A 188 21.24 -14.31 37.45
C ALA A 188 21.57 -12.93 36.92
N ALA A 189 20.76 -12.45 35.98
CA ALA A 189 20.79 -11.05 35.57
C ALA A 189 20.18 -10.34 36.72
N ARG A 190 20.88 -9.47 37.41
CA ARG A 190 20.28 -8.98 38.65
C ARG A 190 19.63 -7.65 38.35
N CYS A 191 20.22 -6.94 37.37
CA CYS A 191 19.74 -5.64 36.97
C CYS A 191 19.02 -5.70 35.63
N LEU A 192 17.69 -5.56 35.67
CA LEU A 192 16.86 -5.51 34.47
C LEU A 192 16.10 -4.20 34.40
N GLU A 193 16.70 -3.15 34.92
CA GLU A 193 16.11 -1.82 34.85
C GLU A 193 16.25 -1.23 33.44
N PRO A 194 15.25 -0.43 33.01
CA PRO A 194 15.37 0.27 31.72
C PRO A 194 16.66 1.07 31.60
N SER A 195 17.12 1.64 32.71
CA SER A 195 18.33 2.45 32.70
C SER A 195 19.57 1.59 32.51
N LYS A 196 19.42 0.27 32.64
CA LYS A 196 20.56 -0.64 32.52
C LYS A 196 20.40 -1.61 31.35
N ILE A 197 19.53 -1.25 30.42
CA ILE A 197 19.43 -1.92 29.13
C ILE A 197 19.70 -0.87 28.07
N ILE A 198 20.68 -1.08 27.21
CA ILE A 198 21.05 -0.07 26.21
C ILE A 198 20.68 -0.49 24.79
N LEU A 199 20.14 0.48 24.04
CA LEU A 199 19.98 0.35 22.60
C LEU A 199 21.33 0.65 21.96
N THR A 200 21.97 -0.37 21.42
CA THR A 200 23.24 -0.17 20.75
C THR A 200 23.04 0.06 19.25
N ASP A 201 21.84 -0.24 18.76
CA ASP A 201 21.47 -0.03 17.37
C ASP A 201 19.94 -0.10 17.30
N ILE A 202 19.37 0.09 16.11
CA ILE A 202 17.91 0.14 15.97
C ILE A 202 17.29 -1.15 16.50
N ASN A 203 16.38 -0.99 17.46
CA ASN A 203 15.65 -2.11 18.04
C ASN A 203 16.57 -3.19 18.63
N ARG A 204 17.82 -2.83 18.84
CA ARG A 204 18.82 -3.80 19.33
C ARG A 204 19.22 -3.47 20.77
N ILE A 205 18.83 -4.32 21.72
CA ILE A 205 19.11 -4.07 23.14
C ILE A 205 20.10 -5.04 23.76
N ARG A 206 20.84 -4.51 24.72
CA ARG A 206 21.84 -5.26 25.46
C ARG A 206 21.83 -4.88 26.94
N LEU A 207 21.83 -5.90 27.81
CA LEU A 207 21.95 -5.67 29.26
C LEU A 207 23.36 -5.13 29.54
N SER A 208 23.46 -3.99 30.21
CA SER A 208 24.74 -3.28 30.36
C SER A 208 25.40 -3.31 31.75
N ALA A 209 24.78 -3.94 32.74
CA ALA A 209 25.31 -3.88 34.11
C ALA A 209 25.48 -5.25 34.76
N CYS A 210 25.85 -6.27 33.99
CA CYS A 210 25.68 -7.62 34.49
C CYS A 210 26.51 -8.07 35.69
N ALA A 211 27.81 -7.83 35.65
CA ALA A 211 28.66 -8.32 36.74
C ALA A 211 28.43 -7.60 38.12
N ILE A 212 27.98 -6.36 38.08
CA ILE A 212 28.11 -5.46 39.22
C ILE A 212 27.41 -5.87 40.53
N LEU A 213 26.15 -6.27 40.47
CA LEU A 213 25.42 -6.61 41.68
C LEU A 213 26.06 -7.86 42.31
N ASP A 214 26.50 -8.77 41.46
CA ASP A 214 27.14 -10.00 41.90
C ASP A 214 28.35 -9.65 42.78
N VAL A 215 29.11 -8.62 42.41
CA VAL A 215 30.27 -8.20 43.18
C VAL A 215 29.92 -7.41 44.45
N VAL A 216 29.05 -6.42 44.28
CA VAL A 216 28.72 -5.48 45.35
C VAL A 216 28.02 -6.17 46.52
N GLN A 217 27.24 -7.21 46.23
CA GLN A 217 26.51 -7.94 47.25
C GLN A 217 27.15 -9.29 47.54
N PHE A 218 28.41 -9.45 47.17
CA PHE A 218 29.01 -10.78 47.15
C PHE A 218 28.87 -11.55 48.47
N GLY A 219 29.23 -10.96 49.60
CA GLY A 219 29.00 -11.66 50.84
C GLY A 219 27.57 -11.66 51.30
N MET A 220 26.93 -10.50 51.16
CA MET A 220 25.65 -10.23 51.78
C MET A 220 24.43 -11.00 51.27
N ASN A 221 24.29 -11.19 49.97
CA ASN A 221 23.06 -11.79 49.47
C ASN A 221 23.04 -13.29 49.68
N SER A 222 22.03 -13.76 50.39
CA SER A 222 21.94 -15.17 50.80
C SER A 222 20.92 -15.96 49.98
N ARG A 223 20.19 -15.28 49.09
CA ARG A 223 19.22 -15.95 48.25
C ARG A 223 19.93 -16.92 47.29
N SER A 224 19.27 -18.03 46.96
CA SER A 224 19.83 -19.02 46.04
C SER A 224 19.86 -18.51 44.59
N VAL A 225 20.59 -19.24 43.75
CA VAL A 225 20.63 -18.93 42.32
C VAL A 225 19.21 -18.98 41.74
N VAL A 226 18.51 -20.06 42.05
CA VAL A 226 17.16 -20.24 41.52
C VAL A 226 16.25 -19.12 42.01
N GLU A 227 16.47 -18.66 43.25
CA GLU A 227 15.66 -17.60 43.82
C GLU A 227 15.86 -16.27 43.07
N LEU A 228 17.11 -15.92 42.83
CA LEU A 228 17.44 -14.72 42.06
C LEU A 228 16.91 -14.79 40.62
N GLN A 229 16.88 -15.99 40.04
CA GLN A 229 16.31 -16.18 38.72
C GLN A 229 14.79 -15.94 38.69
N GLN A 230 14.06 -16.42 39.71
CA GLN A 230 12.62 -16.14 39.79
C GLN A 230 12.41 -14.64 39.78
N GLU A 231 13.27 -13.91 40.48
CA GLU A 231 13.16 -12.46 40.49
C GLU A 231 13.48 -11.84 39.11
N ASP A 232 14.29 -12.51 38.30
CA ASP A 232 14.53 -12.02 36.95
C ASP A 232 13.23 -11.92 36.21
N PHE A 233 12.42 -12.96 36.31
CA PHE A 233 11.16 -12.96 35.60
C PHE A 233 10.23 -11.83 36.03
N VAL A 234 10.15 -11.58 37.33
CA VAL A 234 9.30 -10.49 37.81
C VAL A 234 9.82 -9.14 37.31
N LYS A 235 11.12 -8.92 37.39
CA LYS A 235 11.71 -7.68 36.91
C LYS A 235 11.51 -7.52 35.41
N PHE A 236 11.62 -8.64 34.70
CA PHE A 236 11.38 -8.70 33.26
C PHE A 236 9.97 -8.24 32.97
N GLY A 237 9.03 -8.80 33.73
CA GLY A 237 7.62 -8.45 33.61
C GLY A 237 7.38 -6.97 33.83
N LYS A 238 8.07 -6.40 34.82
CA LYS A 238 7.89 -4.98 35.14
C LYS A 238 8.46 -4.07 34.07
N LEU A 239 9.55 -4.49 33.44
CA LEU A 239 10.12 -3.73 32.34
C LEU A 239 9.10 -3.64 31.21
N ILE A 240 8.51 -4.76 30.85
CA ILE A 240 7.55 -4.79 29.75
C ILE A 240 6.34 -3.96 30.11
N LEU A 241 5.92 -4.06 31.36
CA LEU A 241 4.78 -3.30 31.83
C LEU A 241 5.04 -1.80 31.81
N SER A 242 6.26 -1.40 32.16
CA SER A 242 6.63 0.01 32.13
C SER A 242 6.57 0.55 30.70
N LEU A 243 7.09 -0.22 29.75
CA LEU A 243 7.12 0.21 28.35
C LEU A 243 5.74 0.26 27.71
N ALA A 244 4.90 -0.70 28.08
CA ALA A 244 3.57 -0.78 27.51
C ALA A 244 2.69 0.39 27.93
N THR A 245 2.84 0.80 29.19
CA THR A 245 1.96 1.79 29.80
C THR A 245 2.63 3.13 30.03
N GLY A 246 3.90 3.25 29.67
CA GLY A 246 4.62 4.51 29.79
C GLY A 246 4.90 5.01 31.20
N THR A 247 4.78 4.14 32.20
CA THR A 247 5.07 4.53 33.59
C THR A 247 6.34 3.85 34.08
N LEU A 248 7.24 4.59 34.71
CA LEU A 248 8.54 4.07 35.12
C LEU A 248 8.34 2.96 36.17
N PRO A 249 9.27 1.99 36.24
CA PRO A 249 9.05 0.83 37.12
C PRO A 249 8.86 1.18 38.60
N ALA A 250 9.48 2.25 39.07
CA ALA A 250 9.32 2.64 40.47
C ALA A 250 7.87 3.10 40.76
N HIS A 251 7.28 3.79 39.78
CA HIS A 251 5.90 4.26 39.90
C HIS A 251 4.91 3.13 39.75
N LEU A 252 5.39 1.93 39.44
CA LEU A 252 4.46 0.83 39.15
C LEU A 252 3.93 0.26 40.46
N ASN A 253 3.09 1.05 41.12
CA ASN A 253 2.53 0.71 42.41
C ASN A 253 1.39 -0.30 42.30
N ASN A 254 0.56 -0.13 41.27
CA ASN A 254 -0.59 -1.01 41.07
C ASN A 254 -0.37 -1.86 39.82
N ILE A 255 0.07 -3.10 40.02
CA ILE A 255 0.39 -3.99 38.92
C ILE A 255 -0.87 -4.46 38.20
N PRO A 256 -1.92 -4.87 38.94
CA PRO A 256 -3.15 -5.26 38.25
C PRO A 256 -3.73 -4.12 37.41
N ALA A 257 -3.69 -2.90 37.95
CA ALA A 257 -4.18 -1.74 37.21
C ALA A 257 -3.35 -1.48 35.96
N ALA A 258 -2.03 -1.72 36.04
CA ALA A 258 -1.15 -1.56 34.89
C ALA A 258 -1.39 -2.66 33.86
N LEU A 259 -1.68 -3.87 34.34
CA LEU A 259 -1.93 -5.01 33.48
C LEU A 259 -3.18 -4.81 32.63
N GLU A 260 -4.22 -4.25 33.22
CA GLU A 260 -5.46 -4.02 32.48
C GLU A 260 -5.23 -2.97 31.38
N THR A 261 -4.45 -1.95 31.72
CA THR A 261 -4.05 -0.94 30.75
C THR A 261 -3.35 -1.62 29.57
N LEU A 262 -2.42 -2.50 29.88
CA LEU A 262 -1.70 -3.24 28.85
C LEU A 262 -2.69 -4.08 28.05
N GLY A 263 -3.63 -4.69 28.74
CA GLY A 263 -4.64 -5.53 28.12
C GLY A 263 -5.50 -4.76 27.13
N ASN A 264 -5.64 -3.46 27.35
CA ASN A 264 -6.43 -2.60 26.47
C ASN A 264 -5.65 -2.12 25.26
N LYS A 265 -4.35 -1.88 25.44
CA LYS A 265 -3.54 -1.33 24.36
C LYS A 265 -2.87 -2.40 23.49
N TYR A 266 -2.78 -3.63 23.96
CA TYR A 266 -2.01 -4.67 23.29
C TYR A 266 -2.71 -6.03 23.26
N SER A 267 -2.15 -6.94 22.46
CA SER A 267 -2.74 -8.26 22.26
C SER A 267 -2.88 -9.06 23.56
N ALA A 268 -3.78 -10.04 23.55
CA ALA A 268 -3.95 -10.93 24.69
C ALA A 268 -2.68 -11.75 24.90
N ASN A 269 -1.96 -12.05 23.82
CA ASN A 269 -0.72 -12.80 23.93
C ASN A 269 0.33 -12.05 24.76
N LEU A 270 0.45 -10.75 24.53
CA LEU A 270 1.37 -9.94 25.30
C LEU A 270 0.93 -9.89 26.76
N LYS A 271 -0.35 -9.67 27.00
CA LYS A 271 -0.86 -9.64 28.37
C LYS A 271 -0.54 -10.96 29.07
N SER A 272 -0.71 -12.05 28.33
CA SER A 272 -0.49 -13.38 28.86
C SER A 272 0.98 -13.63 29.20
N ALA A 273 1.88 -13.20 28.33
CA ALA A 273 3.31 -13.37 28.57
C ALA A 273 3.75 -12.57 29.78
N VAL A 274 3.35 -11.30 29.83
CA VAL A 274 3.70 -10.41 30.91
C VAL A 274 3.15 -10.95 32.24
N ASN A 275 1.94 -11.49 32.20
CA ASN A 275 1.31 -12.05 33.39
C ASN A 275 2.07 -13.26 33.93
N TRP A 276 2.54 -14.12 33.03
CA TRP A 276 3.33 -15.26 33.44
C TRP A 276 4.61 -14.78 34.14
N LEU A 277 5.21 -13.72 33.60
CA LEU A 277 6.45 -13.20 34.17
C LEU A 277 6.22 -12.61 35.56
N LEU A 278 5.06 -11.99 35.75
CA LEU A 278 4.77 -11.33 37.03
C LEU A 278 4.28 -12.30 38.11
N ASP A 279 3.64 -13.38 37.70
CA ASP A 279 2.97 -14.29 38.62
C ASP A 279 3.91 -15.07 39.53
N THR A 280 3.90 -14.75 40.82
CA THR A 280 4.67 -15.50 41.81
C THR A 280 3.79 -16.50 42.58
N SER A 281 2.49 -16.52 42.24
CA SER A 281 1.49 -17.29 42.97
C SER A 281 1.30 -18.74 42.50
N SER A 282 1.68 -19.02 41.26
CA SER A 282 1.43 -20.32 40.63
C SER A 282 1.94 -21.57 41.36
N GLY A 283 2.89 -21.40 42.27
CA GLY A 283 3.48 -22.55 42.96
C GLY A 283 4.47 -23.31 42.10
N GLU A 284 4.64 -22.85 40.87
CA GLU A 284 5.53 -23.47 39.91
C GLU A 284 6.84 -22.69 39.88
N THR A 285 7.96 -23.39 39.91
CA THR A 285 9.24 -22.74 39.63
C THR A 285 9.27 -22.35 38.13
N LYS A 286 9.35 -21.06 37.87
CA LYS A 286 9.42 -20.57 36.50
C LYS A 286 10.79 -20.81 35.90
N THR A 287 10.83 -21.25 34.65
CA THR A 287 12.08 -21.54 33.98
C THR A 287 12.11 -20.82 32.64
N ILE A 288 13.30 -20.38 32.24
CA ILE A 288 13.48 -19.69 30.97
C ILE A 288 13.15 -20.64 29.81
N GLU A 289 13.38 -21.94 30.00
CA GLU A 289 12.97 -22.95 29.02
C GLU A 289 11.48 -22.92 28.76
N HIS A 290 10.68 -22.83 29.81
CA HIS A 290 9.24 -22.79 29.66
C HIS A 290 8.78 -21.48 28.97
N PHE A 291 9.43 -20.38 29.32
CA PHE A 291 9.06 -19.10 28.74
C PHE A 291 9.36 -19.05 27.22
N MET A 292 10.54 -19.55 26.83
CA MET A 292 10.93 -19.60 25.42
C MET A 292 9.92 -20.41 24.61
N THR A 293 9.47 -21.52 25.19
CA THR A 293 8.50 -22.40 24.56
C THR A 293 7.24 -21.64 24.24
N GLY A 294 6.87 -20.71 25.11
CA GLY A 294 5.66 -19.93 24.91
C GLY A 294 5.77 -18.79 23.92
N ILE A 295 6.98 -18.43 23.52
CA ILE A 295 7.19 -17.34 22.56
C ILE A 295 7.97 -17.80 21.32
N ALA A 296 7.88 -19.09 21.01
CA ALA A 296 8.61 -19.70 19.92
C ALA A 296 8.31 -19.05 18.56
N SER A 297 7.06 -18.68 18.34
CA SER A 297 6.66 -18.09 17.08
C SER A 297 7.37 -16.76 16.89
N GLN A 298 7.35 -15.94 17.94
CA GLN A 298 8.00 -14.65 17.92
C GLN A 298 9.49 -14.81 17.68
N MET A 299 10.08 -15.81 18.33
CA MET A 299 11.52 -16.02 18.22
C MET A 299 11.93 -16.36 16.78
N THR A 300 11.09 -17.15 16.11
CA THR A 300 11.34 -17.52 14.73
C THR A 300 11.28 -16.29 13.83
N THR A 301 10.29 -15.43 14.03
CA THR A 301 10.20 -14.19 13.29
C THR A 301 11.46 -13.37 13.46
N PHE A 302 11.94 -13.23 14.69
CA PHE A 302 13.09 -12.37 14.93
C PHE A 302 14.41 -13.00 14.49
N PHE A 303 14.47 -14.33 14.47
CA PHE A 303 15.57 -15.05 13.82
C PHE A 303 15.62 -14.67 12.32
N ASP A 304 14.46 -14.71 11.65
CA ASP A 304 14.37 -14.36 10.23
C ASP A 304 14.84 -12.92 10.03
N LEU A 305 14.38 -12.02 10.88
CA LEU A 305 14.72 -10.61 10.76
C LEU A 305 16.22 -10.38 11.01
N ALA A 306 16.82 -11.14 11.91
CA ALA A 306 18.25 -11.03 12.15
C ALA A 306 19.03 -11.46 10.91
N LEU A 307 18.58 -12.56 10.32
CA LEU A 307 19.22 -13.09 9.11
C LEU A 307 19.09 -12.15 7.91
N GLN A 308 17.95 -11.48 7.79
CA GLN A 308 17.77 -10.55 6.68
C GLN A 308 18.72 -9.36 6.85
N ASP A 309 18.94 -8.94 8.09
CA ASP A 309 19.90 -7.88 8.33
C ASP A 309 21.31 -8.35 8.02
N ASN A 310 21.59 -9.62 8.29
CA ASN A 310 22.86 -10.22 7.91
C ASN A 310 23.12 -10.06 6.41
N ASP A 311 22.08 -10.32 5.61
CA ASP A 311 22.18 -10.20 4.16
C ASP A 311 22.41 -8.75 3.76
N GLU A 312 21.73 -7.82 4.42
CA GLU A 312 21.91 -6.40 4.15
C GLU A 312 23.34 -5.95 4.44
N LYS A 313 23.88 -6.40 5.56
CA LYS A 313 25.23 -6.02 5.93
C LYS A 313 26.24 -6.59 4.96
N LEU A 314 26.04 -7.84 4.57
CA LEU A 314 26.93 -8.51 3.62
C LEU A 314 26.94 -7.78 2.27
N PHE A 315 25.78 -7.30 1.87
CA PHE A 315 25.65 -6.56 0.62
C PHE A 315 26.57 -5.34 0.64
N HIS A 316 26.44 -4.51 1.67
CA HIS A 316 27.27 -3.32 1.80
C HIS A 316 28.75 -3.68 1.96
N LEU A 317 29.04 -4.78 2.63
CA LEU A 317 30.42 -5.18 2.85
C LEU A 317 31.09 -5.51 1.51
N ALA A 318 30.35 -6.19 0.64
CA ALA A 318 30.85 -6.58 -0.67
C ALA A 318 31.16 -5.36 -1.51
N ARG A 319 30.33 -4.33 -1.39
CA ARG A 319 30.52 -3.06 -2.11
C ARG A 319 31.73 -2.25 -1.61
N GLU A 320 32.08 -2.40 -0.34
CA GLU A 320 33.18 -1.64 0.28
C GLU A 320 34.54 -2.37 0.31
N VAL A 321 34.57 -3.61 -0.15
CA VAL A 321 35.74 -4.47 0.00
C VAL A 321 37.07 -3.97 -0.62
N GLU A 322 37.00 -3.18 -1.67
CA GLU A 322 38.20 -2.67 -2.33
C GLU A 322 38.87 -1.43 -1.69
N ASN A 323 38.19 -0.80 -0.74
CA ASN A 323 38.68 0.41 -0.07
C ASN A 323 40.06 0.31 0.58
N GLY A 324 40.35 -0.81 1.23
CA GLY A 324 41.66 -1.01 1.81
C GLY A 324 42.78 -0.97 0.78
N ARG A 325 42.50 -1.59 -0.37
CA ARG A 325 43.46 -1.69 -1.46
C ARG A 325 43.75 -0.31 -2.06
N ILE A 326 42.69 0.46 -2.25
CA ILE A 326 42.81 1.82 -2.76
C ILE A 326 43.59 2.71 -1.79
N ALA A 327 43.27 2.58 -0.50
CA ALA A 327 43.91 3.37 0.56
C ALA A 327 45.42 3.13 0.64
N ARG A 328 45.83 1.86 0.65
CA ARG A 328 47.25 1.51 0.72
C ARG A 328 48.06 2.06 -0.46
N SER A 329 47.42 2.13 -1.62
CA SER A 329 48.09 2.64 -2.82
C SER A 329 48.38 4.13 -2.68
N LEU A 330 47.37 4.86 -2.22
CA LEU A 330 47.53 6.29 -2.00
C LEU A 330 48.59 6.52 -0.94
N MET A 331 48.64 5.64 0.06
CA MET A 331 49.61 5.77 1.13
C MET A 331 51.05 5.64 0.63
N LYS A 332 51.33 4.64 -0.19
CA LYS A 332 52.68 4.51 -0.77
C LYS A 332 53.09 5.75 -1.55
N LEU A 333 52.14 6.32 -2.28
CA LEU A 333 52.43 7.53 -3.03
C LEU A 333 52.90 8.60 -2.05
N LEU A 334 52.16 8.77 -0.96
CA LEU A 334 52.49 9.77 0.05
C LEU A 334 53.78 9.44 0.79
N THR A 335 54.05 8.16 0.98
CA THR A 335 55.25 7.71 1.67
C THR A 335 56.51 7.99 0.83
N ILE A 336 56.41 7.85 -0.49
CA ILE A 336 57.56 7.96 -1.38
C ILE A 336 57.90 9.40 -1.77
N LEU A 337 56.89 10.19 -2.09
CA LEU A 337 57.12 11.52 -2.65
C LEU A 337 57.44 12.58 -1.60
N GLU A 338 58.28 13.52 -1.98
CA GLU A 338 58.69 14.65 -1.13
C GLU A 338 59.22 14.25 0.25
N ARG A 339 60.23 13.39 0.28
CA ARG A 339 60.92 13.07 1.54
C ARG A 339 62.05 14.04 1.85
N GLY A 340 62.95 14.23 0.89
CA GLY A 340 64.06 15.17 1.05
C GLY A 340 65.26 14.53 1.73
N ASP A 353 64.49 9.47 -12.21
CA ASP A 353 63.24 8.74 -12.02
C ASP A 353 62.22 9.57 -11.24
N ARG A 354 62.69 10.19 -10.16
CA ARG A 354 61.79 10.88 -9.24
C ARG A 354 60.95 11.92 -9.98
N TYR A 355 61.50 12.51 -11.02
CA TYR A 355 60.79 13.57 -11.72
C TYR A 355 59.53 13.06 -12.41
N GLN A 356 59.63 11.89 -13.04
CA GLN A 356 58.47 11.27 -13.68
C GLN A 356 57.40 11.00 -12.63
N LEU A 357 57.84 10.53 -11.47
CA LEU A 357 56.91 10.22 -10.39
C LEU A 357 56.16 11.48 -9.95
N LYS A 358 56.87 12.58 -9.80
CA LYS A 358 56.25 13.85 -9.43
C LYS A 358 55.24 14.26 -10.49
N LEU A 359 55.59 14.06 -11.74
CA LEU A 359 54.71 14.45 -12.83
C LEU A 359 53.46 13.60 -12.87
N PHE A 360 53.58 12.31 -12.52
CA PHE A 360 52.41 11.46 -12.47
C PHE A 360 51.41 11.95 -11.44
N ARG A 361 51.90 12.29 -10.25
CA ARG A 361 51.04 12.80 -9.20
C ARG A 361 50.33 14.07 -9.65
N ASP A 362 51.06 14.91 -10.39
CA ASP A 362 50.50 16.14 -10.92
C ASP A 362 49.42 15.84 -11.96
N TYR A 363 49.66 14.79 -12.74
CA TYR A 363 48.72 14.39 -13.79
C TYR A 363 47.41 13.92 -13.18
N VAL A 364 47.52 13.15 -12.11
CA VAL A 364 46.35 12.57 -11.46
C VAL A 364 45.57 13.57 -10.60
N PHE A 365 46.27 14.31 -9.75
CA PHE A 365 45.60 15.10 -8.70
C PHE A 365 45.60 16.60 -8.92
N HIS A 366 46.43 17.10 -9.84
CA HIS A 366 46.56 18.54 -10.06
C HIS A 366 46.04 18.98 -11.41
N ARG A 367 45.00 18.30 -11.89
CA ARG A 367 44.39 18.64 -13.16
C ARG A 367 43.84 20.06 -13.08
N VAL A 368 43.81 20.74 -14.22
CA VAL A 368 43.31 22.10 -14.29
C VAL A 368 42.44 22.21 -15.53
N ASP A 369 41.42 23.05 -15.44
CA ASP A 369 40.53 23.32 -16.55
C ASP A 369 41.28 24.15 -17.59
N ALA A 370 40.69 24.30 -18.78
CA ALA A 370 41.28 25.13 -19.83
C ALA A 370 41.47 26.56 -19.34
N ASP A 371 40.58 26.97 -18.43
CA ASP A 371 40.62 28.32 -17.88
C ASP A 371 41.71 28.46 -16.82
N GLY A 372 42.39 27.35 -16.53
CA GLY A 372 43.45 27.32 -15.54
C GLY A 372 42.92 26.95 -14.17
N LYS A 373 41.59 26.89 -14.04
CA LYS A 373 40.93 26.53 -12.79
C LYS A 373 41.12 25.06 -12.46
N PRO A 374 41.25 24.73 -11.15
CA PRO A 374 41.54 23.34 -10.79
C PRO A 374 40.36 22.40 -11.03
N ASN A 375 40.66 21.21 -11.56
CA ASN A 375 39.65 20.18 -11.74
C ASN A 375 39.74 19.13 -10.62
N LEU A 376 38.59 18.85 -10.01
CA LEU A 376 38.54 17.99 -8.83
C LEU A 376 37.76 16.71 -9.08
N SER A 377 37.67 16.29 -10.34
CA SER A 377 36.93 15.08 -10.69
C SER A 377 37.53 13.85 -10.03
N ILE A 378 36.79 13.28 -9.08
CA ILE A 378 37.25 12.09 -8.37
C ILE A 378 37.40 10.89 -9.32
N GLY A 379 36.58 10.88 -10.37
CA GLY A 379 36.59 9.79 -11.33
C GLY A 379 37.95 9.63 -11.98
N HIS A 380 38.57 10.75 -12.32
CA HIS A 380 39.87 10.72 -12.95
C HIS A 380 40.90 10.07 -12.03
N MET A 381 40.84 10.44 -10.75
CA MET A 381 41.80 9.96 -9.77
C MET A 381 41.67 8.45 -9.57
N LEU A 382 40.43 7.98 -9.46
CA LEU A 382 40.21 6.56 -9.24
C LEU A 382 40.66 5.73 -10.43
N THR A 383 40.29 6.18 -11.63
CA THR A 383 40.64 5.44 -12.83
C THR A 383 42.16 5.38 -12.94
N CYS A 384 42.81 6.50 -12.70
CA CYS A 384 44.26 6.55 -12.80
C CYS A 384 44.93 5.64 -11.76
N MET A 385 44.50 5.70 -10.51
CA MET A 385 45.07 4.88 -9.46
C MET A 385 44.80 3.41 -9.69
N SER A 386 43.62 3.12 -10.26
CA SER A 386 43.28 1.76 -10.63
C SER A 386 44.22 1.23 -11.73
N LYS A 387 44.44 2.03 -12.77
CA LYS A 387 45.32 1.63 -13.86
C LYS A 387 46.75 1.47 -13.38
N LEU A 388 47.17 2.35 -12.48
CA LEU A 388 48.50 2.25 -11.88
C LEU A 388 48.60 0.97 -11.09
N GLU A 389 47.61 0.74 -10.24
CA GLU A 389 47.56 -0.45 -9.40
C GLU A 389 47.75 -1.72 -10.21
N ALA A 390 47.11 -1.75 -11.37
CA ALA A 390 47.11 -2.92 -12.23
C ALA A 390 48.37 -3.03 -13.10
N GLY A 391 49.05 -1.91 -13.30
CA GLY A 391 50.20 -1.87 -14.19
C GLY A 391 49.76 -2.08 -15.64
N VAL A 392 48.66 -1.44 -16.02
CA VAL A 392 48.10 -1.55 -17.37
C VAL A 392 49.12 -1.07 -18.41
N ASP A 393 49.00 -1.56 -19.64
CA ASP A 393 49.94 -1.18 -20.71
C ASP A 393 49.62 0.16 -21.36
N GLU A 394 48.37 0.61 -21.28
CA GLU A 394 48.01 1.91 -21.83
C GLU A 394 49.05 2.98 -21.50
N ASN A 395 49.38 3.75 -22.53
CA ASN A 395 50.38 4.81 -22.44
C ASN A 395 49.75 6.14 -22.08
N ILE A 396 50.44 6.94 -21.30
CA ILE A 396 50.00 8.30 -20.98
C ILE A 396 51.11 9.31 -21.23
N LEU A 397 50.69 10.57 -21.34
CA LEU A 397 51.59 11.69 -21.63
C LEU A 397 51.74 12.60 -20.42
N LEU A 398 52.88 12.53 -19.76
CA LEU A 398 53.18 13.40 -18.62
C LEU A 398 54.04 14.57 -19.08
N THR A 399 53.51 15.78 -18.96
CA THR A 399 54.23 16.98 -19.38
C THR A 399 54.38 17.97 -18.22
N SER A 400 55.52 18.63 -18.13
CA SER A 400 55.67 19.71 -17.17
C SER A 400 54.67 20.78 -17.66
N ARG A 401 54.21 21.68 -16.79
CA ARG A 401 53.18 22.64 -17.22
C ARG A 401 53.73 23.54 -18.33
N ASP A 402 54.96 23.99 -18.14
CA ASP A 402 55.77 24.57 -19.20
C ASP A 402 56.05 23.35 -20.07
N ASN A 403 55.77 23.41 -21.36
CA ASN A 403 55.82 22.19 -22.18
C ASN A 403 57.21 21.68 -22.58
N GLU A 404 58.25 22.29 -22.04
CA GLU A 404 59.62 21.96 -22.44
C GLU A 404 59.93 20.47 -22.37
N THR A 405 59.60 19.81 -21.27
CA THR A 405 59.91 18.40 -21.14
C THR A 405 58.62 17.58 -21.18
N VAL A 406 58.67 16.44 -21.87
CA VAL A 406 57.53 15.52 -21.91
C VAL A 406 57.96 14.07 -21.87
N PHE A 407 57.07 13.23 -21.35
CA PHE A 407 57.31 11.79 -21.26
C PHE A 407 56.09 11.05 -21.75
N VAL A 408 56.32 9.95 -22.47
CA VAL A 408 55.25 9.03 -22.85
C VAL A 408 55.57 7.70 -22.19
N LEU A 409 54.74 7.30 -21.23
CA LEU A 409 54.95 6.08 -20.48
C LEU A 409 53.66 5.27 -20.38
N SER A 410 53.83 3.95 -20.21
CA SER A 410 52.73 3.08 -19.83
C SER A 410 52.61 3.05 -18.30
N TYR A 411 51.42 2.75 -17.80
CA TYR A 411 51.22 2.59 -16.36
C TYR A 411 52.09 1.45 -15.83
N ARG A 412 52.35 0.46 -16.69
CA ARG A 412 53.18 -0.67 -16.33
C ARG A 412 54.57 -0.17 -15.97
N GLU A 413 55.11 0.70 -16.81
CA GLU A 413 56.42 1.30 -16.56
C GLU A 413 56.38 2.12 -15.26
N LEU A 414 55.35 2.94 -15.10
CA LEU A 414 55.20 3.75 -13.89
C LEU A 414 55.18 2.95 -12.59
N ARG A 415 54.45 1.83 -12.58
CA ARG A 415 54.36 1.00 -11.39
C ARG A 415 55.73 0.43 -11.07
N GLN A 416 56.47 0.06 -12.11
CA GLN A 416 57.82 -0.47 -11.95
C GLN A 416 58.65 0.57 -11.20
N MET A 417 58.53 1.82 -11.64
CA MET A 417 59.30 2.91 -11.05
C MET A 417 58.95 3.16 -9.59
N TYR A 418 57.67 3.28 -9.29
CA TYR A 418 57.22 3.53 -7.92
C TYR A 418 57.61 2.39 -6.98
N ASP A 419 57.46 1.16 -7.46
CA ASP A 419 57.78 -0.01 -6.64
C ASP A 419 59.27 -0.06 -6.32
N ARG A 420 60.11 0.32 -7.29
CA ARG A 420 61.55 0.33 -7.05
C ARG A 420 61.86 1.36 -5.97
N ALA A 421 61.22 2.52 -6.05
CA ALA A 421 61.41 3.56 -5.05
C ALA A 421 60.98 3.03 -3.68
N PHE A 422 59.85 2.35 -3.63
CA PHE A 422 59.33 1.85 -2.37
C PHE A 422 60.25 0.78 -1.79
N ASN A 423 60.71 -0.14 -2.63
CA ASN A 423 61.60 -1.20 -2.16
C ASN A 423 62.91 -0.65 -1.62
N GLU A 424 63.34 0.48 -2.17
CA GLU A 424 64.51 1.17 -1.64
C GLU A 424 64.19 1.59 -0.21
N LEU A 425 63.03 2.22 -0.03
CA LEU A 425 62.57 2.64 1.29
C LEU A 425 62.46 1.48 2.28
N VAL A 426 61.94 0.35 1.80
CA VAL A 426 61.77 -0.82 2.65
C VAL A 426 63.11 -1.27 3.19
N LYS A 427 64.11 -1.30 2.33
CA LYS A 427 65.45 -1.71 2.72
C LYS A 427 65.92 -0.76 3.83
N ALA A 428 65.95 -1.28 5.05
CA ALA A 428 66.23 -0.51 6.24
C ALA A 428 66.05 -1.39 7.48
N GLU B 5 53.30 -14.73 19.06
CA GLU B 5 54.64 -14.18 19.09
C GLU B 5 54.57 -12.65 19.11
N LEU B 6 53.36 -12.13 18.98
CA LEU B 6 53.14 -10.69 19.01
C LEU B 6 52.53 -10.17 20.29
N GLN B 7 53.08 -9.06 20.77
CA GLN B 7 52.59 -8.44 21.98
C GLN B 7 51.19 -7.87 21.69
N PRO B 8 50.32 -7.84 22.70
CA PRO B 8 48.94 -7.39 22.49
C PRO B 8 48.84 -5.96 21.94
N TRP B 9 49.74 -5.07 22.32
CA TRP B 9 49.77 -3.71 21.78
C TRP B 9 50.32 -3.59 20.35
N GLN B 10 51.04 -4.60 19.88
CA GLN B 10 51.61 -4.54 18.51
C GLN B 10 50.84 -5.29 17.42
N ARG B 11 50.64 -4.62 16.29
CA ARG B 11 49.95 -5.20 15.14
C ARG B 11 50.80 -5.36 13.86
N ALA B 12 50.65 -6.50 13.19
CA ALA B 12 51.23 -6.72 11.86
C ALA B 12 50.48 -5.85 10.84
N THR B 13 51.08 -5.60 9.68
CA THR B 13 50.50 -4.69 8.69
C THR B 13 49.07 -5.01 8.30
N TYR B 14 48.80 -6.27 8.01
CA TYR B 14 47.47 -6.69 7.54
C TYR B 14 46.38 -6.80 8.61
N ASP B 15 46.75 -6.64 9.88
CA ASP B 15 45.77 -6.75 10.96
C ASP B 15 44.84 -5.53 10.90
N PHE B 16 45.37 -4.43 10.37
CA PHE B 16 44.61 -3.21 10.16
C PHE B 16 43.58 -3.36 9.04
N PHE B 17 43.64 -4.44 8.29
CA PHE B 17 42.78 -4.60 7.12
C PHE B 17 41.90 -5.83 7.26
N MET B 18 41.05 -6.07 6.27
CA MET B 18 40.10 -7.17 6.33
C MET B 18 40.86 -8.49 6.28
N PRO B 19 40.47 -9.47 7.11
CA PRO B 19 41.20 -10.75 7.07
C PRO B 19 41.17 -11.39 5.68
N GLN B 20 42.26 -12.05 5.32
CA GLN B 20 42.42 -12.66 4.01
C GLN B 20 41.27 -13.57 3.58
N ASN B 21 40.84 -14.48 4.46
CA ASN B 21 39.77 -15.42 4.11
C ASN B 21 38.49 -14.71 3.66
N LEU B 22 38.04 -13.76 4.45
CA LEU B 22 36.82 -13.03 4.14
C LEU B 22 37.01 -12.21 2.84
N ARG B 23 38.19 -11.64 2.68
CA ARG B 23 38.50 -10.82 1.52
C ARG B 23 38.38 -11.70 0.27
N GLU B 24 38.98 -12.87 0.35
CA GLU B 24 38.99 -13.83 -0.75
C GLU B 24 37.61 -14.39 -1.07
N ASP B 25 36.82 -14.69 -0.04
CA ASP B 25 35.46 -15.19 -0.26
C ASP B 25 34.65 -14.13 -1.00
N LEU B 26 34.74 -12.89 -0.56
CA LEU B 26 33.99 -11.81 -1.20
C LEU B 26 34.46 -11.60 -2.64
N GLN B 27 35.77 -11.64 -2.86
CA GLN B 27 36.31 -11.44 -4.21
C GLN B 27 35.89 -12.56 -5.16
N LYS B 28 35.96 -13.80 -4.69
CA LYS B 28 35.54 -14.93 -5.50
C LYS B 28 34.06 -14.81 -5.87
N LYS B 29 33.23 -14.44 -4.89
CA LYS B 29 31.81 -14.28 -5.16
C LYS B 29 31.53 -13.10 -6.10
N GLN B 30 32.34 -12.06 -5.99
CA GLN B 30 32.24 -10.91 -6.87
C GLN B 30 32.53 -11.39 -8.30
N PHE B 31 33.60 -12.17 -8.43
CA PHE B 31 34.00 -12.71 -9.72
C PHE B 31 32.92 -13.59 -10.33
N ALA B 32 32.31 -14.45 -9.52
CA ALA B 32 31.28 -15.37 -10.01
C ALA B 32 30.06 -14.60 -10.52
N THR B 33 29.80 -13.46 -9.91
CA THR B 33 28.64 -12.65 -10.26
C THR B 33 28.86 -11.90 -11.56
N LEU B 34 30.12 -11.54 -11.81
CA LEU B 34 30.44 -10.67 -12.93
C LEU B 34 30.86 -11.48 -14.16
N GLN B 35 31.11 -12.77 -13.98
CA GLN B 35 31.47 -13.67 -15.07
C GLN B 35 30.51 -13.48 -16.25
N VAL B 36 31.05 -13.32 -17.46
CA VAL B 36 30.23 -13.34 -18.67
C VAL B 36 30.85 -14.18 -19.79
N ILE B 37 30.07 -14.47 -20.83
CA ILE B 37 30.57 -15.13 -22.02
C ILE B 37 30.22 -14.23 -23.22
N PRO B 38 31.21 -13.55 -23.82
CA PRO B 38 30.87 -12.54 -24.84
C PRO B 38 30.11 -13.03 -26.09
N ASN B 39 30.38 -14.24 -26.55
CA ASN B 39 29.66 -14.77 -27.72
C ASN B 39 29.30 -16.24 -27.65
N SER B 40 28.41 -16.53 -26.70
CA SER B 40 27.76 -17.81 -26.59
C SER B 40 26.63 -17.82 -27.59
N GLY B 41 26.10 -19.00 -27.88
CA GLY B 41 24.91 -19.09 -28.70
C GLY B 41 23.67 -18.79 -27.88
N LEU B 42 23.84 -18.56 -26.58
CA LEU B 42 22.66 -18.46 -25.73
C LEU B 42 21.96 -17.16 -26.06
N PRO B 43 20.62 -17.19 -26.04
CA PRO B 43 19.85 -16.01 -26.44
C PRO B 43 19.76 -14.95 -25.36
N GLN B 44 19.36 -13.76 -25.78
CA GLN B 44 18.95 -12.72 -24.85
C GLN B 44 17.44 -12.74 -24.83
N LEU B 45 16.87 -12.79 -23.64
CA LEU B 45 15.43 -12.68 -23.52
C LEU B 45 15.19 -11.17 -23.45
N GLU B 46 13.96 -10.72 -23.64
CA GLU B 46 13.70 -9.29 -23.75
C GLU B 46 14.27 -8.47 -22.57
N HIS B 47 14.14 -8.97 -21.34
CA HIS B 47 14.64 -8.25 -20.18
C HIS B 47 15.87 -8.89 -19.54
N TRP B 48 16.36 -9.99 -20.11
CA TRP B 48 17.45 -10.73 -19.49
C TRP B 48 18.58 -10.95 -20.49
N HIS B 49 19.82 -10.71 -20.07
CA HIS B 49 20.97 -10.94 -20.93
C HIS B 49 22.22 -11.44 -20.20
N SER B 50 23.26 -11.73 -20.99
CA SER B 50 24.51 -12.30 -20.49
C SER B 50 24.27 -13.59 -19.73
N LEU B 51 23.35 -14.43 -20.21
CA LEU B 51 23.12 -15.71 -19.58
C LEU B 51 24.42 -16.51 -19.46
N VAL B 52 24.65 -17.09 -18.28
CA VAL B 52 25.82 -17.93 -18.04
C VAL B 52 25.38 -19.23 -17.36
N PRO B 53 25.69 -20.41 -17.95
CA PRO B 53 25.29 -21.67 -17.32
C PRO B 53 26.00 -21.93 -16.00
N LEU B 54 25.30 -22.56 -15.06
CA LEU B 54 25.83 -22.91 -13.74
C LEU B 54 25.88 -24.41 -13.48
N ASP B 55 25.17 -25.19 -14.28
CA ASP B 55 25.13 -26.63 -14.04
C ASP B 55 26.45 -27.40 -14.20
N THR B 56 26.87 -27.99 -13.08
CA THR B 56 28.07 -28.84 -13.05
C THR B 56 27.84 -30.14 -13.80
N SER B 57 26.64 -30.71 -13.62
CA SER B 57 26.26 -31.99 -14.21
C SER B 57 25.26 -31.82 -15.34
N SER B 63 15.45 -33.22 -11.40
CA SER B 63 15.19 -34.37 -10.54
C SER B 63 13.85 -34.20 -9.81
N CYS B 64 13.69 -33.04 -9.19
CA CYS B 64 12.52 -32.75 -8.38
C CYS B 64 11.32 -32.42 -9.25
N PHE B 65 11.59 -31.90 -10.44
CA PHE B 65 10.56 -31.40 -11.34
C PHE B 65 10.25 -32.50 -12.33
N GLY B 66 9.31 -32.22 -13.23
CA GLY B 66 8.93 -33.17 -14.26
C GLY B 66 9.64 -32.93 -15.59
N TYR B 67 10.62 -32.02 -15.60
CA TYR B 67 11.29 -31.67 -16.85
C TYR B 67 12.81 -31.54 -16.75
N PRO B 68 13.50 -31.72 -17.88
CA PRO B 68 14.95 -31.45 -17.86
C PRO B 68 15.14 -29.99 -17.51
N SER B 69 16.12 -29.66 -16.67
CA SER B 69 16.31 -28.28 -16.25
C SER B 69 17.75 -27.76 -16.31
N TRP B 70 17.87 -26.48 -16.63
CA TRP B 70 19.15 -25.76 -16.61
C TRP B 70 19.03 -24.56 -15.68
N VAL B 71 20.16 -24.09 -15.14
CA VAL B 71 20.19 -22.86 -14.36
C VAL B 71 21.18 -21.90 -14.98
N TYR B 72 20.76 -20.66 -15.20
CA TYR B 72 21.65 -19.62 -15.72
C TYR B 72 21.77 -18.42 -14.79
N LYS B 73 22.97 -17.92 -14.59
CA LYS B 73 23.11 -16.57 -14.08
C LYS B 73 22.71 -15.64 -15.21
N ALA B 74 21.96 -14.58 -14.89
CA ALA B 74 21.56 -13.63 -15.91
C ALA B 74 21.48 -12.24 -15.31
N GLN B 75 21.51 -11.24 -16.17
CA GLN B 75 21.50 -9.87 -15.74
C GLN B 75 20.24 -9.22 -16.26
N ASN B 76 19.49 -8.62 -15.35
CA ASN B 76 18.27 -7.94 -15.72
C ASN B 76 18.63 -6.61 -16.36
N SER B 77 17.88 -6.22 -17.39
CA SER B 77 18.23 -5.05 -18.15
C SER B 77 17.64 -3.78 -17.56
N ARG B 78 16.62 -3.91 -16.71
CA ARG B 78 16.03 -2.73 -16.10
C ARG B 78 16.92 -2.19 -14.99
N ASN B 79 17.33 -3.08 -14.07
CA ASN B 79 18.07 -2.68 -12.88
C ASN B 79 19.54 -3.09 -12.81
N GLY B 80 20.02 -3.76 -13.84
CA GLY B 80 21.39 -4.26 -13.86
C GLY B 80 21.81 -5.28 -12.82
N ARG B 81 20.87 -5.89 -12.12
CA ARG B 81 21.23 -6.85 -11.08
C ARG B 81 21.28 -8.26 -11.64
N HIS B 82 21.97 -9.14 -10.94
CA HIS B 82 22.08 -10.53 -11.36
C HIS B 82 21.07 -11.42 -10.65
N TYR B 83 20.41 -12.29 -11.41
CA TYR B 83 19.43 -13.21 -10.87
C TYR B 83 19.78 -14.59 -11.39
N ALA B 84 19.21 -15.63 -10.77
CA ALA B 84 19.39 -16.99 -11.24
C ALA B 84 18.12 -17.41 -11.97
N LEU B 85 18.23 -17.79 -13.24
CA LEU B 85 17.08 -18.22 -14.02
C LEU B 85 17.08 -19.72 -14.14
N ARG B 86 16.08 -20.35 -13.54
CA ARG B 86 15.88 -21.78 -13.70
C ARG B 86 14.95 -22.07 -14.88
N ARG B 87 15.44 -22.87 -15.81
CA ARG B 87 14.69 -23.25 -17.00
C ARG B 87 14.20 -24.68 -16.94
N LEU B 88 12.91 -24.86 -17.14
CA LEU B 88 12.30 -26.18 -17.39
C LEU B 88 12.12 -26.38 -18.90
N GLU B 89 12.79 -27.39 -19.47
CA GLU B 89 12.82 -27.63 -20.92
C GLU B 89 11.57 -28.31 -21.40
N GLY B 90 10.98 -27.79 -22.47
CA GLY B 90 9.82 -28.42 -23.06
C GLY B 90 8.53 -28.26 -22.28
N TYR B 91 8.40 -27.17 -21.55
CA TYR B 91 7.15 -26.87 -20.86
C TYR B 91 6.30 -26.01 -21.77
N ARG B 92 5.06 -26.44 -21.92
CA ARG B 92 4.12 -25.78 -22.81
C ARG B 92 3.00 -25.09 -22.05
N LEU B 93 2.82 -23.82 -22.37
CA LEU B 93 1.75 -23.05 -21.78
C LEU B 93 0.39 -23.53 -22.26
N THR B 94 -0.44 -23.97 -21.32
CA THR B 94 -1.79 -24.44 -21.63
C THR B 94 -2.86 -23.65 -20.88
N ASN B 95 -2.50 -23.17 -19.69
CA ASN B 95 -3.37 -22.37 -18.86
C ASN B 95 -2.51 -21.28 -18.26
N GLU B 96 -2.84 -20.02 -18.56
CA GLU B 96 -2.00 -18.92 -18.07
C GLU B 96 -2.10 -18.78 -16.56
N LYS B 97 -3.21 -19.25 -16.00
CA LYS B 97 -3.39 -19.16 -14.56
C LYS B 97 -2.33 -19.96 -13.84
N ALA B 98 -1.82 -21.01 -14.49
CA ALA B 98 -0.78 -21.84 -13.89
C ALA B 98 0.43 -20.98 -13.57
N ILE B 99 0.79 -20.12 -14.52
CA ILE B 99 1.91 -19.20 -14.34
C ILE B 99 1.58 -17.98 -13.47
N LEU B 100 0.47 -17.32 -13.78
CA LEU B 100 0.09 -16.05 -13.15
C LEU B 100 -0.30 -16.15 -11.65
N ASN B 101 -1.14 -17.11 -11.31
CA ASN B 101 -1.60 -17.27 -9.94
C ASN B 101 -0.45 -17.65 -9.01
N VAL B 102 0.40 -18.55 -9.49
CA VAL B 102 1.55 -18.98 -8.70
C VAL B 102 2.52 -17.81 -8.50
N MET B 103 2.75 -17.03 -9.57
CA MET B 103 3.66 -15.90 -9.46
C MET B 103 3.13 -14.86 -8.48
N LYS B 104 1.83 -14.60 -8.55
CA LYS B 104 1.21 -13.64 -7.65
C LYS B 104 1.39 -14.04 -6.19
N ASP B 105 1.19 -15.33 -5.90
CA ASP B 105 1.29 -15.84 -4.53
C ASP B 105 2.71 -15.75 -3.98
N TRP B 106 3.68 -16.23 -4.75
CA TRP B 106 5.02 -16.42 -4.24
C TRP B 106 5.85 -15.14 -4.29
N LYS B 107 5.40 -14.15 -5.05
CA LYS B 107 6.08 -12.86 -5.07
C LYS B 107 5.89 -12.13 -3.73
N LYS B 108 4.83 -12.46 -2.98
CA LYS B 108 4.65 -11.91 -1.64
C LYS B 108 5.75 -12.39 -0.69
N ILE B 109 6.21 -13.62 -0.87
CA ILE B 109 7.09 -14.27 0.09
C ILE B 109 8.48 -13.62 0.12
N LYS B 110 8.84 -13.11 1.30
CA LYS B 110 10.20 -12.60 1.54
C LYS B 110 10.72 -13.20 2.85
N ASN B 111 11.69 -14.11 2.74
CA ASN B 111 12.17 -14.85 3.89
C ASN B 111 13.65 -15.22 3.72
N ALA B 112 14.42 -15.03 4.77
CA ALA B 112 15.87 -15.23 4.74
C ALA B 112 16.25 -16.65 4.37
N SER B 113 15.32 -17.60 4.56
CA SER B 113 15.59 -19.01 4.34
C SER B 113 14.91 -19.51 3.09
N ILE B 114 14.39 -18.60 2.29
CA ILE B 114 13.83 -18.93 0.98
C ILE B 114 14.43 -18.07 -0.11
N VAL B 115 14.94 -18.70 -1.16
CA VAL B 115 15.42 -17.96 -2.31
C VAL B 115 14.21 -17.30 -2.98
N THR B 116 14.24 -15.99 -3.01
CA THR B 116 13.11 -15.19 -3.52
C THR B 116 12.80 -15.45 -5.00
N ILE B 117 11.50 -15.53 -5.31
CA ILE B 117 11.04 -15.64 -6.69
C ILE B 117 10.59 -14.29 -7.16
N HIS B 118 11.09 -13.84 -8.31
CA HIS B 118 10.75 -12.52 -8.83
C HIS B 118 9.79 -12.62 -10.00
N GLU B 119 9.92 -13.68 -10.77
CA GLU B 119 9.13 -13.81 -11.98
C GLU B 119 9.01 -15.26 -12.44
N VAL B 120 7.89 -15.58 -13.06
CA VAL B 120 7.73 -16.86 -13.76
C VAL B 120 7.20 -16.55 -15.15
N PHE B 121 7.88 -17.06 -16.18
CA PHE B 121 7.44 -16.78 -17.55
C PHE B 121 7.84 -17.84 -18.58
N THR B 122 7.01 -18.01 -19.61
CA THR B 122 7.34 -18.90 -20.72
C THR B 122 8.12 -18.15 -21.78
N THR B 123 8.93 -18.88 -22.53
CA THR B 123 9.73 -18.30 -23.60
C THR B 123 9.96 -19.31 -24.72
N ARG B 124 10.09 -18.80 -25.95
CA ARG B 124 10.44 -19.66 -27.10
C ARG B 124 11.88 -19.41 -27.52
N GLU B 125 12.57 -18.55 -26.78
CA GLU B 125 13.84 -17.99 -27.24
C GLU B 125 15.00 -19.00 -27.21
N PHE B 126 14.79 -20.11 -26.52
CA PHE B 126 15.78 -21.18 -26.47
C PHE B 126 15.60 -22.17 -27.61
N GLY B 127 14.62 -21.92 -28.48
CA GLY B 127 14.37 -22.79 -29.61
C GLY B 127 13.42 -23.94 -29.30
N ASP B 128 12.76 -23.86 -28.15
CA ASP B 128 11.76 -24.83 -27.74
C ASP B 128 10.79 -24.03 -26.91
N SER B 129 9.74 -24.65 -26.41
CA SER B 129 8.94 -24.02 -25.35
C SER B 129 9.62 -24.25 -23.99
N SER B 130 9.90 -23.19 -23.25
CA SER B 130 10.52 -23.33 -21.94
C SER B 130 9.84 -22.47 -20.89
N LEU B 131 9.88 -22.94 -19.66
CA LEU B 131 9.36 -22.23 -18.51
C LEU B 131 10.51 -21.73 -17.65
N ILE B 132 10.55 -20.43 -17.38
CA ILE B 132 11.64 -19.81 -16.66
C ILE B 132 11.19 -19.22 -15.30
N PHE B 133 11.92 -19.56 -14.24
CA PHE B 133 11.70 -18.97 -12.91
C PHE B 133 12.89 -18.09 -12.58
N ALA B 134 12.64 -16.81 -12.31
CA ALA B 134 13.71 -15.88 -11.97
C ALA B 134 13.89 -15.74 -10.46
N TYR B 135 15.09 -16.05 -10.00
CA TYR B 135 15.43 -16.09 -8.58
C TYR B 135 16.52 -15.09 -8.19
N ASP B 136 16.59 -14.77 -6.90
CA ASP B 136 17.80 -14.14 -6.36
C ASP B 136 18.98 -14.98 -6.79
N PHE B 137 20.08 -14.33 -7.15
CA PHE B 137 21.32 -15.05 -7.43
C PHE B 137 22.18 -15.11 -6.17
N HIS B 138 22.66 -16.30 -5.84
CA HIS B 138 23.56 -16.50 -4.70
C HIS B 138 24.89 -17.09 -5.17
N PRO B 139 25.92 -16.24 -5.37
CA PRO B 139 27.16 -16.71 -6.00
C PRO B 139 27.87 -17.81 -5.21
N LEU B 140 28.42 -18.77 -5.94
CA LEU B 140 29.19 -19.88 -5.38
C LEU B 140 28.43 -20.71 -4.37
N SER B 141 27.11 -20.74 -4.51
CA SER B 141 26.25 -21.65 -3.75
C SER B 141 26.49 -23.09 -4.12
N LYS B 142 26.36 -23.99 -3.17
CA LYS B 142 26.32 -25.41 -3.45
C LYS B 142 25.15 -26.04 -2.72
N THR B 143 24.53 -27.06 -3.33
CA THR B 143 23.39 -27.73 -2.71
C THR B 143 23.83 -28.60 -1.53
N LEU B 144 22.89 -28.92 -0.65
CA LEU B 144 23.17 -29.83 0.44
C LEU B 144 23.58 -31.20 -0.08
N GLN B 145 23.06 -31.60 -1.25
CA GLN B 145 23.43 -32.88 -1.83
C GLN B 145 24.91 -32.88 -2.23
N GLU B 146 25.30 -31.87 -3.01
CA GLU B 146 26.68 -31.66 -3.38
C GLU B 146 27.61 -31.60 -2.16
N HIS B 147 27.13 -31.01 -1.07
CA HIS B 147 27.96 -30.72 0.10
C HIS B 147 28.10 -31.92 1.05
N HIS B 148 27.06 -32.74 1.18
CA HIS B 148 27.06 -33.84 2.14
C HIS B 148 27.16 -35.23 1.55
N PHE B 149 26.86 -35.38 0.27
CA PHE B 149 26.74 -36.71 -0.32
C PHE B 149 27.63 -36.95 -1.55
N GLN B 150 28.54 -36.02 -1.82
CA GLN B 150 29.44 -36.14 -2.98
C GLN B 150 30.74 -36.91 -2.70
N PRO B 151 30.89 -38.12 -3.27
CA PRO B 151 32.15 -38.85 -3.07
C PRO B 151 33.31 -38.25 -3.88
N TYR B 157 37.73 -42.58 -3.77
CA TYR B 157 37.06 -41.50 -3.04
C TYR B 157 36.96 -41.82 -1.55
N ARG B 158 36.16 -41.04 -0.83
CA ARG B 158 35.92 -41.27 0.58
C ARG B 158 34.47 -40.99 0.93
N PRO B 159 33.94 -41.67 1.96
CA PRO B 159 32.61 -41.29 2.48
C PRO B 159 32.60 -39.92 3.17
N PRO B 160 31.48 -39.18 3.09
CA PRO B 160 31.37 -37.82 3.63
C PRO B 160 31.22 -37.83 5.15
N PRO B 161 31.79 -36.83 5.85
CA PRO B 161 31.85 -36.92 7.31
C PRO B 161 30.53 -36.68 8.05
N ALA B 162 30.50 -37.17 9.29
CA ALA B 162 29.32 -37.08 10.13
C ALA B 162 28.89 -35.63 10.34
N VAL B 163 27.66 -35.33 9.93
CA VAL B 163 27.11 -34.02 10.19
C VAL B 163 27.00 -33.81 11.71
N PRO B 164 27.67 -32.78 12.25
CA PRO B 164 27.52 -32.51 13.69
C PRO B 164 26.08 -32.13 14.05
N GLU B 165 25.63 -32.53 15.23
CA GLU B 165 24.25 -32.30 15.65
C GLU B 165 23.91 -30.81 15.62
N ASN B 166 24.88 -29.97 15.92
CA ASN B 166 24.61 -28.53 15.97
C ASN B 166 24.27 -27.98 14.60
N THR B 167 24.99 -28.44 13.59
CA THR B 167 24.70 -28.08 12.22
C THR B 167 23.27 -28.46 11.85
N ILE B 168 22.86 -29.64 12.29
CA ILE B 168 21.53 -30.14 11.96
C ILE B 168 20.44 -29.28 12.60
N TRP B 169 20.62 -28.88 13.86
CA TRP B 169 19.64 -28.00 14.50
C TRP B 169 19.61 -26.65 13.78
N GLY B 170 20.77 -26.20 13.34
CA GLY B 170 20.83 -24.99 12.53
C GLY B 170 20.02 -25.14 11.24
N TYR B 171 20.10 -26.31 10.61
CA TYR B 171 19.31 -26.57 9.41
C TYR B 171 17.83 -26.59 9.73
N ILE B 172 17.48 -27.28 10.81
CA ILE B 172 16.09 -27.45 11.22
C ILE B 172 15.46 -26.11 11.51
N CYS B 173 16.20 -25.22 12.15
CA CYS B 173 15.65 -23.91 12.49
C CYS B 173 15.42 -23.05 11.27
N GLN B 174 16.37 -23.08 10.33
CA GLN B 174 16.22 -22.30 9.10
C GLN B 174 15.05 -22.82 8.25
N ILE B 175 14.91 -24.14 8.17
CA ILE B 175 13.79 -24.71 7.44
C ILE B 175 12.46 -24.40 8.14
N ALA B 176 12.45 -24.47 9.46
CA ALA B 176 11.23 -24.15 10.22
C ALA B 176 10.84 -22.71 9.95
N ASN B 177 11.84 -21.84 9.85
CA ASN B 177 11.59 -20.44 9.51
C ASN B 177 10.91 -20.35 8.13
N ALA B 178 11.45 -21.05 7.14
CA ALA B 178 10.83 -21.10 5.81
C ALA B 178 9.40 -21.61 5.86
N LEU B 179 9.19 -22.73 6.53
CA LEU B 179 7.86 -23.34 6.58
C LEU B 179 6.87 -22.44 7.32
N LYS B 180 7.34 -21.69 8.29
CA LYS B 180 6.46 -20.78 8.99
C LYS B 180 5.90 -19.77 8.00
N THR B 181 6.77 -19.15 7.20
CA THR B 181 6.32 -18.14 6.24
C THR B 181 5.52 -18.75 5.10
N ILE B 182 5.95 -19.91 4.62
CA ILE B 182 5.28 -20.55 3.52
C ILE B 182 3.87 -20.99 3.94
N HIS B 183 3.74 -21.67 5.07
CA HIS B 183 2.44 -22.17 5.50
C HIS B 183 1.48 -21.06 5.89
N SER B 184 1.99 -19.98 6.47
CA SER B 184 1.14 -18.87 6.87
C SER B 184 0.48 -18.20 5.68
N ASN B 185 1.14 -18.25 4.52
CA ASN B 185 0.56 -17.69 3.30
C ASN B 185 -0.26 -18.73 2.57
N ARG B 186 -0.67 -19.77 3.30
CA ARG B 186 -1.57 -20.79 2.78
C ARG B 186 -0.95 -21.49 1.57
N LEU B 187 0.36 -21.73 1.66
CA LEU B 187 1.12 -22.44 0.62
C LEU B 187 1.83 -23.64 1.22
N ALA B 188 2.51 -24.39 0.37
CA ALA B 188 3.35 -25.49 0.82
C ALA B 188 4.71 -25.45 0.13
N ALA B 189 5.78 -25.59 0.91
CA ALA B 189 7.08 -25.83 0.32
C ALA B 189 7.00 -27.25 -0.17
N ARG B 190 7.02 -27.46 -1.48
CA ARG B 190 6.70 -28.77 -2.01
C ARG B 190 7.95 -29.60 -2.20
N CYS B 191 9.07 -28.91 -2.44
CA CYS B 191 10.36 -29.56 -2.62
C CYS B 191 11.30 -29.36 -1.43
N LEU B 192 11.57 -30.43 -0.69
CA LEU B 192 12.49 -30.36 0.43
C LEU B 192 13.67 -31.33 0.29
N GLU B 193 14.06 -31.61 -0.94
CA GLU B 193 15.22 -32.44 -1.21
C GLU B 193 16.55 -31.72 -0.97
N PRO B 194 17.59 -32.46 -0.56
CA PRO B 194 18.93 -31.92 -0.40
C PRO B 194 19.40 -31.19 -1.66
N SER B 195 18.99 -31.71 -2.82
CA SER B 195 19.39 -31.13 -4.09
C SER B 195 18.72 -29.78 -4.40
N LYS B 196 17.64 -29.47 -3.70
CA LYS B 196 16.92 -28.23 -3.96
C LYS B 196 16.97 -27.32 -2.73
N ILE B 197 17.93 -27.57 -1.84
CA ILE B 197 18.26 -26.67 -0.74
C ILE B 197 19.71 -26.25 -0.90
N ILE B 198 19.99 -24.94 -0.93
CA ILE B 198 21.37 -24.48 -1.16
C ILE B 198 22.04 -23.83 0.05
N LEU B 199 23.32 -24.17 0.24
CA LEU B 199 24.20 -23.44 1.15
C LEU B 199 24.70 -22.17 0.48
N THR B 200 24.20 -21.02 0.92
CA THR B 200 24.62 -19.75 0.35
C THR B 200 25.77 -19.19 1.17
N ASP B 201 26.01 -19.81 2.31
CA ASP B 201 27.14 -19.41 3.13
C ASP B 201 27.33 -20.52 4.13
N ILE B 202 28.36 -20.40 4.97
CA ILE B 202 28.61 -21.42 5.98
C ILE B 202 27.37 -21.54 6.86
N ASN B 203 26.86 -22.76 6.97
CA ASN B 203 25.69 -23.06 7.79
C ASN B 203 24.42 -22.29 7.43
N ARG B 204 24.40 -21.61 6.30
CA ARG B 204 23.25 -20.81 5.90
C ARG B 204 22.58 -21.51 4.70
N ILE B 205 21.36 -22.02 4.92
CA ILE B 205 20.66 -22.73 3.87
C ILE B 205 19.40 -22.01 3.43
N ARG B 206 19.04 -22.21 2.17
CA ARG B 206 17.85 -21.62 1.58
C ARG B 206 17.12 -22.57 0.63
N LEU B 207 15.81 -22.66 0.75
CA LEU B 207 15.02 -23.43 -0.21
C LEU B 207 15.13 -22.75 -1.58
N SER B 208 15.57 -23.49 -2.61
CA SER B 208 15.87 -22.86 -3.91
C SER B 208 14.94 -23.19 -5.07
N ALA B 209 13.93 -24.04 -4.86
CA ALA B 209 13.05 -24.49 -5.94
C ALA B 209 11.56 -24.33 -5.62
N CYS B 210 11.22 -23.30 -4.85
CA CYS B 210 9.90 -23.27 -4.25
C CYS B 210 8.68 -23.15 -5.18
N ALA B 211 8.70 -22.19 -6.08
CA ALA B 211 7.53 -21.93 -6.90
C ALA B 211 7.25 -23.08 -7.90
N ILE B 212 8.29 -23.82 -8.26
CA ILE B 212 8.26 -24.66 -9.43
C ILE B 212 7.19 -25.76 -9.42
N LEU B 213 7.09 -26.47 -8.30
CA LEU B 213 6.15 -27.57 -8.19
C LEU B 213 4.70 -27.10 -8.29
N ASP B 214 4.43 -25.90 -7.78
CA ASP B 214 3.10 -25.31 -7.85
C ASP B 214 2.67 -25.14 -9.31
N VAL B 215 3.59 -24.69 -10.16
CA VAL B 215 3.25 -24.46 -11.56
C VAL B 215 3.07 -25.77 -12.34
N VAL B 216 4.01 -26.68 -12.19
CA VAL B 216 3.96 -27.93 -12.97
C VAL B 216 2.76 -28.79 -12.63
N GLN B 217 2.32 -28.77 -11.37
CA GLN B 217 1.21 -29.63 -10.94
C GLN B 217 -0.12 -28.89 -10.83
N PHE B 218 -0.15 -27.69 -11.40
CA PHE B 218 -1.29 -26.80 -11.27
C PHE B 218 -2.48 -27.52 -11.90
N GLY B 219 -3.49 -27.79 -11.10
CA GLY B 219 -4.78 -28.28 -11.56
C GLY B 219 -4.80 -29.78 -11.77
N MET B 220 -3.64 -30.42 -11.65
CA MET B 220 -3.56 -31.86 -11.73
C MET B 220 -3.58 -32.43 -10.33
N ASN B 221 -3.00 -31.68 -9.39
CA ASN B 221 -2.98 -32.11 -8.01
C ASN B 221 -4.39 -32.06 -7.46
N SER B 222 -4.74 -33.10 -6.71
CA SER B 222 -6.06 -33.19 -6.09
C SER B 222 -5.98 -33.02 -4.58
N ARG B 223 -4.77 -32.97 -4.04
CA ARG B 223 -4.55 -32.78 -2.61
C ARG B 223 -4.83 -31.34 -2.17
N SER B 224 -5.32 -31.19 -0.94
CA SER B 224 -5.57 -29.88 -0.36
C SER B 224 -4.27 -29.18 0.02
N VAL B 225 -4.38 -27.89 0.31
CA VAL B 225 -3.24 -27.14 0.80
C VAL B 225 -2.74 -27.80 2.09
N VAL B 226 -3.66 -28.09 2.99
CA VAL B 226 -3.28 -28.66 4.28
C VAL B 226 -2.61 -30.02 4.08
N GLU B 227 -3.08 -30.79 3.09
CA GLU B 227 -2.47 -32.08 2.83
C GLU B 227 -1.02 -31.92 2.34
N LEU B 228 -0.80 -30.98 1.44
CA LEU B 228 0.54 -30.72 0.97
C LEU B 228 1.41 -30.25 2.14
N GLN B 229 0.81 -29.49 3.04
CA GLN B 229 1.53 -29.02 4.22
C GLN B 229 1.92 -30.19 5.14
N GLN B 230 1.03 -31.16 5.32
CA GLN B 230 1.39 -32.35 6.08
C GLN B 230 2.57 -33.08 5.43
N GLU B 231 2.55 -33.18 4.11
CA GLU B 231 3.64 -33.85 3.39
C GLU B 231 4.96 -33.09 3.50
N ASP B 232 4.88 -31.78 3.70
CA ASP B 232 6.09 -30.99 3.93
C ASP B 232 6.80 -31.52 5.17
N PHE B 233 6.04 -31.77 6.24
CA PHE B 233 6.66 -32.28 7.47
C PHE B 233 7.31 -33.63 7.26
N VAL B 234 6.66 -34.53 6.52
CA VAL B 234 7.26 -35.83 6.28
C VAL B 234 8.57 -35.67 5.50
N LYS B 235 8.55 -34.82 4.47
CA LYS B 235 9.75 -34.60 3.67
C LYS B 235 10.86 -33.96 4.51
N PHE B 236 10.46 -33.05 5.38
CA PHE B 236 11.36 -32.40 6.32
C PHE B 236 12.07 -33.48 7.16
N GLY B 237 11.28 -34.41 7.70
CA GLY B 237 11.84 -35.51 8.47
C GLY B 237 12.80 -36.38 7.68
N LYS B 238 12.44 -36.72 6.44
CA LYS B 238 13.27 -37.61 5.63
C LYS B 238 14.58 -36.93 5.26
N LEU B 239 14.52 -35.62 5.06
CA LEU B 239 15.71 -34.83 4.78
C LEU B 239 16.70 -34.91 5.97
N ILE B 240 16.18 -34.70 7.18
CA ILE B 240 17.02 -34.74 8.38
C ILE B 240 17.61 -36.13 8.53
N LEU B 241 16.78 -37.13 8.28
CA LEU B 241 17.17 -38.53 8.40
C LEU B 241 18.27 -38.86 7.40
N SER B 242 18.18 -38.30 6.20
CA SER B 242 19.20 -38.50 5.19
C SER B 242 20.53 -37.92 5.66
N LEU B 243 20.48 -36.71 6.22
CA LEU B 243 21.68 -36.02 6.68
C LEU B 243 22.33 -36.67 7.90
N ALA B 244 21.51 -37.19 8.80
CA ALA B 244 22.01 -37.76 10.03
C ALA B 244 22.82 -39.02 9.78
N THR B 245 22.33 -39.84 8.86
CA THR B 245 22.86 -41.17 8.61
C THR B 245 23.69 -41.28 7.33
N GLY B 246 23.84 -40.18 6.61
CA GLY B 246 24.64 -40.16 5.41
C GLY B 246 24.06 -40.94 4.23
N THR B 247 22.77 -41.23 4.26
CA THR B 247 22.13 -41.97 3.15
C THR B 247 21.23 -41.07 2.29
N LEU B 248 21.35 -41.18 0.97
CA LEU B 248 20.56 -40.35 0.06
C LEU B 248 19.07 -40.64 0.26
N PRO B 249 18.21 -39.65 -0.01
CA PRO B 249 16.77 -39.85 0.21
C PRO B 249 16.21 -41.00 -0.61
N ALA B 250 16.79 -41.21 -1.79
CA ALA B 250 16.36 -42.28 -2.70
C ALA B 250 16.64 -43.64 -2.07
N HIS B 251 17.76 -43.70 -1.37
CA HIS B 251 18.21 -44.92 -0.71
C HIS B 251 17.48 -45.21 0.62
N LEU B 252 16.61 -44.31 1.06
CA LEU B 252 15.93 -44.49 2.36
C LEU B 252 14.76 -45.46 2.28
N ASN B 253 15.09 -46.73 2.14
CA ASN B 253 14.09 -47.79 2.03
C ASN B 253 13.44 -48.13 3.36
N ASN B 254 14.26 -48.13 4.41
CA ASN B 254 13.81 -48.51 5.75
C ASN B 254 13.83 -47.31 6.71
N ILE B 255 12.66 -46.73 6.95
CA ILE B 255 12.59 -45.54 7.80
C ILE B 255 12.91 -45.85 9.26
N PRO B 256 12.32 -46.92 9.83
CA PRO B 256 12.66 -47.27 11.21
C PRO B 256 14.14 -47.57 11.44
N ALA B 257 14.76 -48.27 10.50
CA ALA B 257 16.17 -48.59 10.63
C ALA B 257 17.00 -47.32 10.61
N ALA B 258 16.57 -46.35 9.81
CA ALA B 258 17.27 -45.08 9.74
C ALA B 258 17.07 -44.31 11.04
N LEU B 259 15.87 -44.42 11.60
CA LEU B 259 15.54 -43.72 12.83
C LEU B 259 16.40 -44.23 13.98
N GLU B 260 16.63 -45.55 14.02
CA GLU B 260 17.46 -46.13 15.08
C GLU B 260 18.92 -45.70 14.97
N THR B 261 19.43 -45.65 13.74
CA THR B 261 20.78 -45.16 13.49
C THR B 261 20.91 -43.75 14.07
N LEU B 262 19.93 -42.92 13.75
CA LEU B 262 19.89 -41.55 14.25
C LEU B 262 19.83 -41.56 15.77
N GLY B 263 19.06 -42.48 16.33
CA GLY B 263 18.93 -42.61 17.77
C GLY B 263 20.24 -42.94 18.45
N ASN B 264 21.13 -43.64 17.74
CA ASN B 264 22.42 -44.03 18.30
C ASN B 264 23.45 -42.93 18.17
N LYS B 265 23.36 -42.16 17.08
CA LYS B 265 24.38 -41.15 16.80
C LYS B 265 24.05 -39.78 17.37
N TYR B 266 22.78 -39.53 17.70
CA TYR B 266 22.35 -38.18 18.07
C TYR B 266 21.43 -38.18 19.28
N SER B 267 21.23 -36.99 19.84
CA SER B 267 20.45 -36.82 21.05
C SER B 267 19.03 -37.34 20.89
N ALA B 268 18.41 -37.67 22.03
CA ALA B 268 17.04 -38.12 22.03
C ALA B 268 16.11 -37.00 21.57
N ASN B 269 16.49 -35.76 21.85
CA ASN B 269 15.70 -34.61 21.43
C ASN B 269 15.60 -34.55 19.91
N LEU B 270 16.70 -34.83 19.23
CA LEU B 270 16.67 -34.86 17.79
C LEU B 270 15.82 -36.01 17.26
N LYS B 271 15.97 -37.19 17.86
CA LYS B 271 15.18 -38.35 17.45
C LYS B 271 13.70 -38.03 17.59
N SER B 272 13.36 -37.34 18.68
CA SER B 272 11.97 -36.99 18.94
C SER B 272 11.43 -36.00 17.89
N ALA B 273 12.28 -35.06 17.50
CA ALA B 273 11.89 -34.07 16.49
C ALA B 273 11.63 -34.74 15.15
N VAL B 274 12.57 -35.58 14.74
CA VAL B 274 12.43 -36.28 13.47
C VAL B 274 11.20 -37.18 13.48
N ASN B 275 10.98 -37.85 14.61
CA ASN B 275 9.86 -38.77 14.71
C ASN B 275 8.52 -38.05 14.59
N TRP B 276 8.41 -36.88 15.22
CA TRP B 276 7.19 -36.09 15.13
C TRP B 276 6.93 -35.72 13.68
N LEU B 277 8.00 -35.38 12.95
CA LEU B 277 7.88 -35.00 11.56
C LEU B 277 7.46 -36.16 10.66
N LEU B 278 7.96 -37.36 10.96
CA LEU B 278 7.65 -38.53 10.13
C LEU B 278 6.29 -39.11 10.47
N ASP B 279 5.87 -38.96 11.72
CA ASP B 279 4.70 -39.67 12.20
C ASP B 279 3.44 -39.18 11.52
N THR B 280 2.89 -40.03 10.66
CA THR B 280 1.61 -39.76 10.02
C THR B 280 0.49 -40.53 10.70
N SER B 281 0.85 -41.33 11.71
CA SER B 281 -0.10 -42.26 12.30
C SER B 281 -1.00 -41.63 13.37
N SER B 282 -0.53 -40.59 14.03
CA SER B 282 -1.33 -39.93 15.06
C SER B 282 -2.58 -39.37 14.38
N GLY B 283 -3.58 -39.05 15.18
CA GLY B 283 -4.81 -38.50 14.64
C GLY B 283 -4.70 -37.00 14.51
N GLU B 284 -3.52 -36.45 14.81
CA GLU B 284 -3.36 -35.00 14.90
C GLU B 284 -2.85 -34.31 13.65
N THR B 285 -3.54 -33.23 13.28
CA THR B 285 -3.06 -32.33 12.23
C THR B 285 -1.80 -31.63 12.70
N LYS B 286 -0.70 -31.87 11.99
CA LYS B 286 0.56 -31.23 12.29
C LYS B 286 0.61 -29.78 11.80
N THR B 287 1.13 -28.90 12.65
CA THR B 287 1.21 -27.47 12.34
C THR B 287 2.63 -26.99 12.62
N ILE B 288 3.09 -26.03 11.82
CA ILE B 288 4.42 -25.49 12.01
C ILE B 288 4.49 -24.79 13.37
N GLU B 289 3.37 -24.24 13.82
CA GLU B 289 3.29 -23.65 15.16
C GLU B 289 3.66 -24.65 16.25
N HIS B 290 3.11 -25.85 16.19
CA HIS B 290 3.42 -26.84 17.21
C HIS B 290 4.88 -27.26 17.11
N PHE B 291 5.39 -27.40 15.89
CA PHE B 291 6.78 -27.82 15.73
C PHE B 291 7.75 -26.78 16.31
N MET B 292 7.49 -25.50 16.02
CA MET B 292 8.29 -24.41 16.56
C MET B 292 8.30 -24.42 18.08
N THR B 293 7.13 -24.68 18.66
CA THR B 293 7.00 -24.71 20.10
C THR B 293 7.97 -25.71 20.69
N GLY B 294 8.19 -26.81 19.97
CA GLY B 294 9.06 -27.87 20.45
C GLY B 294 10.54 -27.61 20.27
N ILE B 295 10.90 -26.59 19.49
CA ILE B 295 12.33 -26.26 19.25
C ILE B 295 12.69 -24.84 19.64
N ALA B 296 11.95 -24.27 20.59
CA ALA B 296 12.14 -22.89 21.02
C ALA B 296 13.56 -22.62 21.52
N SER B 297 14.11 -23.57 22.27
CA SER B 297 15.44 -23.41 22.84
C SER B 297 16.47 -23.32 21.72
N GLN B 298 16.40 -24.24 20.76
CA GLN B 298 17.33 -24.21 19.63
C GLN B 298 17.17 -22.91 18.85
N MET B 299 15.93 -22.50 18.64
CA MET B 299 15.65 -21.29 17.87
C MET B 299 16.28 -20.08 18.54
N THR B 300 16.19 -20.02 19.87
CA THR B 300 16.76 -18.91 20.63
C THR B 300 18.27 -18.87 20.48
N THR B 301 18.90 -20.03 20.54
CA THR B 301 20.32 -20.13 20.31
C THR B 301 20.69 -19.57 18.95
N PHE B 302 19.92 -19.92 17.91
CA PHE B 302 20.30 -19.50 16.56
C PHE B 302 19.95 -18.03 16.30
N PHE B 303 18.95 -17.51 17.00
CA PHE B 303 18.70 -16.07 17.01
C PHE B 303 19.94 -15.35 17.53
N ASP B 304 20.49 -15.86 18.64
CA ASP B 304 21.70 -15.29 19.22
C ASP B 304 22.88 -15.32 18.26
N LEU B 305 23.12 -16.48 17.65
CA LEU B 305 24.27 -16.63 16.75
C LEU B 305 24.13 -15.77 15.51
N ALA B 306 22.91 -15.59 15.04
CA ALA B 306 22.68 -14.72 13.88
C ALA B 306 23.07 -13.30 14.25
N LEU B 307 22.67 -12.84 15.43
CA LEU B 307 23.00 -11.49 15.86
C LEU B 307 24.49 -11.30 16.05
N GLN B 308 25.15 -12.35 16.54
CA GLN B 308 26.59 -12.27 16.75
C GLN B 308 27.31 -12.18 15.42
N ASP B 309 26.82 -12.93 14.45
CA ASP B 309 27.39 -12.87 13.12
C ASP B 309 27.12 -11.51 12.48
N ASN B 310 25.94 -10.95 12.73
CA ASN B 310 25.66 -9.58 12.27
C ASN B 310 26.71 -8.61 12.81
N ASP B 311 27.03 -8.74 14.10
CA ASP B 311 27.98 -7.85 14.75
C ASP B 311 29.37 -8.00 14.13
N GLU B 312 29.75 -9.23 13.85
CA GLU B 312 31.02 -9.51 13.19
C GLU B 312 31.09 -8.86 11.81
N LYS B 313 30.03 -8.98 11.02
CA LYS B 313 30.02 -8.39 9.69
C LYS B 313 30.04 -6.88 9.81
N LEU B 314 29.31 -6.36 10.79
CA LEU B 314 29.28 -4.92 11.01
C LEU B 314 30.66 -4.37 11.39
N PHE B 315 31.41 -5.15 12.17
CA PHE B 315 32.75 -4.76 12.56
C PHE B 315 33.61 -4.51 11.33
N HIS B 316 33.67 -5.51 10.46
CA HIS B 316 34.46 -5.42 9.25
C HIS B 316 33.93 -4.32 8.31
N LEU B 317 32.60 -4.18 8.24
CA LEU B 317 32.00 -3.15 7.41
C LEU B 317 32.40 -1.77 7.87
N ALA B 318 32.39 -1.56 9.19
CA ALA B 318 32.76 -0.27 9.74
C ALA B 318 34.22 0.01 9.41
N ARG B 319 35.08 -1.00 9.47
CA ARG B 319 36.50 -0.73 9.15
C ARG B 319 36.73 -0.46 7.67
N GLU B 320 35.92 -1.03 6.78
CA GLU B 320 36.20 -0.81 5.37
C GLU B 320 35.58 0.49 4.93
N VAL B 321 34.51 0.90 5.58
CA VAL B 321 33.93 2.18 5.24
C VAL B 321 34.93 3.25 5.68
N GLU B 322 35.67 2.98 6.76
CA GLU B 322 36.60 3.97 7.27
C GLU B 322 37.84 4.00 6.40
N ASN B 323 38.19 2.85 5.82
CA ASN B 323 39.27 2.82 4.84
C ASN B 323 38.88 3.69 3.64
N GLY B 324 37.62 3.62 3.23
CA GLY B 324 37.12 4.45 2.16
C GLY B 324 37.21 5.93 2.45
N ARG B 325 36.84 6.32 3.68
CA ARG B 325 36.87 7.72 4.07
C ARG B 325 38.33 8.19 4.10
N ILE B 326 39.20 7.34 4.61
CA ILE B 326 40.62 7.65 4.64
C ILE B 326 41.13 7.85 3.23
N ALA B 327 40.69 6.97 2.34
CA ALA B 327 41.13 7.02 0.95
C ALA B 327 40.76 8.37 0.35
N ARG B 328 39.50 8.77 0.50
CA ARG B 328 39.06 10.05 -0.04
C ARG B 328 39.84 11.20 0.59
N SER B 329 40.19 11.06 1.86
CA SER B 329 40.96 12.09 2.54
C SER B 329 42.39 12.17 2.00
N LEU B 330 43.02 11.03 1.75
CA LEU B 330 44.36 11.01 1.19
C LEU B 330 44.35 11.67 -0.20
N MET B 331 43.28 11.46 -0.96
CA MET B 331 43.17 12.09 -2.26
C MET B 331 43.10 13.61 -2.12
N LYS B 332 42.30 14.09 -1.17
CA LYS B 332 42.21 15.53 -0.92
C LYS B 332 43.58 16.11 -0.57
N LEU B 333 44.34 15.35 0.23
CA LEU B 333 45.69 15.74 0.62
C LEU B 333 46.63 15.90 -0.57
N LEU B 334 46.62 14.91 -1.45
CA LEU B 334 47.51 14.91 -2.61
C LEU B 334 47.16 16.04 -3.56
N THR B 335 45.87 16.36 -3.61
CA THR B 335 45.37 17.44 -4.44
C THR B 335 45.86 18.78 -3.93
N ILE B 336 45.97 18.92 -2.62
CA ILE B 336 46.34 20.19 -2.00
C ILE B 336 47.86 20.40 -2.01
N LEU B 337 48.61 19.37 -1.63
CA LEU B 337 50.04 19.56 -1.40
C LEU B 337 50.88 19.54 -2.67
N GLU B 338 51.93 20.36 -2.66
CA GLU B 338 52.87 20.49 -3.77
C GLU B 338 52.23 20.80 -5.13
N ARG B 339 51.38 21.84 -5.19
CA ARG B 339 50.83 22.27 -6.47
C ARG B 339 51.81 23.21 -7.15
N GLY B 340 51.63 23.38 -8.46
CA GLY B 340 52.45 24.33 -9.21
C GLY B 340 51.86 25.72 -9.11
N ASP B 341 50.74 25.81 -8.40
CA ASP B 341 50.08 27.08 -8.12
C ASP B 341 49.76 27.89 -9.38
N VAL B 345 47.34 31.94 -6.27
CA VAL B 345 48.48 32.75 -5.88
C VAL B 345 49.74 31.89 -6.02
N PRO B 346 50.93 32.50 -5.94
CA PRO B 346 52.20 31.76 -6.04
C PRO B 346 52.62 31.13 -4.71
N SER B 347 53.15 29.91 -4.74
CA SER B 347 53.65 29.26 -3.52
C SER B 347 52.53 28.97 -2.51
N TRP B 348 51.28 29.02 -2.98
CA TRP B 348 50.12 28.81 -2.12
C TRP B 348 50.27 27.55 -1.30
N SER B 349 50.86 26.51 -1.93
CA SER B 349 51.09 25.19 -1.35
C SER B 349 52.14 25.18 -0.25
N GLU B 350 53.05 26.14 -0.27
CA GLU B 350 54.16 26.14 0.67
C GLU B 350 53.97 27.19 1.77
N THR B 351 52.86 27.93 1.67
CA THR B 351 52.59 29.05 2.54
C THR B 351 51.30 28.86 3.34
N GLY B 352 51.21 29.57 4.46
CA GLY B 352 50.01 29.63 5.27
C GLY B 352 49.53 28.30 5.80
N ASP B 353 48.24 28.03 5.65
CA ASP B 353 47.66 26.79 6.13
C ASP B 353 48.35 25.56 5.55
N ARG B 354 48.58 25.60 4.24
CA ARG B 354 49.12 24.44 3.54
C ARG B 354 50.47 24.03 4.07
N TYR B 355 51.20 24.99 4.61
CA TYR B 355 52.56 24.70 5.07
C TYR B 355 52.51 23.71 6.24
N GLN B 356 51.59 23.94 7.17
CA GLN B 356 51.38 23.02 8.27
C GLN B 356 50.92 21.67 7.74
N LEU B 357 50.06 21.67 6.73
CA LEU B 357 49.59 20.42 6.13
C LEU B 357 50.75 19.62 5.55
N LYS B 358 51.70 20.28 4.89
CA LYS B 358 52.89 19.60 4.39
C LYS B 358 53.67 18.99 5.55
N LEU B 359 53.78 19.74 6.64
CA LEU B 359 54.52 19.27 7.79
C LEU B 359 53.76 18.08 8.42
N PHE B 360 52.43 18.16 8.38
CA PHE B 360 51.59 17.07 8.88
C PHE B 360 51.84 15.80 8.08
N ARG B 361 51.86 15.93 6.75
CA ARG B 361 52.12 14.79 5.87
C ARG B 361 53.46 14.15 6.19
N ASP B 362 54.44 14.98 6.52
CA ASP B 362 55.76 14.47 6.90
C ASP B 362 55.66 13.68 8.21
N TYR B 363 54.83 14.18 9.12
CA TYR B 363 54.64 13.52 10.41
C TYR B 363 53.98 12.15 10.25
N VAL B 364 53.01 12.09 9.34
CA VAL B 364 52.24 10.87 9.11
C VAL B 364 53.02 9.84 8.30
N PHE B 365 53.60 10.27 7.18
CA PHE B 365 54.12 9.32 6.20
C PHE B 365 55.64 9.22 6.11
N HIS B 366 56.35 10.20 6.68
CA HIS B 366 57.81 10.25 6.58
C HIS B 366 58.50 10.02 7.92
N ARG B 367 57.91 9.19 8.77
CA ARG B 367 58.50 8.84 10.05
C ARG B 367 59.84 8.13 9.90
N VAL B 368 60.70 8.29 10.90
CA VAL B 368 62.00 7.64 10.93
C VAL B 368 62.27 7.11 12.33
N ASP B 369 63.04 6.02 12.41
CA ASP B 369 63.47 5.50 13.70
C ASP B 369 64.52 6.41 14.32
N ALA B 370 64.90 6.11 15.56
CA ALA B 370 66.02 6.78 16.21
C ALA B 370 67.29 6.63 15.38
N ASP B 371 67.41 5.51 14.67
CA ASP B 371 68.58 5.22 13.86
C ASP B 371 68.58 5.96 12.53
N GLY B 372 67.49 6.68 12.24
CA GLY B 372 67.37 7.41 10.99
C GLY B 372 66.73 6.54 9.92
N LYS B 373 66.55 5.27 10.22
CA LYS B 373 65.92 4.33 9.29
C LYS B 373 64.46 4.77 9.13
N PRO B 374 63.92 4.67 7.92
CA PRO B 374 62.53 5.10 7.73
C PRO B 374 61.56 4.13 8.41
N ASN B 375 60.51 4.64 9.06
CA ASN B 375 59.47 3.79 9.63
C ASN B 375 58.25 3.70 8.71
N LEU B 376 57.83 2.47 8.44
CA LEU B 376 56.76 2.21 7.48
C LEU B 376 55.52 1.60 8.17
N SER B 377 55.36 1.87 9.46
CA SER B 377 54.22 1.36 10.21
C SER B 377 52.89 1.90 9.67
N ILE B 378 52.10 1.02 9.07
CA ILE B 378 50.82 1.40 8.48
C ILE B 378 49.84 1.87 9.56
N GLY B 379 50.03 1.36 10.77
CA GLY B 379 49.15 1.69 11.88
C GLY B 379 49.16 3.18 12.19
N HIS B 380 50.34 3.77 12.18
CA HIS B 380 50.46 5.20 12.48
C HIS B 380 49.70 6.03 11.44
N MET B 381 49.84 5.63 10.17
CA MET B 381 49.24 6.40 9.08
C MET B 381 47.73 6.40 9.12
N LEU B 382 47.13 5.23 9.33
CA LEU B 382 45.68 5.10 9.35
C LEU B 382 45.09 5.92 10.50
N THR B 383 45.69 5.76 11.68
CA THR B 383 45.20 6.41 12.89
C THR B 383 45.24 7.92 12.75
N CYS B 384 46.35 8.44 12.23
CA CYS B 384 46.49 9.89 12.09
C CYS B 384 45.42 10.46 11.15
N MET B 385 45.20 9.81 10.01
CA MET B 385 44.21 10.27 9.06
C MET B 385 42.80 10.18 9.64
N SER B 386 42.56 9.15 10.46
CA SER B 386 41.28 8.98 11.14
C SER B 386 41.05 10.12 12.13
N LYS B 387 42.09 10.43 12.91
CA LYS B 387 42.01 11.51 13.90
C LYS B 387 41.83 12.88 13.25
N LEU B 388 42.46 13.07 12.09
CA LEU B 388 42.29 14.31 11.32
C LEU B 388 40.84 14.46 10.86
N GLU B 389 40.32 13.41 10.25
CA GLU B 389 38.93 13.39 9.81
C GLU B 389 37.96 13.72 10.94
N ALA B 390 38.25 13.19 12.13
CA ALA B 390 37.39 13.35 13.29
C ALA B 390 37.57 14.71 13.96
N GLY B 391 38.71 15.37 13.69
CA GLY B 391 39.01 16.63 14.33
C GLY B 391 39.24 16.45 15.82
N VAL B 392 40.02 15.42 16.17
CA VAL B 392 40.26 15.10 17.56
C VAL B 392 40.93 16.23 18.33
N ASP B 393 40.60 16.34 19.62
CA ASP B 393 41.22 17.31 20.51
C ASP B 393 42.49 16.73 21.12
N GLU B 394 43.43 16.38 20.25
CA GLU B 394 44.71 15.84 20.69
C GLU B 394 45.80 16.60 19.97
N ASN B 395 46.85 16.95 20.70
CA ASN B 395 47.93 17.74 20.12
C ASN B 395 49.08 16.90 19.58
N ILE B 396 49.65 17.35 18.46
CA ILE B 396 50.82 16.72 17.87
C ILE B 396 51.91 17.74 17.58
N LEU B 397 53.14 17.25 17.41
CA LEU B 397 54.30 18.11 17.18
C LEU B 397 54.82 17.99 15.75
N LEU B 398 54.59 19.04 14.97
CA LEU B 398 55.06 19.14 13.60
C LEU B 398 56.33 19.97 13.54
N THR B 399 57.39 19.42 12.95
CA THR B 399 58.67 20.11 12.89
C THR B 399 58.94 20.57 11.46
N SER B 400 59.50 21.76 11.32
CA SER B 400 59.87 22.32 10.03
C SER B 400 60.92 21.46 9.34
N ARG B 401 61.00 21.58 8.02
CA ARG B 401 61.93 20.78 7.23
C ARG B 401 63.36 21.10 7.61
N ASP B 402 63.57 22.37 7.91
CA ASP B 402 64.84 22.90 8.39
C ASP B 402 65.22 22.24 9.72
N ASN B 403 64.22 21.92 10.53
CA ASN B 403 64.37 21.28 11.86
C ASN B 403 64.64 22.32 12.95
N GLU B 404 64.72 23.59 12.56
CA GLU B 404 64.87 24.67 13.52
C GLU B 404 63.57 24.90 14.28
N THR B 405 62.47 24.93 13.53
CA THR B 405 61.18 25.37 14.06
C THR B 405 60.23 24.22 14.31
N VAL B 406 59.38 24.37 15.32
CA VAL B 406 58.38 23.36 15.65
C VAL B 406 57.04 24.04 15.88
N PHE B 407 55.98 23.28 15.64
CA PHE B 407 54.62 23.74 15.76
C PHE B 407 53.86 22.69 16.56
N VAL B 408 52.99 23.15 17.45
CA VAL B 408 52.13 22.26 18.21
C VAL B 408 50.69 22.56 17.87
N LEU B 409 50.02 21.58 17.28
CA LEU B 409 48.64 21.71 16.84
C LEU B 409 47.79 20.54 17.29
N SER B 410 46.49 20.80 17.44
CA SER B 410 45.51 19.74 17.62
C SER B 410 45.03 19.26 16.25
N TYR B 411 44.55 18.03 16.19
CA TYR B 411 43.95 17.52 14.96
C TYR B 411 42.74 18.38 14.61
N ARG B 412 42.08 18.92 15.62
CA ARG B 412 40.89 19.74 15.38
C ARG B 412 41.28 20.99 14.57
N GLU B 413 42.36 21.62 14.99
CA GLU B 413 42.91 22.80 14.32
C GLU B 413 43.31 22.44 12.89
N LEU B 414 44.04 21.33 12.77
CA LEU B 414 44.47 20.82 11.46
C LEU B 414 43.30 20.59 10.51
N ARG B 415 42.20 20.03 11.00
CA ARG B 415 41.04 19.78 10.15
C ARG B 415 40.45 21.07 9.62
N GLN B 416 40.44 22.10 10.46
CA GLN B 416 39.94 23.41 10.05
C GLN B 416 40.78 23.92 8.89
N MET B 417 42.09 23.80 9.02
CA MET B 417 43.04 24.23 8.00
C MET B 417 42.86 23.43 6.71
N TYR B 418 42.79 22.11 6.88
CA TYR B 418 42.64 21.15 5.79
C TYR B 418 41.35 21.42 5.00
N ASP B 419 40.26 21.67 5.72
CA ASP B 419 38.99 21.93 5.06
C ASP B 419 39.01 23.25 4.32
N ARG B 420 39.66 24.25 4.92
CA ARG B 420 39.75 25.58 4.31
C ARG B 420 40.57 25.53 3.02
N ALA B 421 41.69 24.84 3.06
CA ALA B 421 42.55 24.71 1.90
C ALA B 421 41.77 24.07 0.76
N PHE B 422 41.03 23.01 1.07
CA PHE B 422 40.28 22.32 0.04
C PHE B 422 39.15 23.18 -0.51
N ASN B 423 38.41 23.86 0.37
CA ASN B 423 37.31 24.70 -0.07
C ASN B 423 37.78 25.86 -0.94
N GLU B 424 39.02 26.32 -0.73
CA GLU B 424 39.58 27.33 -1.60
C GLU B 424 39.70 26.78 -3.02
N LEU B 425 40.23 25.56 -3.14
CA LEU B 425 40.30 24.92 -4.46
C LEU B 425 38.92 24.76 -5.08
N VAL B 426 37.93 24.37 -4.28
CA VAL B 426 36.57 24.22 -4.80
C VAL B 426 36.07 25.56 -5.34
N LYS B 427 36.32 26.64 -4.60
CA LYS B 427 35.90 27.96 -5.05
C LYS B 427 36.50 28.28 -6.41
N ALA B 428 37.79 28.04 -6.56
CA ALA B 428 38.47 28.29 -7.83
C ALA B 428 37.76 27.53 -8.94
N SER B 429 37.19 26.38 -8.60
CA SER B 429 36.23 25.71 -9.48
C SER B 429 36.84 25.38 -10.83
N PRO C 8 -24.24 26.23 -31.07
CA PRO C 8 -25.18 25.13 -31.31
C PRO C 8 -25.39 24.27 -30.08
N TRP C 9 -24.29 23.99 -29.39
CA TRP C 9 -24.30 23.23 -28.15
C TRP C 9 -24.95 24.02 -27.02
N GLN C 10 -24.94 25.33 -27.16
CA GLN C 10 -25.46 26.22 -26.13
C GLN C 10 -26.99 26.20 -26.13
N ARG C 11 -27.57 25.60 -27.18
CA ARG C 11 -29.01 25.51 -27.29
C ARG C 11 -29.48 24.08 -27.04
N ALA C 12 -28.63 23.25 -26.44
CA ALA C 12 -29.01 21.88 -26.12
C ALA C 12 -30.05 21.88 -25.00
N THR C 13 -31.07 21.05 -25.14
CA THR C 13 -32.12 20.97 -24.12
C THR C 13 -31.58 20.39 -22.81
N TYR C 14 -32.26 20.71 -21.71
CA TYR C 14 -31.75 20.35 -20.40
C TYR C 14 -31.89 18.85 -20.10
N ASP C 15 -32.75 18.18 -20.88
CA ASP C 15 -33.00 16.75 -20.71
C ASP C 15 -32.09 15.86 -21.57
N PHE C 16 -30.90 16.33 -21.91
CA PHE C 16 -30.07 15.60 -22.86
C PHE C 16 -29.66 14.20 -22.41
N PHE C 17 -29.67 13.92 -21.11
CA PHE C 17 -29.22 12.61 -20.64
C PHE C 17 -30.38 11.90 -19.95
N MET C 18 -31.52 12.57 -19.90
CA MET C 18 -32.68 12.01 -19.21
C MET C 18 -33.48 11.10 -20.12
N PRO C 19 -33.78 9.86 -19.67
CA PRO C 19 -34.62 8.97 -20.48
C PRO C 19 -36.06 9.45 -20.66
N GLN C 20 -36.63 9.22 -21.85
CA GLN C 20 -38.01 9.58 -22.10
C GLN C 20 -38.95 8.96 -21.07
N ASN C 21 -38.80 7.66 -20.86
CA ASN C 21 -39.67 6.91 -19.94
C ASN C 21 -38.81 6.09 -18.99
N LEU C 22 -38.43 6.69 -17.87
CA LEU C 22 -37.54 6.06 -16.91
C LEU C 22 -38.13 4.78 -16.33
N ARG C 23 -39.42 4.79 -16.05
CA ARG C 23 -40.08 3.60 -15.51
C ARG C 23 -39.98 2.45 -16.48
N GLU C 24 -40.32 2.70 -17.73
CA GLU C 24 -40.30 1.64 -18.74
C GLU C 24 -38.87 1.17 -19.02
N ASP C 25 -37.94 2.12 -19.07
CA ASP C 25 -36.54 1.84 -19.33
C ASP C 25 -36.00 0.93 -18.22
N LEU C 26 -36.31 1.27 -16.97
CA LEU C 26 -35.86 0.48 -15.83
C LEU C 26 -36.43 -0.92 -15.85
N GLN C 27 -37.72 -1.03 -16.19
CA GLN C 27 -38.38 -2.33 -16.21
C GLN C 27 -37.75 -3.25 -17.26
N LYS C 28 -37.56 -2.72 -18.47
CA LYS C 28 -36.95 -3.49 -19.55
C LYS C 28 -35.52 -3.92 -19.25
N LYS C 29 -34.74 -3.01 -18.68
CA LYS C 29 -33.35 -3.33 -18.33
C LYS C 29 -33.30 -4.37 -17.23
N GLN C 30 -34.27 -4.34 -16.32
CA GLN C 30 -34.37 -5.36 -15.27
C GLN C 30 -34.61 -6.72 -15.88
N PHE C 31 -35.58 -6.81 -16.79
CA PHE C 31 -35.91 -8.06 -17.47
C PHE C 31 -34.73 -8.61 -18.28
N ALA C 32 -34.05 -7.74 -19.02
CA ALA C 32 -32.92 -8.16 -19.85
C ALA C 32 -31.80 -8.74 -19.00
N THR C 33 -31.70 -8.29 -17.75
CA THR C 33 -30.64 -8.74 -16.85
C THR C 33 -30.89 -10.15 -16.32
N LEU C 34 -32.15 -10.50 -16.13
CA LEU C 34 -32.52 -11.81 -15.58
C LEU C 34 -32.82 -12.84 -16.66
N GLN C 35 -33.01 -12.39 -17.90
CA GLN C 35 -33.28 -13.28 -19.02
C GLN C 35 -32.30 -14.45 -19.07
N VAL C 36 -32.83 -15.64 -19.35
CA VAL C 36 -32.00 -16.79 -19.71
C VAL C 36 -32.58 -17.49 -20.95
N ILE C 37 -31.80 -18.39 -21.52
CA ILE C 37 -32.20 -19.20 -22.68
C ILE C 37 -32.32 -20.67 -22.29
N PRO C 38 -33.53 -21.25 -22.43
CA PRO C 38 -33.83 -22.61 -21.93
C PRO C 38 -32.92 -23.74 -22.45
N ASN C 39 -32.53 -23.69 -23.72
CA ASN C 39 -31.68 -24.73 -24.28
C ASN C 39 -30.67 -24.15 -25.24
N SER C 40 -29.73 -23.39 -24.70
CA SER C 40 -28.61 -22.92 -25.49
C SER C 40 -27.62 -24.05 -25.62
N GLY C 41 -26.73 -23.95 -26.60
CA GLY C 41 -25.63 -24.88 -26.73
C GLY C 41 -24.49 -24.48 -25.80
N LEU C 42 -24.69 -23.39 -25.08
CA LEU C 42 -23.60 -22.74 -24.37
C LEU C 42 -23.19 -23.46 -23.09
N PRO C 43 -21.88 -23.46 -22.80
CA PRO C 43 -21.32 -24.12 -21.64
C PRO C 43 -21.42 -23.29 -20.36
N GLN C 44 -21.19 -23.93 -19.21
CA GLN C 44 -20.91 -23.21 -17.99
C GLN C 44 -19.41 -23.22 -17.82
N LEU C 45 -18.83 -22.05 -17.59
CA LEU C 45 -17.41 -21.97 -17.28
C LEU C 45 -17.27 -22.09 -15.76
N GLU C 46 -16.04 -22.29 -15.30
CA GLU C 46 -15.77 -22.57 -13.89
C GLU C 46 -16.42 -21.56 -12.94
N HIS C 47 -16.35 -20.28 -13.28
CA HIS C 47 -16.90 -19.21 -12.45
C HIS C 47 -18.08 -18.49 -13.10
N TRP C 48 -18.54 -18.99 -14.25
CA TRP C 48 -19.55 -18.29 -15.04
C TRP C 48 -20.69 -19.23 -15.45
N HIS C 49 -21.92 -18.75 -15.37
CA HIS C 49 -23.06 -19.53 -15.87
C HIS C 49 -24.18 -18.67 -16.45
N SER C 50 -25.20 -19.35 -16.96
CA SER C 50 -26.36 -18.70 -17.57
C SER C 50 -25.96 -17.78 -18.70
N LEU C 51 -24.98 -18.20 -19.49
CA LEU C 51 -24.58 -17.43 -20.66
C LEU C 51 -25.78 -17.20 -21.57
N VAL C 52 -25.96 -15.96 -21.99
CA VAL C 52 -27.01 -15.59 -22.92
C VAL C 52 -26.38 -14.75 -24.02
N PRO C 53 -26.54 -15.18 -25.28
CA PRO C 53 -25.94 -14.39 -26.35
C PRO C 53 -26.58 -13.03 -26.50
N LEU C 54 -25.79 -12.03 -26.90
CA LEU C 54 -26.29 -10.69 -27.16
C LEU C 54 -26.15 -10.34 -28.64
N ASP C 55 -25.38 -11.13 -29.37
CA ASP C 55 -25.24 -10.87 -30.80
C ASP C 55 -26.60 -11.04 -31.45
N THR C 56 -27.09 -9.98 -32.08
CA THR C 56 -28.40 -9.99 -32.71
C THR C 56 -28.46 -10.96 -33.90
N SER C 57 -27.42 -10.93 -34.73
CA SER C 57 -27.35 -11.83 -35.89
C SER C 57 -26.24 -12.88 -35.68
N ASN C 58 -26.58 -14.16 -35.80
CA ASN C 58 -25.61 -15.22 -35.58
C ASN C 58 -24.77 -15.53 -36.83
N ARG C 59 -23.79 -14.66 -37.08
CA ARG C 59 -22.87 -14.80 -38.20
C ARG C 59 -21.45 -14.45 -37.74
N LYS C 60 -20.42 -15.04 -38.34
CA LYS C 60 -19.02 -14.75 -37.97
C LYS C 60 -18.50 -13.42 -38.51
N ASN C 61 -18.02 -12.55 -37.61
CA ASN C 61 -17.36 -11.31 -38.02
C ASN C 61 -16.12 -11.00 -37.21
N THR C 62 -15.07 -10.53 -37.88
CA THR C 62 -13.74 -10.40 -37.30
C THR C 62 -13.09 -9.02 -37.46
N SER C 63 -13.75 -8.11 -38.16
CA SER C 63 -13.12 -6.92 -38.72
C SER C 63 -12.15 -6.18 -37.80
N CYS C 64 -12.56 -5.89 -36.57
CA CYS C 64 -11.70 -5.10 -35.68
C CYS C 64 -10.58 -5.88 -34.98
N PHE C 65 -10.86 -7.12 -34.58
CA PHE C 65 -9.92 -7.93 -33.79
C PHE C 65 -9.17 -9.00 -34.58
N GLY C 66 -9.70 -9.38 -35.73
CA GLY C 66 -9.07 -10.39 -36.56
C GLY C 66 -9.55 -11.80 -36.26
N TYR C 67 -10.52 -11.92 -35.37
CA TYR C 67 -11.07 -13.23 -34.99
C TYR C 67 -12.58 -13.09 -34.84
N PRO C 68 -13.31 -14.19 -35.05
CA PRO C 68 -14.75 -14.11 -34.79
C PRO C 68 -14.99 -13.75 -33.34
N SER C 69 -15.96 -12.89 -33.07
CA SER C 69 -16.22 -12.49 -31.70
C SER C 69 -17.69 -12.62 -31.35
N TRP C 70 -17.94 -13.03 -30.11
CA TRP C 70 -19.28 -13.15 -29.56
C TRP C 70 -19.34 -12.36 -28.26
N VAL C 71 -20.55 -11.93 -27.89
CA VAL C 71 -20.78 -11.28 -26.60
C VAL C 71 -21.88 -12.05 -25.88
N TYR C 72 -21.62 -12.43 -24.63
CA TYR C 72 -22.63 -13.09 -23.80
C TYR C 72 -22.88 -12.31 -22.52
N LYS C 73 -24.15 -12.18 -22.13
CA LYS C 73 -24.47 -11.86 -20.76
C LYS C 73 -24.18 -13.10 -19.94
N ALA C 74 -23.56 -12.96 -18.79
CA ALA C 74 -23.30 -14.10 -17.93
C ALA C 74 -23.32 -13.69 -16.49
N GLN C 75 -23.48 -14.66 -15.60
CA GLN C 75 -23.54 -14.37 -14.17
C GLN C 75 -22.39 -15.04 -13.48
N ASN C 76 -21.62 -14.25 -12.75
CA ASN C 76 -20.45 -14.77 -12.07
C ASN C 76 -20.88 -15.57 -10.84
N SER C 77 -20.17 -16.65 -10.52
CA SER C 77 -20.56 -17.50 -9.39
C SER C 77 -19.79 -17.14 -8.13
N ARG C 78 -18.69 -16.41 -8.29
CA ARG C 78 -17.88 -15.99 -7.15
C ARG C 78 -18.58 -14.88 -6.40
N ASN C 79 -19.03 -13.85 -7.12
CA ASN C 79 -19.96 -12.85 -6.59
C ASN C 79 -21.19 -13.13 -7.41
N GLY C 80 -22.32 -12.51 -7.12
CA GLY C 80 -23.53 -12.91 -7.84
C GLY C 80 -23.88 -12.03 -9.02
N ARG C 81 -22.91 -11.25 -9.50
CA ARG C 81 -23.20 -10.20 -10.47
C ARG C 81 -23.11 -10.61 -11.93
N HIS C 82 -23.74 -9.80 -12.79
CA HIS C 82 -23.77 -10.02 -14.22
C HIS C 82 -22.69 -9.22 -14.93
N TYR C 83 -22.00 -9.88 -15.87
CA TYR C 83 -20.98 -9.24 -16.66
C TYR C 83 -21.22 -9.54 -18.13
N ALA C 84 -20.57 -8.78 -18.98
CA ALA C 84 -20.61 -9.03 -20.41
C ALA C 84 -19.30 -9.70 -20.76
N LEU C 85 -19.38 -10.92 -21.29
CA LEU C 85 -18.19 -11.67 -21.69
C LEU C 85 -18.02 -11.58 -23.21
N ARG C 86 -16.94 -10.94 -23.64
CA ARG C 86 -16.57 -10.94 -25.05
C ARG C 86 -15.67 -12.15 -25.32
N ARG C 87 -16.06 -12.98 -26.27
CA ARG C 87 -15.30 -14.18 -26.60
C ARG C 87 -14.65 -14.03 -27.96
N LEU C 88 -13.34 -14.18 -28.02
CA LEU C 88 -12.64 -14.31 -29.30
C LEU C 88 -12.50 -15.79 -29.59
N GLU C 89 -13.18 -16.25 -30.63
CA GLU C 89 -13.23 -17.67 -30.97
C GLU C 89 -12.00 -18.14 -31.74
N GLY C 90 -11.48 -19.30 -31.36
CA GLY C 90 -10.35 -19.91 -32.07
C GLY C 90 -9.05 -19.17 -31.85
N TYR C 91 -8.93 -18.48 -30.73
CA TYR C 91 -7.69 -17.78 -30.39
C TYR C 91 -6.87 -18.56 -29.36
N ARG C 92 -5.59 -18.75 -29.64
CA ARG C 92 -4.70 -19.44 -28.71
C ARG C 92 -3.64 -18.51 -28.15
N LEU C 93 -3.65 -18.38 -26.83
CA LEU C 93 -2.72 -17.51 -26.17
C LEU C 93 -1.34 -18.20 -26.23
N THR C 94 -0.34 -17.46 -26.68
CA THR C 94 1.02 -17.98 -26.78
C THR C 94 1.95 -17.37 -25.73
N ASN C 95 1.55 -16.22 -25.17
CA ASN C 95 2.34 -15.57 -24.14
C ASN C 95 1.44 -15.03 -23.01
N GLU C 96 1.66 -15.51 -21.79
CA GLU C 96 0.81 -15.12 -20.66
C GLU C 96 1.00 -13.65 -20.27
N LYS C 97 2.15 -13.10 -20.63
CA LYS C 97 2.40 -11.68 -20.42
C LYS C 97 1.41 -10.81 -21.19
N ALA C 98 0.86 -11.34 -22.27
CA ALA C 98 -0.14 -10.61 -23.02
C ALA C 98 -1.31 -10.29 -22.08
N ILE C 99 -1.71 -11.28 -21.27
CA ILE C 99 -2.76 -11.07 -20.28
C ILE C 99 -2.26 -10.26 -19.07
N LEU C 100 -1.12 -10.61 -18.52
CA LEU C 100 -0.64 -9.99 -17.29
C LEU C 100 -0.35 -8.51 -17.45
N ASN C 101 0.41 -8.14 -18.48
CA ASN C 101 0.79 -6.75 -18.66
C ASN C 101 -0.39 -5.86 -19.03
N VAL C 102 -1.24 -6.34 -19.93
CA VAL C 102 -2.38 -5.56 -20.39
C VAL C 102 -3.35 -5.33 -19.21
N MET C 103 -3.60 -6.37 -18.43
CA MET C 103 -4.50 -6.23 -17.29
C MET C 103 -3.97 -5.32 -16.19
N LYS C 104 -2.66 -5.37 -15.96
CA LYS C 104 -2.02 -4.49 -15.00
C LYS C 104 -2.36 -3.06 -15.38
N ASP C 105 -2.28 -2.76 -16.67
CA ASP C 105 -2.62 -1.43 -17.17
C ASP C 105 -4.11 -1.08 -17.06
N TRP C 106 -4.98 -1.98 -17.49
CA TRP C 106 -6.38 -1.63 -17.69
C TRP C 106 -7.29 -1.80 -16.46
N LYS C 107 -6.84 -2.54 -15.46
CA LYS C 107 -7.64 -2.67 -14.24
C LYS C 107 -7.71 -1.36 -13.49
N LYS C 108 -6.72 -0.49 -13.66
CA LYS C 108 -6.75 0.84 -13.08
C LYS C 108 -7.89 1.67 -13.65
N ILE C 109 -8.16 1.51 -14.94
CA ILE C 109 -9.04 2.46 -15.63
C ILE C 109 -10.48 2.33 -15.18
N LYS C 110 -10.99 3.40 -14.61
CA LYS C 110 -12.39 3.52 -14.22
C LYS C 110 -12.87 4.86 -14.79
N ASN C 111 -13.76 4.78 -15.79
CA ASN C 111 -14.17 5.98 -16.51
C ASN C 111 -15.60 5.86 -17.01
N ALA C 112 -16.36 6.94 -16.89
CA ALA C 112 -17.79 6.91 -17.23
C ALA C 112 -18.04 6.56 -18.71
N SER C 113 -17.05 6.78 -19.55
CA SER C 113 -17.21 6.59 -21.00
C SER C 113 -16.42 5.38 -21.51
N ILE C 114 -15.93 4.55 -20.57
CA ILE C 114 -15.26 3.31 -20.92
C ILE C 114 -15.90 2.19 -20.14
N VAL C 115 -16.30 1.13 -20.83
CA VAL C 115 -16.78 -0.06 -20.17
C VAL C 115 -15.62 -0.69 -19.42
N THR C 116 -15.79 -0.83 -18.12
CA THR C 116 -14.73 -1.38 -17.28
C THR C 116 -14.44 -2.81 -17.68
N ILE C 117 -13.15 -3.14 -17.75
CA ILE C 117 -12.68 -4.50 -17.99
C ILE C 117 -12.22 -5.06 -16.64
N HIS C 118 -12.67 -6.26 -16.30
CA HIS C 118 -12.35 -6.85 -15.01
C HIS C 118 -11.35 -7.97 -15.11
N GLU C 119 -11.42 -8.73 -16.18
CA GLU C 119 -10.62 -9.94 -16.30
C GLU C 119 -10.42 -10.36 -17.74
N VAL C 120 -9.30 -11.01 -18.01
CA VAL C 120 -9.05 -11.66 -19.29
C VAL C 120 -8.61 -13.09 -19.03
N PHE C 121 -9.25 -14.06 -19.65
CA PHE C 121 -8.85 -15.46 -19.44
C PHE C 121 -9.12 -16.34 -20.65
N THR C 122 -8.30 -17.35 -20.83
CA THR C 122 -8.49 -18.34 -21.89
C THR C 122 -9.36 -19.47 -21.36
N THR C 123 -10.02 -20.17 -22.27
CA THR C 123 -10.86 -21.32 -21.94
C THR C 123 -11.03 -22.32 -23.08
N ARG C 124 -11.17 -23.59 -22.72
CA ARG C 124 -11.47 -24.66 -23.66
C ARG C 124 -12.90 -25.15 -23.55
N GLU C 125 -13.68 -24.48 -22.70
CA GLU C 125 -15.01 -24.96 -22.35
C GLU C 125 -16.05 -24.78 -23.46
N PHE C 126 -15.72 -23.99 -24.48
CA PHE C 126 -16.60 -23.82 -25.63
C PHE C 126 -16.29 -24.88 -26.70
N GLY C 127 -15.33 -25.76 -26.41
CA GLY C 127 -14.95 -26.82 -27.35
C GLY C 127 -13.87 -26.39 -28.31
N ASP C 128 -13.25 -25.25 -28.02
CA ASP C 128 -12.15 -24.72 -28.83
C ASP C 128 -11.23 -23.93 -27.93
N SER C 129 -10.13 -23.40 -28.45
CA SER C 129 -9.40 -22.39 -27.72
C SER C 129 -10.13 -21.07 -27.87
N SER C 130 -10.46 -20.42 -26.75
CA SER C 130 -11.12 -19.10 -26.80
C SER C 130 -10.52 -18.14 -25.79
N LEU C 131 -10.56 -16.85 -26.13
CA LEU C 131 -10.08 -15.81 -25.24
C LEU C 131 -11.26 -14.97 -24.78
N ILE C 132 -11.41 -14.84 -23.46
CA ILE C 132 -12.58 -14.19 -22.86
C ILE C 132 -12.21 -12.92 -22.11
N PHE C 133 -12.92 -11.84 -22.44
CA PHE C 133 -12.79 -10.56 -21.77
C PHE C 133 -14.06 -10.29 -21.00
N ALA C 134 -13.92 -10.10 -19.68
CA ALA C 134 -15.08 -9.84 -18.82
C ALA C 134 -15.24 -8.34 -18.57
N TYR C 135 -16.39 -7.82 -18.97
CA TYR C 135 -16.69 -6.39 -18.88
C TYR C 135 -17.92 -6.13 -18.02
N ASP C 136 -18.08 -4.91 -17.53
CA ASP C 136 -19.35 -4.49 -16.98
C ASP C 136 -20.45 -4.81 -17.98
N PHE C 137 -21.57 -5.32 -17.49
CA PHE C 137 -22.73 -5.52 -18.31
C PHE C 137 -23.65 -4.30 -18.24
N HIS C 138 -24.01 -3.79 -19.41
CA HIS C 138 -24.92 -2.66 -19.53
C HIS C 138 -26.16 -3.12 -20.33
N PRO C 139 -27.26 -3.45 -19.63
CA PRO C 139 -28.40 -4.10 -20.30
C PRO C 139 -29.02 -3.28 -21.43
N LEU C 140 -29.41 -3.97 -22.50
CA LEU C 140 -30.05 -3.34 -23.66
C LEU C 140 -29.22 -2.27 -24.33
N SER C 141 -27.91 -2.38 -24.24
CA SER C 141 -27.03 -1.52 -25.00
C SER C 141 -27.13 -1.83 -26.49
N LYS C 142 -26.99 -0.81 -27.33
CA LYS C 142 -26.86 -0.99 -28.76
C LYS C 142 -25.69 -0.16 -29.27
N THR C 143 -24.98 -0.67 -30.28
CA THR C 143 -23.82 0.03 -30.81
C THR C 143 -24.25 1.25 -31.63
N LEU C 144 -23.36 2.21 -31.77
CA LEU C 144 -23.62 3.38 -32.61
C LEU C 144 -23.91 2.94 -34.02
N GLN C 145 -23.34 1.82 -34.45
CA GLN C 145 -23.57 1.28 -35.79
C GLN C 145 -25.01 0.79 -35.96
N GLU C 146 -25.45 -0.08 -35.06
CA GLU C 146 -26.85 -0.52 -35.02
C GLU C 146 -27.79 0.67 -34.97
N HIS C 147 -27.40 1.71 -34.25
CA HIS C 147 -28.31 2.82 -33.97
C HIS C 147 -28.36 3.88 -35.08
N HIS C 148 -27.25 4.11 -35.76
CA HIS C 148 -27.18 5.18 -36.76
C HIS C 148 -27.13 4.73 -38.22
N PHE C 149 -26.82 3.48 -38.49
CA PHE C 149 -26.61 3.04 -39.88
C PHE C 149 -27.51 1.86 -40.22
N GLN C 150 -28.42 1.50 -39.33
CA GLN C 150 -29.34 0.40 -39.56
C GLN C 150 -30.54 0.96 -40.32
N PRO C 151 -30.71 0.58 -41.60
CA PRO C 151 -31.88 1.15 -42.30
C PRO C 151 -33.24 0.62 -41.81
N ILE C 152 -33.25 -0.40 -40.95
CA ILE C 152 -34.48 -0.83 -40.28
C ILE C 152 -34.43 -0.45 -38.81
N PRO C 161 -31.94 9.34 -40.29
CA PRO C 161 -32.01 10.80 -40.45
C PRO C 161 -30.74 11.49 -39.93
N ALA C 162 -30.53 12.74 -40.33
CA ALA C 162 -29.32 13.46 -39.94
C ALA C 162 -29.16 13.54 -38.41
N VAL C 163 -28.05 13.02 -37.93
CA VAL C 163 -27.71 13.13 -36.52
C VAL C 163 -27.58 14.62 -36.15
N PRO C 164 -28.36 15.09 -35.15
CA PRO C 164 -28.24 16.50 -34.76
C PRO C 164 -26.84 16.84 -34.25
N GLU C 165 -26.40 18.06 -34.53
CA GLU C 165 -25.05 18.49 -34.18
C GLU C 165 -24.81 18.36 -32.68
N ASN C 166 -25.86 18.57 -31.89
CA ASN C 166 -25.73 18.53 -30.45
C ASN C 166 -25.40 17.14 -29.96
N THR C 167 -26.07 16.15 -30.53
CA THR C 167 -25.77 14.76 -30.26
C THR C 167 -24.30 14.48 -30.58
N ILE C 168 -23.82 15.06 -31.68
CA ILE C 168 -22.44 14.85 -32.07
C ILE C 168 -21.47 15.48 -31.07
N TRP C 169 -21.75 16.68 -30.62
CA TRP C 169 -20.88 17.30 -29.62
C TRP C 169 -20.91 16.51 -28.30
N GLY C 170 -22.07 15.99 -27.93
CA GLY C 170 -22.20 15.14 -26.78
C GLY C 170 -21.33 13.90 -26.89
N TYR C 171 -21.31 13.30 -28.07
CA TYR C 171 -20.46 12.15 -28.32
C TYR C 171 -19.00 12.54 -28.20
N ILE C 172 -18.66 13.69 -28.77
CA ILE C 172 -17.28 14.13 -28.80
C ILE C 172 -16.74 14.32 -27.38
N CYS C 173 -17.56 14.92 -26.52
CA CYS C 173 -17.12 15.19 -25.14
C CYS C 173 -16.93 13.89 -24.36
N GLN C 174 -17.84 12.95 -24.54
CA GLN C 174 -17.71 11.66 -23.89
C GLN C 174 -16.48 10.88 -24.39
N ILE C 175 -16.25 10.91 -25.71
CA ILE C 175 -15.10 10.22 -26.26
C ILE C 175 -13.81 10.89 -25.81
N ALA C 176 -13.83 12.22 -25.79
CA ALA C 176 -12.69 12.99 -25.33
C ALA C 176 -12.40 12.66 -23.86
N ASN C 177 -13.46 12.47 -23.08
CA ASN C 177 -13.30 12.05 -21.69
C ASN C 177 -12.59 10.71 -21.61
N ALA C 178 -13.05 9.74 -22.40
CA ALA C 178 -12.38 8.45 -22.45
C ALA C 178 -10.89 8.57 -22.78
N LEU C 179 -10.57 9.34 -23.82
CA LEU C 179 -9.18 9.46 -24.26
C LEU C 179 -8.31 10.14 -23.22
N LYS C 180 -8.85 11.09 -22.45
CA LYS C 180 -8.05 11.74 -21.42
C LYS C 180 -7.57 10.69 -20.42
N THR C 181 -8.46 9.83 -20.00
CA THR C 181 -8.09 8.83 -19.01
C THR C 181 -7.17 7.81 -19.64
N ILE C 182 -7.47 7.40 -20.87
CA ILE C 182 -6.68 6.39 -21.55
C ILE C 182 -5.25 6.87 -21.83
N HIS C 183 -5.13 8.06 -22.41
CA HIS C 183 -3.82 8.57 -22.78
C HIS C 183 -2.96 8.92 -21.55
N SER C 184 -3.59 9.39 -20.48
CA SER C 184 -2.87 9.73 -19.25
C SER C 184 -2.20 8.52 -18.61
N ASN C 185 -2.80 7.35 -18.78
CA ASN C 185 -2.22 6.11 -18.26
C ASN C 185 -1.32 5.45 -19.32
N ARG C 186 -0.88 6.23 -20.29
CA ARG C 186 0.05 5.75 -21.32
C ARG C 186 -0.49 4.58 -22.12
N LEU C 187 -1.78 4.66 -22.45
CA LEU C 187 -2.46 3.65 -23.24
C LEU C 187 -3.06 4.31 -24.47
N ALA C 188 -3.65 3.50 -25.33
CA ALA C 188 -4.34 4.02 -26.50
C ALA C 188 -5.67 3.30 -26.66
N ALA C 189 -6.74 4.04 -26.91
CA ALA C 189 -7.98 3.39 -27.28
C ALA C 189 -7.72 2.90 -28.67
N ARG C 190 -7.60 1.60 -28.87
CA ARG C 190 -7.15 1.15 -30.18
C ARG C 190 -8.31 0.87 -31.10
N CYS C 191 -9.45 0.50 -30.53
CA CYS C 191 -10.67 0.30 -31.29
C CYS C 191 -11.64 1.44 -31.04
N LEU C 192 -11.83 2.30 -32.04
CA LEU C 192 -12.80 3.39 -31.97
C LEU C 192 -13.86 3.30 -33.09
N GLU C 193 -14.18 2.09 -33.51
CA GLU C 193 -15.23 1.90 -34.50
C GLU C 193 -16.61 2.11 -33.88
N PRO C 194 -17.57 2.58 -34.69
CA PRO C 194 -18.96 2.71 -34.27
C PRO C 194 -19.51 1.41 -33.70
N SER C 195 -19.08 0.27 -34.22
CA SER C 195 -19.59 -1.02 -33.75
C SER C 195 -19.06 -1.34 -32.35
N LYS C 196 -18.04 -0.60 -31.90
CA LYS C 196 -17.44 -0.86 -30.60
C LYS C 196 -17.61 0.31 -29.62
N ILE C 197 -18.60 1.16 -29.93
CA ILE C 197 -19.04 2.18 -29.00
C ILE C 197 -20.50 1.90 -28.78
N ILE C 198 -20.90 1.71 -27.53
CA ILE C 198 -22.28 1.36 -27.23
C ILE C 198 -23.02 2.48 -26.53
N LEU C 199 -24.27 2.66 -26.94
CA LEU C 199 -25.22 3.48 -26.22
C LEU C 199 -25.79 2.66 -25.06
N THR C 200 -25.43 3.04 -23.83
CA THR C 200 -25.95 2.38 -22.64
C THR C 200 -27.20 3.10 -22.11
N ASP C 201 -27.44 4.31 -22.60
CA ASP C 201 -28.65 5.07 -22.25
C ASP C 201 -28.78 6.19 -23.26
N ILE C 202 -29.81 7.01 -23.13
CA ILE C 202 -30.04 8.08 -24.08
C ILE C 202 -28.80 8.98 -24.15
N ASN C 203 -28.24 9.09 -25.38
CA ASN C 203 -27.07 9.92 -25.66
C ASN C 203 -25.82 9.58 -24.84
N ARG C 204 -25.83 8.41 -24.20
CA ARG C 204 -24.73 8.02 -23.32
C ARG C 204 -23.93 6.89 -23.98
N ILE C 205 -22.69 7.19 -24.38
CA ILE C 205 -21.86 6.21 -25.09
C ILE C 205 -20.64 5.78 -24.30
N ARG C 206 -20.22 4.54 -24.51
CA ARG C 206 -19.07 3.99 -23.80
C ARG C 206 -18.24 3.12 -24.72
N LEU C 207 -16.92 3.29 -24.72
CA LEU C 207 -16.06 2.43 -25.52
C LEU C 207 -16.18 1.03 -24.94
N SER C 208 -16.51 0.04 -25.77
CA SER C 208 -16.85 -1.28 -25.26
C SER C 208 -15.81 -2.38 -25.50
N ALA C 209 -14.72 -2.09 -26.21
CA ALA C 209 -13.79 -3.14 -26.61
C ALA C 209 -12.33 -2.83 -26.28
N CYS C 210 -12.09 -2.17 -25.16
CA CYS C 210 -10.79 -1.55 -24.95
C CYS C 210 -9.56 -2.45 -24.83
N ALA C 211 -9.61 -3.47 -23.98
CA ALA C 211 -8.40 -4.27 -23.75
C ALA C 211 -7.91 -5.12 -24.95
N ILE C 212 -8.83 -5.50 -25.82
CA ILE C 212 -8.65 -6.62 -26.74
C ILE C 212 -7.47 -6.49 -27.72
N LEU C 213 -7.32 -5.33 -28.35
CA LEU C 213 -6.25 -5.16 -29.32
C LEU C 213 -4.88 -5.24 -28.66
N ASP C 214 -4.79 -4.74 -27.43
CA ASP C 214 -3.54 -4.77 -26.65
C ASP C 214 -3.04 -6.22 -26.45
N VAL C 215 -3.99 -7.12 -26.17
CA VAL C 215 -3.64 -8.52 -25.95
C VAL C 215 -3.31 -9.23 -27.24
N VAL C 216 -4.18 -9.05 -28.22
CA VAL C 216 -4.08 -9.77 -29.49
C VAL C 216 -2.81 -9.43 -30.27
N GLN C 217 -2.40 -8.16 -30.19
CA GLN C 217 -1.26 -7.67 -30.93
C GLN C 217 -0.05 -7.50 -30.04
N PHE C 218 -0.06 -8.12 -28.87
CA PHE C 218 0.95 -7.84 -27.87
C PHE C 218 2.41 -7.97 -28.39
N GLY C 219 2.89 -9.16 -28.71
CA GLY C 219 4.22 -9.21 -29.29
C GLY C 219 4.44 -8.34 -30.53
N MET C 220 3.48 -8.43 -31.45
CA MET C 220 3.61 -7.92 -32.81
C MET C 220 3.67 -6.41 -33.04
N ASN C 221 2.80 -5.64 -32.39
CA ASN C 221 2.76 -4.22 -32.71
C ASN C 221 3.97 -3.52 -32.10
N SER C 222 4.72 -2.84 -32.95
CA SER C 222 5.97 -2.19 -32.54
C SER C 222 5.83 -0.68 -32.47
N ARG C 223 4.69 -0.13 -32.85
CA ARG C 223 4.55 1.32 -32.79
C ARG C 223 4.56 1.77 -31.34
N SER C 224 5.07 2.98 -31.09
CA SER C 224 5.14 3.51 -29.74
C SER C 224 3.75 3.85 -29.22
N VAL C 225 3.66 4.09 -27.92
CA VAL C 225 2.41 4.51 -27.31
C VAL C 225 1.91 5.79 -27.96
N VAL C 226 2.79 6.78 -28.08
CA VAL C 226 2.38 8.07 -28.61
C VAL C 226 1.92 7.89 -30.05
N GLU C 227 2.55 6.96 -30.77
CA GLU C 227 2.18 6.71 -32.16
C GLU C 227 0.75 6.17 -32.23
N LEU C 228 0.44 5.19 -31.38
CA LEU C 228 -0.91 4.66 -31.31
C LEU C 228 -1.93 5.71 -30.89
N GLN C 229 -1.51 6.63 -30.02
CA GLN C 229 -2.38 7.72 -29.60
C GLN C 229 -2.70 8.67 -30.75
N GLN C 230 -1.72 8.98 -31.58
CA GLN C 230 -1.98 9.78 -32.78
C GLN C 230 -3.02 9.10 -33.66
N GLU C 231 -2.95 7.77 -33.78
CA GLU C 231 -3.91 7.03 -34.59
C GLU C 231 -5.32 7.10 -33.97
N ASP C 232 -5.40 7.24 -32.64
CA ASP C 232 -6.69 7.40 -31.97
C ASP C 232 -7.41 8.65 -32.46
N PHE C 233 -6.67 9.75 -32.58
CA PHE C 233 -7.29 10.97 -33.06
C PHE C 233 -7.84 10.81 -34.47
N VAL C 234 -7.11 10.14 -35.35
CA VAL C 234 -7.59 9.93 -36.71
C VAL C 234 -8.88 9.10 -36.70
N LYS C 235 -8.89 8.02 -35.93
CA LYS C 235 -10.07 7.16 -35.87
C LYS C 235 -11.27 7.91 -35.29
N PHE C 236 -11.00 8.75 -34.30
CA PHE C 236 -12.01 9.62 -33.69
C PHE C 236 -12.63 10.52 -34.76
N GLY C 237 -11.77 11.17 -35.55
CA GLY C 237 -12.21 12.01 -36.65
C GLY C 237 -13.05 11.26 -37.66
N LYS C 238 -12.64 10.04 -37.98
CA LYS C 238 -13.35 9.22 -38.95
C LYS C 238 -14.69 8.77 -38.40
N LEU C 239 -14.75 8.54 -37.09
CA LEU C 239 -16.00 8.20 -36.44
C LEU C 239 -17.00 9.34 -36.61
N ILE C 240 -16.55 10.56 -36.31
CA ILE C 240 -17.41 11.73 -36.40
C ILE C 240 -17.84 11.94 -37.84
N LEU C 241 -16.90 11.74 -38.75
CA LEU C 241 -17.17 11.90 -40.17
C LEU C 241 -18.20 10.88 -40.61
N SER C 242 -18.08 9.66 -40.08
CA SER C 242 -19.06 8.61 -40.40
C SER C 242 -20.47 8.97 -39.95
N LEU C 243 -20.62 9.48 -38.74
CA LEU C 243 -21.93 9.83 -38.21
C LEU C 243 -22.54 11.02 -38.92
N ALA C 244 -21.69 11.98 -39.25
CA ALA C 244 -22.14 13.22 -39.87
C ALA C 244 -22.71 13.00 -41.27
N THR C 245 -22.06 12.13 -42.05
CA THR C 245 -22.38 11.94 -43.46
C THR C 245 -23.08 10.61 -43.70
N GLY C 246 -23.36 9.87 -42.65
CA GLY C 246 -24.06 8.61 -42.77
C GLY C 246 -23.26 7.55 -43.51
N THR C 247 -21.95 7.73 -43.64
CA THR C 247 -21.12 6.76 -44.35
C THR C 247 -20.24 6.00 -43.37
N LEU C 248 -20.32 4.67 -43.40
CA LEU C 248 -19.58 3.86 -42.44
C LEU C 248 -18.09 4.04 -42.74
N PRO C 249 -17.22 3.88 -41.73
CA PRO C 249 -15.79 4.15 -42.01
C PRO C 249 -15.24 3.29 -43.14
N ALA C 250 -15.83 2.12 -43.38
CA ALA C 250 -15.37 1.23 -44.44
C ALA C 250 -15.56 1.89 -45.81
N HIS C 251 -16.68 2.58 -45.99
CA HIS C 251 -16.94 3.30 -47.23
C HIS C 251 -16.21 4.65 -47.33
N LEU C 252 -15.50 5.07 -46.29
CA LEU C 252 -14.85 6.40 -46.30
C LEU C 252 -13.55 6.44 -47.11
N ASN C 253 -13.68 6.36 -48.44
CA ASN C 253 -12.51 6.41 -49.31
C ASN C 253 -11.99 7.82 -49.47
N ASN C 254 -12.91 8.77 -49.58
CA ASN C 254 -12.55 10.16 -49.86
C ASN C 254 -12.80 11.07 -48.66
N ILE C 255 -11.74 11.37 -47.92
CA ILE C 255 -11.86 12.16 -46.71
C ILE C 255 -12.22 13.62 -46.99
N PRO C 256 -11.53 14.26 -47.95
CA PRO C 256 -11.91 15.64 -48.27
C PRO C 256 -13.35 15.78 -48.76
N ALA C 257 -13.79 14.83 -49.58
CA ALA C 257 -15.17 14.85 -50.07
C ALA C 257 -16.15 14.67 -48.91
N ALA C 258 -15.75 13.85 -47.93
CA ALA C 258 -16.58 13.63 -46.76
C ALA C 258 -16.61 14.89 -45.90
N LEU C 259 -15.47 15.56 -45.80
CA LEU C 259 -15.34 16.77 -45.00
C LEU C 259 -16.21 17.91 -45.53
N GLU C 260 -16.28 18.04 -46.85
CA GLU C 260 -17.09 19.10 -47.45
C GLU C 260 -18.58 18.86 -47.18
N THR C 261 -18.98 17.59 -47.25
CA THR C 261 -20.34 17.21 -46.92
C THR C 261 -20.66 17.68 -45.51
N LEU C 262 -19.73 17.39 -44.59
CA LEU C 262 -19.88 17.80 -43.20
C LEU C 262 -19.93 19.32 -43.08
N GLY C 263 -19.08 20.02 -43.83
CA GLY C 263 -19.03 21.47 -43.80
C GLY C 263 -20.34 22.11 -44.22
N ASN C 264 -21.11 21.40 -45.04
CA ASN C 264 -22.39 21.91 -45.51
C ASN C 264 -23.52 21.65 -44.52
N LYS C 265 -23.46 20.51 -43.83
CA LYS C 265 -24.54 20.10 -42.94
C LYS C 265 -24.34 20.59 -41.50
N TYR C 266 -23.12 20.96 -41.14
CA TYR C 266 -22.81 21.29 -39.76
C TYR C 266 -21.96 22.53 -39.63
N SER C 267 -21.88 23.03 -38.40
CA SER C 267 -21.16 24.26 -38.08
C SER C 267 -19.69 24.21 -38.46
N ALA C 268 -19.09 25.38 -38.63
CA ALA C 268 -17.67 25.46 -38.94
C ALA C 268 -16.86 24.94 -37.77
N ASN C 269 -17.39 25.10 -36.57
CA ASN C 269 -16.74 24.59 -35.37
C ASN C 269 -16.58 23.07 -35.42
N LEU C 270 -17.63 22.38 -35.84
CA LEU C 270 -17.53 20.93 -35.96
C LEU C 270 -16.54 20.53 -37.05
N LYS C 271 -16.63 21.18 -38.21
CA LYS C 271 -15.74 20.89 -39.32
C LYS C 271 -14.30 21.11 -38.92
N SER C 272 -14.06 22.19 -38.19
CA SER C 272 -12.72 22.53 -37.77
C SER C 272 -12.17 21.51 -36.77
N ALA C 273 -13.01 21.06 -35.84
CA ALA C 273 -12.61 20.07 -34.85
C ALA C 273 -12.27 18.73 -35.51
N VAL C 274 -13.15 18.27 -36.38
CA VAL C 274 -12.95 17.01 -37.09
C VAL C 274 -11.69 17.10 -37.92
N ASN C 275 -11.47 18.28 -38.50
CA ASN C 275 -10.30 18.48 -39.33
C ASN C 275 -9.00 18.34 -38.55
N TRP C 276 -8.99 18.88 -37.33
CA TRP C 276 -7.83 18.74 -36.43
C TRP C 276 -7.57 17.26 -36.13
N LEU C 277 -8.65 16.50 -35.95
CA LEU C 277 -8.52 15.08 -35.63
C LEU C 277 -7.96 14.29 -36.81
N LEU C 278 -8.34 14.68 -38.03
CA LEU C 278 -7.91 13.95 -39.22
C LEU C 278 -6.49 14.35 -39.66
N ASP C 279 -6.10 15.57 -39.38
CA ASP C 279 -4.85 16.12 -39.90
C ASP C 279 -3.57 15.49 -39.34
N THR C 280 -2.87 14.74 -40.18
CA THR C 280 -1.55 14.20 -39.82
C THR C 280 -0.38 15.01 -40.41
N SER C 281 -0.71 16.05 -41.16
CA SER C 281 0.28 16.81 -41.93
C SER C 281 0.95 17.94 -41.15
N SER C 282 0.28 18.46 -40.12
CA SER C 282 0.75 19.63 -39.39
C SER C 282 2.14 19.49 -38.78
N GLY C 283 2.63 18.26 -38.67
CA GLY C 283 3.92 18.01 -38.07
C GLY C 283 3.90 18.20 -36.55
N GLU C 284 2.75 18.55 -36.00
CA GLU C 284 2.62 18.80 -34.57
C GLU C 284 2.02 17.57 -33.88
N THR C 285 2.62 17.13 -32.77
CA THR C 285 2.06 16.04 -31.99
C THR C 285 0.70 16.41 -31.41
N LYS C 286 -0.34 15.69 -31.84
CA LYS C 286 -1.68 15.92 -31.33
C LYS C 286 -1.82 15.38 -29.92
N THR C 287 -2.45 16.18 -29.07
CA THR C 287 -2.55 15.89 -27.64
C THR C 287 -3.98 16.02 -27.19
N ILE C 288 -4.41 15.15 -26.30
CA ILE C 288 -5.79 15.19 -25.79
C ILE C 288 -6.02 16.47 -24.99
N GLU C 289 -4.99 16.95 -24.31
CA GLU C 289 -5.04 18.26 -23.68
C GLU C 289 -5.32 19.39 -24.67
N HIS C 290 -4.67 19.37 -25.83
CA HIS C 290 -4.90 20.42 -26.81
C HIS C 290 -6.34 20.32 -27.30
N PHE C 291 -6.79 19.10 -27.54
CA PHE C 291 -8.12 18.90 -28.10
C PHE C 291 -9.19 19.39 -27.12
N MET C 292 -9.02 19.07 -25.85
CA MET C 292 -9.96 19.49 -24.82
C MET C 292 -10.06 21.02 -24.77
N THR C 293 -8.90 21.67 -24.85
CA THR C 293 -8.85 23.13 -24.79
C THR C 293 -9.73 23.69 -25.88
N GLY C 294 -9.77 23.00 -27.02
CA GLY C 294 -10.57 23.49 -28.13
C GLY C 294 -12.06 23.24 -28.01
N ILE C 295 -12.49 22.39 -27.08
CA ILE C 295 -13.92 22.10 -26.89
C ILE C 295 -14.42 22.39 -25.47
N ALA C 296 -13.74 23.32 -24.79
CA ALA C 296 -14.02 23.65 -23.39
C ALA C 296 -15.46 24.10 -23.18
N SER C 297 -15.98 24.90 -24.10
CA SER C 297 -17.35 25.40 -23.99
C SER C 297 -18.33 24.24 -24.02
N GLN C 298 -18.11 23.32 -24.97
CA GLN C 298 -18.96 22.15 -25.08
C GLN C 298 -18.92 21.28 -23.81
N MET C 299 -17.73 21.10 -23.27
CA MET C 299 -17.55 20.28 -22.09
C MET C 299 -18.31 20.86 -20.90
N THR C 300 -18.28 22.18 -20.79
CA THR C 300 -18.98 22.87 -19.72
C THR C 300 -20.48 22.66 -19.84
N THR C 301 -21.01 22.76 -21.05
CA THR C 301 -22.43 22.50 -21.29
C THR C 301 -22.82 21.09 -20.90
N PHE C 302 -22.01 20.11 -21.29
CA PHE C 302 -22.40 18.73 -21.02
C PHE C 302 -22.18 18.34 -19.56
N PHE C 303 -21.24 19.01 -18.89
CA PHE C 303 -21.11 18.90 -17.44
C PHE C 303 -22.42 19.36 -16.77
N ASP C 304 -22.92 20.51 -17.21
CA ASP C 304 -24.17 21.04 -16.67
C ASP C 304 -25.32 20.04 -16.89
N LEU C 305 -25.40 19.50 -18.09
CA LEU C 305 -26.46 18.55 -18.45
C LEU C 305 -26.37 17.27 -17.63
N ALA C 306 -25.15 16.86 -17.31
CA ALA C 306 -24.93 15.69 -16.47
C ALA C 306 -25.47 15.98 -15.08
N LEU C 307 -25.21 17.18 -14.56
CA LEU C 307 -25.68 17.55 -13.24
C LEU C 307 -27.21 17.65 -13.18
N GLN C 308 -27.83 18.09 -14.27
CA GLN C 308 -29.29 18.20 -14.25
C GLN C 308 -29.92 16.82 -14.22
N ASP C 309 -29.32 15.87 -14.92
CA ASP C 309 -29.76 14.49 -14.86
C ASP C 309 -29.49 13.88 -13.47
N ASN C 310 -28.38 14.27 -12.86
CA ASN C 310 -28.10 13.87 -11.49
C ASN C 310 -29.26 14.29 -10.57
N ASP C 311 -29.71 15.53 -10.73
CA ASP C 311 -30.80 16.04 -9.90
C ASP C 311 -32.09 15.28 -10.21
N GLU C 312 -32.31 14.98 -11.48
CA GLU C 312 -33.50 14.25 -11.89
C GLU C 312 -33.54 12.87 -11.23
N LYS C 313 -32.41 12.18 -11.23
CA LYS C 313 -32.33 10.85 -10.63
C LYS C 313 -32.50 10.93 -9.11
N LEU C 314 -31.92 11.96 -8.52
CA LEU C 314 -32.03 12.16 -7.09
C LEU C 314 -33.50 12.35 -6.71
N PHE C 315 -34.23 13.07 -7.55
CA PHE C 315 -35.66 13.29 -7.33
C PHE C 315 -36.40 11.96 -7.23
N HIS C 316 -36.21 11.11 -8.23
CA HIS C 316 -36.87 9.80 -8.24
C HIS C 316 -36.42 8.88 -7.10
N LEU C 317 -35.15 8.99 -6.76
CA LEU C 317 -34.60 8.16 -5.69
C LEU C 317 -35.28 8.48 -4.35
N ALA C 318 -35.52 9.77 -4.11
CA ALA C 318 -36.17 10.23 -2.88
C ALA C 318 -37.60 9.70 -2.74
N ARG C 319 -38.32 9.63 -3.84
CA ARG C 319 -39.70 9.12 -3.89
C ARG C 319 -39.78 7.60 -3.70
N GLU C 320 -38.72 6.89 -4.09
CA GLU C 320 -38.67 5.42 -4.04
C GLU C 320 -38.05 4.83 -2.77
N VAL C 321 -37.49 5.69 -1.93
CA VAL C 321 -36.70 5.26 -0.76
C VAL C 321 -37.36 4.33 0.28
N GLU C 322 -38.68 4.40 0.45
CA GLU C 322 -39.37 3.55 1.42
C GLU C 322 -39.67 2.12 0.95
N ASN C 323 -39.52 1.87 -0.36
CA ASN C 323 -39.88 0.58 -0.95
C ASN C 323 -39.24 -0.67 -0.34
N GLY C 324 -37.96 -0.61 -0.02
CA GLY C 324 -37.31 -1.74 0.62
C GLY C 324 -37.97 -2.07 1.94
N ARG C 325 -38.33 -1.03 2.68
CA ARG C 325 -38.96 -1.20 3.98
C ARG C 325 -40.35 -1.84 3.90
N ILE C 326 -41.14 -1.42 2.91
CA ILE C 326 -42.45 -2.00 2.69
C ILE C 326 -42.28 -3.46 2.33
N ALA C 327 -41.30 -3.72 1.47
CA ALA C 327 -41.00 -5.07 1.03
C ALA C 327 -40.62 -5.98 2.20
N ARG C 328 -39.72 -5.53 3.06
CA ARG C 328 -39.28 -6.35 4.19
C ARG C 328 -40.45 -6.71 5.12
N SER C 329 -41.41 -5.81 5.26
CA SER C 329 -42.57 -6.05 6.12
C SER C 329 -43.47 -7.14 5.54
N LEU C 330 -43.75 -7.03 4.24
CA LEU C 330 -44.55 -8.02 3.54
C LEU C 330 -43.86 -9.38 3.58
N MET C 331 -42.54 -9.37 3.49
CA MET C 331 -41.79 -10.63 3.53
C MET C 331 -41.92 -11.32 4.89
N LYS C 332 -41.78 -10.57 6.00
CA LYS C 332 -41.95 -11.17 7.32
C LYS C 332 -43.32 -11.83 7.42
N LEU C 333 -44.33 -11.15 6.90
CA LEU C 333 -45.68 -11.66 6.95
C LEU C 333 -45.77 -13.00 6.23
N LEU C 334 -45.23 -13.07 5.01
CA LEU C 334 -45.26 -14.29 4.21
C LEU C 334 -44.39 -15.40 4.82
N THR C 335 -43.31 -15.00 5.47
CA THR C 335 -42.40 -15.92 6.14
C THR C 335 -43.06 -16.56 7.36
N ILE C 336 -43.91 -15.80 8.05
CA ILE C 336 -44.53 -16.26 9.29
C ILE C 336 -45.77 -17.13 9.04
N LEU C 337 -46.64 -16.69 8.12
CA LEU C 337 -47.95 -17.32 7.96
C LEU C 337 -47.97 -18.58 7.08
N GLU C 338 -48.84 -19.52 7.45
CA GLU C 338 -49.04 -20.79 6.74
C GLU C 338 -47.78 -21.60 6.48
N ARG C 339 -47.01 -21.87 7.52
CA ARG C 339 -45.87 -22.76 7.41
C ARG C 339 -46.31 -24.20 7.59
N GLY C 340 -47.42 -24.38 8.30
CA GLY C 340 -47.99 -25.70 8.52
C GLY C 340 -49.18 -25.64 9.47
N GLY C 352 -54.75 -19.83 18.84
CA GLY C 352 -54.28 -18.85 19.81
C GLY C 352 -53.87 -17.56 19.13
N ASP C 353 -52.67 -17.08 19.46
CA ASP C 353 -52.13 -15.86 18.86
C ASP C 353 -52.17 -15.98 17.34
N ARG C 354 -51.78 -17.14 16.83
CA ARG C 354 -51.64 -17.32 15.39
C ARG C 354 -52.96 -16.98 14.69
N TYR C 355 -54.08 -17.20 15.37
CA TYR C 355 -55.37 -16.97 14.73
C TYR C 355 -55.60 -15.48 14.42
N GLN C 356 -55.22 -14.61 15.36
CA GLN C 356 -55.32 -13.16 15.12
C GLN C 356 -54.43 -12.77 13.95
N LEU C 357 -53.25 -13.38 13.87
CA LEU C 357 -52.33 -13.10 12.79
C LEU C 357 -52.96 -13.46 11.44
N LYS C 358 -53.64 -14.60 11.40
CA LYS C 358 -54.36 -15.00 10.20
C LYS C 358 -55.45 -14.00 9.87
N LEU C 359 -56.16 -13.54 10.89
CA LEU C 359 -57.28 -12.62 10.68
C LEU C 359 -56.83 -11.26 10.20
N PHE C 360 -55.69 -10.80 10.70
CA PHE C 360 -55.16 -9.52 10.23
C PHE C 360 -54.86 -9.59 8.73
N ARG C 361 -54.25 -10.69 8.27
CA ARG C 361 -53.98 -10.83 6.84
C ARG C 361 -55.26 -10.78 6.00
N ASP C 362 -56.34 -11.38 6.52
CA ASP C 362 -57.62 -11.36 5.82
C ASP C 362 -58.19 -9.95 5.79
N TYR C 363 -57.96 -9.23 6.89
CA TYR C 363 -58.46 -7.87 7.05
C TYR C 363 -57.80 -6.95 6.02
N VAL C 364 -56.50 -7.13 5.85
CA VAL C 364 -55.72 -6.29 4.94
C VAL C 364 -55.88 -6.70 3.47
N PHE C 365 -55.73 -7.98 3.18
CA PHE C 365 -55.56 -8.45 1.81
C PHE C 365 -56.78 -9.15 1.21
N HIS C 366 -57.74 -9.52 2.06
CA HIS C 366 -58.93 -10.23 1.59
C HIS C 366 -60.18 -9.41 1.78
N ARG C 367 -60.07 -8.08 1.66
CA ARG C 367 -61.22 -7.24 1.85
C ARG C 367 -62.26 -7.68 0.81
N VAL C 368 -63.53 -7.59 1.19
CA VAL C 368 -64.61 -8.03 0.32
C VAL C 368 -65.84 -7.11 0.30
N ASP C 369 -66.53 -7.10 -0.84
CA ASP C 369 -67.76 -6.33 -1.03
C ASP C 369 -68.85 -6.99 -0.18
N ALA C 370 -69.98 -6.29 0.01
CA ALA C 370 -71.08 -6.84 0.80
C ALA C 370 -71.58 -8.17 0.20
N ASP C 371 -71.65 -8.22 -1.12
CA ASP C 371 -72.06 -9.42 -1.86
C ASP C 371 -70.94 -10.43 -2.15
N GLY C 372 -69.76 -10.16 -1.60
CA GLY C 372 -68.62 -11.06 -1.78
C GLY C 372 -67.61 -10.70 -2.86
N LYS C 373 -67.86 -9.66 -3.66
CA LYS C 373 -66.85 -9.31 -4.65
C LYS C 373 -65.61 -8.76 -3.95
N PRO C 374 -64.41 -9.16 -4.41
CA PRO C 374 -63.18 -8.76 -3.73
C PRO C 374 -62.81 -7.29 -3.88
N ASN C 375 -62.34 -6.67 -2.81
CA ASN C 375 -61.83 -5.30 -2.89
C ASN C 375 -60.31 -5.34 -2.97
N LEU C 376 -59.77 -4.63 -3.95
CA LEU C 376 -58.34 -4.67 -4.25
C LEU C 376 -57.69 -3.30 -4.01
N SER C 377 -58.25 -2.52 -3.10
CA SER C 377 -57.73 -1.18 -2.83
C SER C 377 -56.29 -1.24 -2.32
N ILE C 378 -55.36 -0.76 -3.14
CA ILE C 378 -53.94 -0.76 -2.75
C ILE C 378 -53.73 0.18 -1.57
N GLY C 379 -54.55 1.22 -1.50
CA GLY C 379 -54.49 2.20 -0.42
C GLY C 379 -54.72 1.57 0.94
N HIS C 380 -55.70 0.67 1.02
CA HIS C 380 -56.01 0.01 2.28
C HIS C 380 -54.81 -0.82 2.73
N MET C 381 -54.18 -1.50 1.77
CA MET C 381 -53.03 -2.37 2.09
C MET C 381 -51.83 -1.57 2.58
N LEU C 382 -51.51 -0.50 1.87
CA LEU C 382 -50.37 0.33 2.24
C LEU C 382 -50.58 0.93 3.62
N THR C 383 -51.78 1.46 3.86
CA THR C 383 -52.08 2.10 5.13
C THR C 383 -51.97 1.13 6.30
N CYS C 384 -52.56 -0.05 6.14
CA CYS C 384 -52.51 -1.04 7.22
C CYS C 384 -51.08 -1.46 7.52
N MET C 385 -50.32 -1.74 6.46
CA MET C 385 -48.94 -2.18 6.62
C MET C 385 -48.10 -1.07 7.24
N SER C 386 -48.43 0.17 6.91
CA SER C 386 -47.75 1.31 7.50
C SER C 386 -48.02 1.40 9.01
N LYS C 387 -49.28 1.25 9.40
CA LYS C 387 -49.65 1.30 10.81
C LYS C 387 -49.06 0.14 11.61
N LEU C 388 -49.00 -1.04 10.98
CA LEU C 388 -48.38 -2.20 11.60
C LEU C 388 -46.89 -1.92 11.83
N GLU C 389 -46.24 -1.46 10.78
CA GLU C 389 -44.82 -1.12 10.81
C GLU C 389 -44.45 -0.19 11.96
N ALA C 390 -45.27 0.84 12.15
CA ALA C 390 -44.99 1.86 13.17
C ALA C 390 -45.42 1.40 14.56
N GLY C 391 -46.29 0.40 14.63
CA GLY C 391 -46.84 -0.06 15.90
C GLY C 391 -47.74 0.98 16.54
N VAL C 392 -48.57 1.61 15.72
CA VAL C 392 -49.48 2.67 16.16
C VAL C 392 -50.48 2.16 17.22
N ASP C 393 -50.98 3.06 18.07
CA ASP C 393 -51.91 2.67 19.14
C ASP C 393 -53.36 2.54 18.69
N GLU C 394 -53.65 2.99 17.48
CA GLU C 394 -54.99 2.86 16.93
C GLU C 394 -55.48 1.42 16.98
N ASN C 395 -56.73 1.25 17.39
CA ASN C 395 -57.34 -0.07 17.53
C ASN C 395 -58.08 -0.50 16.27
N ILE C 396 -58.05 -1.79 15.98
CA ILE C 396 -58.82 -2.33 14.88
C ILE C 396 -59.67 -3.50 15.35
N LEU C 397 -60.69 -3.80 14.56
CA LEU C 397 -61.62 -4.86 14.87
C LEU C 397 -61.42 -6.00 13.88
N LEU C 398 -60.85 -7.10 14.35
CA LEU C 398 -60.66 -8.27 13.52
C LEU C 398 -61.80 -9.23 13.77
N THR C 399 -62.58 -9.47 12.73
CA THR C 399 -63.70 -10.38 12.82
C THR C 399 -63.54 -11.57 11.86
N SER C 400 -63.89 -12.76 12.35
CA SER C 400 -63.98 -13.94 11.49
C SER C 400 -65.12 -13.76 10.49
N ARG C 401 -65.07 -14.48 9.38
CA ARG C 401 -66.06 -14.27 8.32
C ARG C 401 -67.46 -14.58 8.83
N ASP C 402 -67.58 -15.63 9.62
CA ASP C 402 -68.84 -15.94 10.29
C ASP C 402 -69.29 -14.93 11.37
N ASN C 403 -68.44 -13.95 11.70
CA ASN C 403 -68.77 -12.99 12.75
C ASN C 403 -68.96 -13.57 14.16
N GLU C 404 -68.71 -14.87 14.32
CA GLU C 404 -68.87 -15.49 15.62
C GLU C 404 -67.81 -14.96 16.58
N THR C 405 -66.54 -14.95 16.14
CA THR C 405 -65.45 -14.53 17.03
C THR C 405 -64.90 -13.19 16.59
N VAL C 406 -64.59 -12.33 17.56
CA VAL C 406 -64.03 -11.01 17.28
C VAL C 406 -62.93 -10.60 18.25
N PHE C 407 -62.03 -9.75 17.76
CA PHE C 407 -60.91 -9.22 18.55
C PHE C 407 -60.80 -7.72 18.37
N VAL C 408 -60.47 -7.04 19.46
CA VAL C 408 -60.15 -5.61 19.40
C VAL C 408 -58.70 -5.47 19.83
N LEU C 409 -57.85 -5.08 18.88
CA LEU C 409 -56.42 -4.95 19.11
C LEU C 409 -55.90 -3.64 18.53
N SER C 410 -54.80 -3.15 19.12
CA SER C 410 -54.03 -2.07 18.53
C SER C 410 -52.98 -2.64 17.58
N TYR C 411 -52.51 -1.82 16.65
CA TYR C 411 -51.40 -2.24 15.78
C TYR C 411 -50.15 -2.55 16.61
N ARG C 412 -49.98 -1.85 17.73
CA ARG C 412 -48.86 -2.11 18.62
C ARG C 412 -48.90 -3.54 19.14
N GLU C 413 -50.06 -3.97 19.60
CA GLU C 413 -50.21 -5.34 20.08
C GLU C 413 -49.92 -6.31 18.95
N LEU C 414 -50.49 -6.04 17.79
CA LEU C 414 -50.28 -6.88 16.61
C LEU C 414 -48.81 -7.01 16.22
N ARG C 415 -48.08 -5.90 16.25
CA ARG C 415 -46.67 -5.95 15.89
C ARG C 415 -45.91 -6.79 16.91
N GLN C 416 -46.28 -6.66 18.17
CA GLN C 416 -45.69 -7.45 19.23
C GLN C 416 -45.93 -8.94 18.96
N MET C 417 -47.16 -9.29 18.58
CA MET C 417 -47.51 -10.68 18.32
C MET C 417 -46.72 -11.26 17.16
N TYR C 418 -46.70 -10.54 16.03
CA TYR C 418 -45.96 -10.99 14.85
C TYR C 418 -44.48 -11.13 15.17
N ASP C 419 -43.94 -10.18 15.94
CA ASP C 419 -42.54 -10.18 16.28
C ASP C 419 -42.16 -11.38 17.13
N ARG C 420 -43.04 -11.78 18.04
CA ARG C 420 -42.77 -12.93 18.88
C ARG C 420 -42.69 -14.18 18.00
N ALA C 421 -43.63 -14.31 17.07
CA ALA C 421 -43.62 -15.43 16.13
C ALA C 421 -42.34 -15.44 15.30
N PHE C 422 -41.93 -14.26 14.82
CA PHE C 422 -40.73 -14.17 13.99
C PHE C 422 -39.48 -14.50 14.80
N ASN C 423 -39.42 -13.96 16.02
CA ASN C 423 -38.26 -14.20 16.87
C ASN C 423 -38.12 -15.67 17.19
N GLU C 424 -39.23 -16.39 17.14
CA GLU C 424 -39.20 -17.84 17.31
C GLU C 424 -38.44 -18.47 16.14
N LEU C 425 -38.75 -18.00 14.94
CA LEU C 425 -38.12 -18.49 13.73
C LEU C 425 -36.62 -18.21 13.76
N VAL C 426 -36.26 -17.02 14.22
CA VAL C 426 -34.86 -16.64 14.28
C VAL C 426 -34.12 -17.58 15.22
N LYS C 427 -34.74 -17.87 16.36
CA LYS C 427 -34.12 -18.74 17.34
C LYS C 427 -33.94 -20.13 16.76
N ALA C 428 -35.00 -20.67 16.19
CA ALA C 428 -34.92 -21.98 15.57
C ALA C 428 -33.86 -22.01 14.46
N SER C 429 -33.68 -20.92 13.73
CA SER C 429 -32.65 -20.87 12.68
C SER C 429 -31.23 -20.83 13.28
N LYS C 430 -31.06 -20.24 14.45
CA LYS C 430 -29.74 -20.21 15.09
C LYS C 430 -29.53 -21.58 15.74
N GLU D 5 -14.85 -11.47 7.02
CA GLU D 5 -15.11 -12.90 7.23
C GLU D 5 -16.25 -13.33 6.32
N LEU D 6 -16.61 -12.45 5.38
CA LEU D 6 -17.66 -12.73 4.39
C LEU D 6 -17.16 -12.98 2.97
N GLN D 7 -17.54 -14.13 2.43
CA GLN D 7 -17.15 -14.52 1.08
C GLN D 7 -17.78 -13.67 -0.02
N PRO D 8 -17.13 -13.57 -1.20
CA PRO D 8 -17.73 -12.72 -2.23
C PRO D 8 -19.11 -13.18 -2.66
N TRP D 9 -19.40 -14.47 -2.60
CA TRP D 9 -20.76 -14.98 -2.88
C TRP D 9 -21.75 -14.80 -1.73
N GLN D 10 -21.23 -14.62 -0.53
CA GLN D 10 -22.07 -14.38 0.64
C GLN D 10 -22.46 -12.90 0.79
N ARG D 11 -23.64 -12.67 1.37
CA ARG D 11 -24.18 -11.32 1.63
C ARG D 11 -25.00 -11.23 2.92
N ALA D 12 -24.76 -10.17 3.69
CA ALA D 12 -25.55 -9.82 4.87
C ALA D 12 -26.92 -9.31 4.41
N THR D 13 -27.92 -9.38 5.29
CA THR D 13 -29.29 -9.03 4.94
C THR D 13 -29.41 -7.65 4.27
N TYR D 14 -28.78 -6.63 4.87
CA TYR D 14 -28.91 -5.27 4.38
C TYR D 14 -28.10 -4.95 3.11
N ASP D 15 -27.27 -5.88 2.63
CA ASP D 15 -26.51 -5.59 1.43
C ASP D 15 -27.49 -5.56 0.26
N PHE D 16 -28.63 -6.22 0.44
CA PHE D 16 -29.69 -6.21 -0.56
C PHE D 16 -30.45 -4.90 -0.67
N PHE D 17 -30.21 -3.98 0.26
CA PHE D 17 -30.99 -2.75 0.31
C PHE D 17 -30.10 -1.51 0.21
N MET D 18 -30.71 -0.34 0.22
CA MET D 18 -29.98 0.91 0.06
C MET D 18 -29.08 1.10 1.29
N PRO D 19 -27.82 1.51 1.08
CA PRO D 19 -26.90 1.71 2.22
C PRO D 19 -27.45 2.71 3.23
N GLN D 20 -27.15 2.46 4.51
CA GLN D 20 -27.64 3.27 5.62
C GLN D 20 -27.39 4.77 5.43
N ASN D 21 -26.17 5.12 5.04
CA ASN D 21 -25.81 6.51 4.86
C ASN D 21 -26.76 7.21 3.92
N LEU D 22 -26.95 6.64 2.73
CA LEU D 22 -27.81 7.23 1.71
C LEU D 22 -29.28 7.28 2.13
N ARG D 23 -29.75 6.20 2.77
CA ARG D 23 -31.13 6.14 3.23
C ARG D 23 -31.37 7.26 4.24
N GLU D 24 -30.44 7.40 5.19
CA GLU D 24 -30.56 8.41 6.23
C GLU D 24 -30.49 9.83 5.71
N ASP D 25 -29.57 10.09 4.77
CA ASP D 25 -29.47 11.42 4.19
C ASP D 25 -30.76 11.80 3.49
N LEU D 26 -31.31 10.86 2.72
CA LEU D 26 -32.56 11.14 2.01
C LEU D 26 -33.69 11.39 3.01
N GLN D 27 -33.75 10.58 4.06
CA GLN D 27 -34.79 10.74 5.07
C GLN D 27 -34.69 12.07 5.82
N LYS D 28 -33.46 12.46 6.17
CA LYS D 28 -33.26 13.75 6.81
C LYS D 28 -33.71 14.90 5.93
N LYS D 29 -33.34 14.83 4.64
CA LYS D 29 -33.73 15.88 3.71
C LYS D 29 -35.24 15.91 3.47
N GLN D 30 -35.85 14.73 3.51
CA GLN D 30 -37.30 14.60 3.39
C GLN D 30 -37.98 15.30 4.57
N PHE D 31 -37.47 15.00 5.77
CA PHE D 31 -38.00 15.57 7.00
C PHE D 31 -37.92 17.09 6.96
N ALA D 32 -36.78 17.59 6.48
CA ALA D 32 -36.56 19.03 6.41
C ALA D 32 -37.55 19.71 5.46
N THR D 33 -37.95 18.99 4.41
CA THR D 33 -38.83 19.57 3.41
C THR D 33 -40.27 19.64 3.93
N LEU D 34 -40.63 18.66 4.77
CA LEU D 34 -42.00 18.53 5.23
C LEU D 34 -42.22 19.22 6.58
N GLN D 35 -41.12 19.58 7.24
CA GLN D 35 -41.22 20.22 8.55
C GLN D 35 -42.21 21.38 8.50
N VAL D 36 -43.11 21.44 9.48
CA VAL D 36 -43.97 22.62 9.64
C VAL D 36 -44.05 23.06 11.09
N ILE D 37 -44.51 24.29 11.31
CA ILE D 37 -44.74 24.79 12.66
C ILE D 37 -46.21 25.19 12.76
N PRO D 38 -47.04 24.34 13.41
CA PRO D 38 -48.47 24.67 13.50
C PRO D 38 -48.62 25.92 14.33
N ASN D 39 -49.60 26.75 14.00
CA ASN D 39 -49.85 28.00 14.72
C ASN D 39 -48.52 28.69 15.01
N SER D 40 -47.80 29.03 13.94
CA SER D 40 -46.61 29.85 14.05
C SER D 40 -47.04 31.29 14.12
N GLY D 41 -46.14 32.18 14.53
CA GLY D 41 -46.44 33.59 14.49
C GLY D 41 -46.26 34.18 13.10
N LEU D 42 -45.72 33.39 12.18
CA LEU D 42 -45.40 33.87 10.84
C LEU D 42 -46.69 33.92 10.00
N PRO D 43 -46.79 34.88 9.07
CA PRO D 43 -48.02 35.00 8.28
C PRO D 43 -48.12 34.02 7.13
N GLN D 44 -49.32 33.88 6.58
CA GLN D 44 -49.54 33.23 5.29
C GLN D 44 -49.70 34.29 4.20
N LEU D 45 -48.94 34.17 3.12
CA LEU D 45 -49.08 35.07 1.97
C LEU D 45 -50.12 34.51 1.00
N GLU D 46 -50.51 35.33 0.03
CA GLU D 46 -51.62 34.97 -0.87
C GLU D 46 -51.48 33.57 -1.49
N HIS D 47 -50.28 33.23 -1.95
CA HIS D 47 -50.06 31.92 -2.54
C HIS D 47 -49.11 31.05 -1.73
N TRP D 48 -48.67 31.55 -0.57
CA TRP D 48 -47.64 30.87 0.21
C TRP D 48 -48.08 30.68 1.65
N HIS D 49 -47.80 29.50 2.21
CA HIS D 49 -48.11 29.22 3.61
C HIS D 49 -47.10 28.28 4.25
N SER D 50 -47.30 27.99 5.53
CA SER D 50 -46.42 27.11 6.29
C SER D 50 -44.98 27.58 6.28
N LEU D 51 -44.78 28.88 6.31
CA LEU D 51 -43.45 29.43 6.41
C LEU D 51 -42.69 28.87 7.61
N VAL D 52 -41.45 28.46 7.38
CA VAL D 52 -40.57 27.97 8.42
C VAL D 52 -39.24 28.71 8.26
N PRO D 53 -38.77 29.41 9.30
CA PRO D 53 -37.49 30.12 9.15
C PRO D 53 -36.33 29.16 8.96
N LEU D 54 -35.32 29.56 8.18
CA LEU D 54 -34.16 28.71 7.95
C LEU D 54 -32.88 29.35 8.51
N ASP D 55 -32.93 30.64 8.80
CA ASP D 55 -31.77 31.29 9.39
C ASP D 55 -31.57 30.70 10.79
N THR D 56 -30.40 30.13 11.03
CA THR D 56 -30.12 29.50 12.32
C THR D 56 -30.14 30.52 13.45
N SER D 57 -29.53 31.68 13.21
CA SER D 57 -29.47 32.75 14.20
C SER D 57 -30.32 33.94 13.76
N THR D 62 -27.46 39.86 4.88
CA THR D 62 -27.48 41.28 5.24
C THR D 62 -26.36 42.02 4.52
N SER D 63 -25.13 41.54 4.68
CA SER D 63 -23.93 42.21 4.19
C SER D 63 -23.93 42.47 2.68
N CYS D 64 -24.28 41.44 1.91
CA CYS D 64 -24.18 41.48 0.45
C CYS D 64 -25.25 42.37 -0.17
N PHE D 65 -26.42 42.41 0.47
CA PHE D 65 -27.52 43.24 0.01
C PHE D 65 -27.45 44.50 0.86
N GLY D 66 -28.35 45.45 0.62
CA GLY D 66 -28.38 46.65 1.41
C GLY D 66 -29.37 46.55 2.56
N TYR D 67 -29.93 45.36 2.76
CA TYR D 67 -30.99 45.20 3.76
C TYR D 67 -30.89 43.91 4.57
N PRO D 68 -31.47 43.91 5.78
CA PRO D 68 -31.50 42.65 6.53
C PRO D 68 -32.30 41.63 5.72
N SER D 69 -31.82 40.38 5.70
CA SER D 69 -32.50 39.35 4.93
C SER D 69 -32.73 38.09 5.74
N TRP D 70 -33.92 37.51 5.57
CA TRP D 70 -34.29 36.22 6.17
C TRP D 70 -34.70 35.26 5.06
N VAL D 71 -34.58 33.96 5.34
CA VAL D 71 -35.00 32.92 4.40
C VAL D 71 -35.99 31.96 5.03
N TYR D 72 -37.11 31.72 4.35
CA TYR D 72 -38.10 30.77 4.82
C TYR D 72 -38.32 29.62 3.83
N LYS D 73 -38.41 28.40 4.33
CA LYS D 73 -39.05 27.34 3.57
C LYS D 73 -40.53 27.70 3.58
N ALA D 74 -41.21 27.56 2.44
CA ALA D 74 -42.63 27.85 2.37
C ALA D 74 -43.27 26.91 1.38
N GLN D 75 -44.59 26.78 1.44
CA GLN D 75 -45.31 25.87 0.56
C GLN D 75 -46.26 26.64 -0.35
N ASN D 76 -46.10 26.41 -1.64
CA ASN D 76 -46.92 27.05 -2.66
C ASN D 76 -48.31 26.44 -2.66
N SER D 77 -49.33 27.26 -2.89
CA SER D 77 -50.72 26.83 -2.84
C SER D 77 -51.27 26.47 -4.21
N ARG D 78 -50.61 26.97 -5.24
CA ARG D 78 -51.01 26.72 -6.62
C ARG D 78 -50.64 25.28 -6.99
N ASN D 79 -49.39 24.90 -6.75
CA ASN D 79 -48.94 23.52 -6.84
C ASN D 79 -48.62 23.19 -5.40
N GLY D 80 -48.37 21.93 -5.05
CA GLY D 80 -48.20 21.57 -3.65
C GLY D 80 -46.77 21.59 -3.17
N ARG D 81 -45.88 22.24 -3.91
CA ARG D 81 -44.45 22.12 -3.69
C ARG D 81 -43.85 23.16 -2.73
N HIS D 82 -42.67 22.84 -2.22
CA HIS D 82 -41.94 23.70 -1.30
C HIS D 82 -40.88 24.54 -2.00
N TYR D 83 -40.80 25.82 -1.64
CA TYR D 83 -39.82 26.75 -2.21
C TYR D 83 -39.11 27.49 -1.07
N ALA D 84 -38.02 28.17 -1.41
CA ALA D 84 -37.30 29.02 -0.47
C ALA D 84 -37.62 30.49 -0.76
N LEU D 85 -38.14 31.20 0.23
CA LEU D 85 -38.47 32.61 0.10
C LEU D 85 -37.41 33.47 0.77
N ARG D 86 -36.67 34.26 -0.01
CA ARG D 86 -35.76 35.26 0.54
C ARG D 86 -36.53 36.55 0.74
N ARG D 87 -36.51 37.06 1.96
CA ARG D 87 -37.19 38.30 2.31
C ARG D 87 -36.19 39.39 2.58
N LEU D 88 -36.30 40.50 1.86
CA LEU D 88 -35.55 41.70 2.20
C LEU D 88 -36.51 42.56 3.01
N GLU D 89 -36.20 42.70 4.30
CA GLU D 89 -37.10 43.42 5.21
C GLU D 89 -36.84 44.93 5.17
N GLY D 90 -37.93 45.70 5.18
CA GLY D 90 -37.84 47.14 5.19
C GLY D 90 -37.42 47.69 3.84
N TYR D 91 -37.72 46.95 2.78
CA TYR D 91 -37.49 47.43 1.44
C TYR D 91 -38.81 47.86 0.81
N ARG D 92 -38.87 49.08 0.30
CA ARG D 92 -40.08 49.55 -0.35
C ARG D 92 -39.77 49.71 -1.82
N LEU D 93 -40.50 48.98 -2.65
CA LEU D 93 -40.23 49.02 -4.09
C LEU D 93 -40.70 50.38 -4.61
N THR D 94 -39.82 51.06 -5.34
CA THR D 94 -40.08 52.40 -5.86
C THR D 94 -40.47 52.28 -7.31
N ASN D 95 -40.11 51.16 -7.92
CA ASN D 95 -40.43 50.88 -9.31
C ASN D 95 -40.86 49.43 -9.59
N GLU D 96 -42.08 49.27 -10.11
CA GLU D 96 -42.58 47.94 -10.50
C GLU D 96 -41.89 47.41 -11.78
N LYS D 97 -41.40 48.32 -12.62
CA LYS D 97 -40.65 47.96 -13.84
C LYS D 97 -39.40 47.16 -13.46
N ALA D 98 -38.86 47.42 -12.26
CA ALA D 98 -37.68 46.71 -11.78
C ALA D 98 -37.94 45.21 -11.69
N ILE D 99 -39.09 44.85 -11.14
CA ILE D 99 -39.44 43.44 -10.98
C ILE D 99 -39.69 42.78 -12.32
N LEU D 100 -40.47 43.43 -13.17
CA LEU D 100 -40.83 42.81 -14.43
C LEU D 100 -39.61 42.61 -15.33
N ASN D 101 -38.75 43.62 -15.43
CA ASN D 101 -37.58 43.53 -16.30
C ASN D 101 -36.59 42.47 -15.83
N VAL D 102 -36.29 42.46 -14.53
CA VAL D 102 -35.35 41.49 -13.99
C VAL D 102 -35.90 40.09 -14.10
N MET D 103 -37.18 39.93 -13.80
CA MET D 103 -37.82 38.63 -13.82
C MET D 103 -37.85 38.07 -15.26
N LYS D 104 -38.08 38.95 -16.23
CA LYS D 104 -38.07 38.56 -17.65
C LYS D 104 -36.74 37.91 -18.01
N ASP D 105 -35.66 38.52 -17.55
CA ASP D 105 -34.33 38.00 -17.81
C ASP D 105 -34.07 36.68 -17.09
N TRP D 106 -34.38 36.63 -15.80
CA TRP D 106 -33.92 35.53 -14.96
C TRP D 106 -34.79 34.28 -14.94
N LYS D 107 -36.05 34.39 -15.39
CA LYS D 107 -36.89 33.20 -15.47
C LYS D 107 -36.42 32.23 -16.54
N LYS D 108 -35.69 32.73 -17.54
CA LYS D 108 -35.10 31.86 -18.55
C LYS D 108 -34.04 30.96 -17.94
N ILE D 109 -33.31 31.46 -16.96
CA ILE D 109 -32.09 30.80 -16.51
C ILE D 109 -32.40 29.49 -15.83
N LYS D 110 -31.91 28.40 -16.42
CA LYS D 110 -32.03 27.07 -15.83
C LYS D 110 -30.65 26.42 -15.84
N ASN D 111 -30.03 26.32 -14.68
CA ASN D 111 -28.66 25.83 -14.59
C ASN D 111 -28.40 25.10 -13.27
N ALA D 112 -27.72 23.96 -13.39
CA ALA D 112 -27.44 23.07 -12.26
C ALA D 112 -26.65 23.74 -11.14
N SER D 113 -26.02 24.87 -11.45
CA SER D 113 -25.19 25.57 -10.48
C SER D 113 -25.79 26.90 -10.03
N ILE D 114 -27.05 27.13 -10.38
CA ILE D 114 -27.76 28.33 -9.96
C ILE D 114 -29.10 27.94 -9.36
N VAL D 115 -29.40 28.44 -8.16
CA VAL D 115 -30.73 28.22 -7.60
C VAL D 115 -31.73 28.97 -8.46
N THR D 116 -32.67 28.23 -9.05
CA THR D 116 -33.66 28.84 -9.93
C THR D 116 -34.54 29.81 -9.17
N ILE D 117 -34.76 30.97 -9.79
CA ILE D 117 -35.66 32.00 -9.26
C ILE D 117 -36.99 31.94 -10.02
N HIS D 118 -38.09 31.91 -9.28
CA HIS D 118 -39.42 31.75 -9.88
C HIS D 118 -40.29 33.00 -9.88
N GLU D 119 -40.18 33.81 -8.82
CA GLU D 119 -41.12 34.90 -8.59
C GLU D 119 -40.50 35.98 -7.73
N VAL D 120 -40.88 37.23 -7.98
CA VAL D 120 -40.54 38.34 -7.09
C VAL D 120 -41.77 39.18 -6.84
N PHE D 121 -42.07 39.44 -5.58
CA PHE D 121 -43.23 40.22 -5.22
C PHE D 121 -43.03 40.95 -3.91
N THR D 122 -43.68 42.11 -3.79
CA THR D 122 -43.66 42.88 -2.55
C THR D 122 -44.80 42.42 -1.65
N THR D 123 -44.64 42.62 -0.35
CA THR D 123 -45.69 42.25 0.60
C THR D 123 -45.67 43.10 1.86
N ARG D 124 -46.86 43.32 2.42
CA ARG D 124 -46.96 44.01 3.71
C ARG D 124 -47.35 43.09 4.87
N GLU D 125 -47.53 41.80 4.62
CA GLU D 125 -48.07 40.90 5.64
C GLU D 125 -47.08 40.57 6.76
N PHE D 126 -45.82 40.96 6.60
CA PHE D 126 -44.84 40.79 7.68
C PHE D 126 -44.87 41.97 8.66
N GLY D 127 -45.75 42.93 8.40
CA GLY D 127 -45.88 44.08 9.28
C GLY D 127 -44.91 45.20 8.94
N ASP D 128 -44.25 45.08 7.79
CA ASP D 128 -43.39 46.12 7.28
C ASP D 128 -43.41 46.00 5.77
N SER D 129 -42.74 46.91 5.07
CA SER D 129 -42.54 46.75 3.63
C SER D 129 -41.44 45.71 3.42
N SER D 130 -41.75 44.66 2.67
CA SER D 130 -40.77 43.61 2.39
C SER D 130 -40.79 43.17 0.93
N LEU D 131 -39.61 42.79 0.43
CA LEU D 131 -39.47 42.27 -0.93
C LEU D 131 -39.13 40.78 -0.87
N ILE D 132 -39.92 39.97 -1.56
CA ILE D 132 -39.80 38.52 -1.49
C ILE D 132 -39.37 37.91 -2.83
N PHE D 133 -38.33 37.08 -2.78
CA PHE D 133 -37.86 36.32 -3.94
C PHE D 133 -38.10 34.84 -3.69
N ALA D 134 -38.85 34.19 -4.57
CA ALA D 134 -39.13 32.76 -4.44
C ALA D 134 -38.16 31.91 -5.26
N TYR D 135 -37.46 31.00 -4.58
CA TYR D 135 -36.44 30.15 -5.18
C TYR D 135 -36.77 28.67 -5.05
N ASP D 136 -36.14 27.82 -5.86
CA ASP D 136 -36.13 26.39 -5.58
C ASP D 136 -35.68 26.19 -4.15
N PHE D 137 -36.29 25.23 -3.45
CA PHE D 137 -35.84 24.85 -2.11
C PHE D 137 -34.86 23.68 -2.16
N HIS D 138 -33.73 23.81 -1.44
CA HIS D 138 -32.73 22.74 -1.34
C HIS D 138 -32.50 22.33 0.12
N PRO D 139 -33.13 21.24 0.57
CA PRO D 139 -33.12 20.93 2.01
C PRO D 139 -31.74 20.67 2.61
N LEU D 140 -31.53 21.14 3.83
CA LEU D 140 -30.28 20.97 4.56
C LEU D 140 -29.07 21.56 3.84
N SER D 141 -29.30 22.60 3.04
CA SER D 141 -28.20 23.34 2.45
C SER D 141 -27.42 24.07 3.51
N LYS D 142 -26.11 24.19 3.31
CA LYS D 142 -25.26 25.04 4.13
C LYS D 142 -24.43 25.92 3.20
N THR D 143 -24.20 27.16 3.61
CA THR D 143 -23.40 28.07 2.79
C THR D 143 -21.93 27.66 2.86
N LEU D 144 -21.17 28.06 1.85
CA LEU D 144 -19.73 27.83 1.88
C LEU D 144 -19.10 28.53 3.08
N GLN D 145 -19.69 29.63 3.53
CA GLN D 145 -19.20 30.34 4.70
C GLN D 145 -19.37 29.48 5.95
N GLU D 146 -20.60 29.01 6.17
CA GLU D 146 -20.90 28.10 7.27
C GLU D 146 -20.01 26.88 7.27
N HIS D 147 -19.72 26.35 6.07
CA HIS D 147 -19.04 25.07 5.95
C HIS D 147 -17.51 25.17 6.04
N HIS D 148 -16.94 26.27 5.56
CA HIS D 148 -15.47 26.40 5.49
C HIS D 148 -14.85 27.38 6.48
N PHE D 149 -15.67 28.25 7.06
CA PHE D 149 -15.14 29.32 7.91
C PHE D 149 -15.72 29.33 9.32
N GLN D 150 -16.47 28.30 9.68
CA GLN D 150 -17.02 28.25 11.03
C GLN D 150 -15.92 27.66 11.92
N PRO D 151 -15.33 28.49 12.80
CA PRO D 151 -14.25 27.95 13.63
C PRO D 151 -14.75 27.00 14.71
N PRO D 159 -10.94 23.75 14.33
CA PRO D 159 -10.63 24.71 13.26
C PRO D 159 -10.70 24.05 11.88
N PRO D 160 -11.15 24.78 10.86
CA PRO D 160 -11.32 24.04 9.61
C PRO D 160 -9.99 23.75 8.89
N PRO D 161 -9.83 22.52 8.35
CA PRO D 161 -8.58 22.09 7.71
C PRO D 161 -8.43 22.61 6.28
N ALA D 162 -7.22 22.51 5.72
CA ALA D 162 -6.95 23.03 4.38
C ALA D 162 -7.90 22.44 3.36
N VAL D 163 -8.65 23.30 2.66
CA VAL D 163 -9.54 22.83 1.61
C VAL D 163 -8.70 22.12 0.55
N PRO D 164 -9.00 20.83 0.26
CA PRO D 164 -8.20 20.14 -0.77
C PRO D 164 -8.31 20.77 -2.16
N GLU D 165 -7.21 20.77 -2.90
CA GLU D 165 -7.17 21.42 -4.20
C GLU D 165 -8.23 20.87 -5.15
N ASN D 166 -8.54 19.58 -5.04
CA ASN D 166 -9.52 18.99 -5.93
C ASN D 166 -10.90 19.57 -5.68
N THR D 167 -11.23 19.75 -4.41
CA THR D 167 -12.47 20.39 -4.02
C THR D 167 -12.56 21.79 -4.61
N ILE D 168 -11.45 22.52 -4.60
CA ILE D 168 -11.45 23.88 -5.12
C ILE D 168 -11.70 23.88 -6.64
N TRP D 169 -11.05 22.96 -7.35
CA TRP D 169 -11.27 22.84 -8.79
C TRP D 169 -12.72 22.45 -9.06
N GLY D 170 -13.28 21.61 -8.19
CA GLY D 170 -14.68 21.26 -8.28
C GLY D 170 -15.58 22.48 -8.18
N TYR D 171 -15.28 23.39 -7.25
CA TYR D 171 -16.05 24.62 -7.09
C TYR D 171 -15.91 25.52 -8.32
N ILE D 172 -14.66 25.63 -8.79
CA ILE D 172 -14.33 26.49 -9.90
C ILE D 172 -15.08 26.08 -11.15
N CYS D 173 -15.19 24.78 -11.41
CA CYS D 173 -15.89 24.31 -12.59
C CYS D 173 -17.38 24.60 -12.53
N GLN D 174 -17.98 24.39 -11.36
CA GLN D 174 -19.40 24.64 -11.19
C GLN D 174 -19.71 26.14 -11.29
N ILE D 175 -18.86 26.95 -10.68
CA ILE D 175 -19.08 28.38 -10.75
C ILE D 175 -18.92 28.87 -12.19
N ALA D 176 -17.92 28.33 -12.88
CA ALA D 176 -17.69 28.68 -14.28
C ALA D 176 -18.90 28.28 -15.10
N ASN D 177 -19.50 27.14 -14.77
CA ASN D 177 -20.74 26.71 -15.41
C ASN D 177 -21.88 27.72 -15.19
N ALA D 178 -22.07 28.17 -13.95
CA ALA D 178 -23.05 29.21 -13.67
C ALA D 178 -22.77 30.47 -14.49
N LEU D 179 -21.52 30.92 -14.48
CA LEU D 179 -21.15 32.14 -15.17
C LEU D 179 -21.32 32.03 -16.68
N LYS D 180 -21.12 30.83 -17.24
CA LYS D 180 -21.32 30.67 -18.66
C LYS D 180 -22.76 30.96 -19.02
N THR D 181 -23.69 30.40 -18.26
CA THR D 181 -25.10 30.58 -18.55
C THR D 181 -25.52 32.03 -18.26
N ILE D 182 -25.01 32.59 -17.17
CA ILE D 182 -25.36 33.95 -16.78
C ILE D 182 -24.85 34.99 -17.79
N HIS D 183 -23.57 34.91 -18.15
CA HIS D 183 -22.98 35.89 -19.06
C HIS D 183 -23.54 35.76 -20.47
N SER D 184 -23.85 34.55 -20.89
CA SER D 184 -24.42 34.34 -22.20
C SER D 184 -25.78 35.02 -22.37
N ASN D 185 -26.52 35.15 -21.26
CA ASN D 185 -27.82 35.83 -21.29
C ASN D 185 -27.71 37.31 -20.94
N ARG D 186 -26.51 37.86 -21.13
CA ARG D 186 -26.26 39.28 -20.95
C ARG D 186 -26.63 39.70 -19.54
N LEU D 187 -26.31 38.84 -18.58
CA LEU D 187 -26.53 39.13 -17.17
C LEU D 187 -25.21 39.06 -16.43
N ALA D 188 -25.25 39.35 -15.14
CA ALA D 188 -24.09 39.18 -14.27
C ALA D 188 -24.51 38.55 -12.96
N ALA D 189 -23.75 37.56 -12.50
CA ALA D 189 -23.88 37.07 -11.15
C ALA D 189 -23.31 38.14 -10.26
N ARG D 190 -24.12 38.76 -9.41
CA ARG D 190 -23.63 39.96 -8.75
C ARG D 190 -23.03 39.61 -7.41
N CYS D 191 -23.56 38.55 -6.80
CA CYS D 191 -23.05 38.05 -5.52
C CYS D 191 -22.31 36.74 -5.68
N LEU D 192 -21.00 36.75 -5.42
CA LEU D 192 -20.18 35.55 -5.41
C LEU D 192 -19.52 35.36 -4.04
N GLU D 193 -20.18 35.82 -2.99
CA GLU D 193 -19.67 35.65 -1.64
C GLU D 193 -19.94 34.22 -1.12
N PRO D 194 -19.05 33.70 -0.27
CA PRO D 194 -19.28 32.40 0.38
C PRO D 194 -20.63 32.31 1.08
N SER D 195 -21.12 33.42 1.63
CA SER D 195 -22.39 33.41 2.34
C SER D 195 -23.56 33.21 1.39
N LYS D 196 -23.31 33.39 0.10
CA LYS D 196 -24.36 33.26 -0.89
C LYS D 196 -24.10 32.16 -1.91
N ILE D 197 -23.19 31.23 -1.58
CA ILE D 197 -23.04 30.02 -2.37
C ILE D 197 -23.35 28.85 -1.43
N ILE D 198 -24.33 28.03 -1.81
CA ILE D 198 -24.75 26.94 -0.93
C ILE D 198 -24.36 25.57 -1.42
N LEU D 199 -23.87 24.77 -0.47
CA LEU D 199 -23.68 23.35 -0.66
C LEU D 199 -25.01 22.67 -0.48
N THR D 200 -25.57 22.18 -1.59
CA THR D 200 -26.83 21.46 -1.57
C THR D 200 -26.59 19.96 -1.46
N ASP D 201 -25.33 19.55 -1.61
CA ASP D 201 -24.94 18.17 -1.45
C ASP D 201 -23.43 18.14 -1.38
N ILE D 202 -22.86 16.96 -1.20
CA ILE D 202 -21.42 16.83 -1.09
C ILE D 202 -20.78 17.39 -2.36
N ASN D 203 -19.88 18.35 -2.19
CA ASN D 203 -19.17 18.93 -3.32
C ASN D 203 -20.04 19.57 -4.40
N ARG D 204 -21.33 19.78 -4.11
CA ARG D 204 -22.26 20.35 -5.08
C ARG D 204 -22.64 21.76 -4.62
N ILE D 205 -22.22 22.80 -5.36
CA ILE D 205 -22.50 24.19 -4.97
C ILE D 205 -23.45 24.88 -5.95
N ARG D 206 -24.23 25.83 -5.44
CA ARG D 206 -25.13 26.61 -6.27
C ARG D 206 -25.19 28.07 -5.84
N LEU D 207 -25.13 29.00 -6.80
CA LEU D 207 -25.32 30.43 -6.49
C LEU D 207 -26.74 30.61 -6.01
N SER D 208 -26.95 31.20 -4.84
CA SER D 208 -28.29 31.27 -4.24
C SER D 208 -29.00 32.64 -4.17
N ALA D 209 -28.35 33.71 -4.61
CA ALA D 209 -28.91 35.06 -4.44
C ALA D 209 -28.95 35.83 -5.75
N CYS D 210 -29.14 35.13 -6.86
CA CYS D 210 -28.85 35.73 -8.15
C CYS D 210 -29.67 36.96 -8.55
N ALA D 211 -30.99 36.85 -8.47
CA ALA D 211 -31.84 37.94 -8.94
C ALA D 211 -31.74 39.23 -8.09
N ILE D 212 -31.41 39.09 -6.81
CA ILE D 212 -31.67 40.14 -5.82
C ILE D 212 -30.98 41.48 -6.09
N LEU D 213 -29.68 41.45 -6.37
CA LEU D 213 -28.95 42.70 -6.61
C LEU D 213 -29.45 43.39 -7.87
N ASP D 214 -29.82 42.60 -8.87
CA ASP D 214 -30.35 43.16 -10.11
C ASP D 214 -31.58 44.01 -9.76
N VAL D 215 -32.47 43.48 -8.93
CA VAL D 215 -33.68 44.20 -8.59
C VAL D 215 -33.44 45.39 -7.66
N VAL D 216 -32.65 45.17 -6.62
CA VAL D 216 -32.36 46.21 -5.64
C VAL D 216 -31.68 47.43 -6.27
N GLN D 217 -30.65 47.17 -7.06
CA GLN D 217 -29.80 48.21 -7.60
C GLN D 217 -30.24 48.59 -9.01
N PHE D 218 -31.45 48.18 -9.39
CA PHE D 218 -31.89 48.31 -10.76
C PHE D 218 -31.89 49.77 -11.19
N GLY D 219 -32.41 50.65 -10.35
CA GLY D 219 -32.18 52.07 -10.53
C GLY D 219 -30.74 52.51 -10.28
N MET D 220 -30.18 51.95 -9.21
CA MET D 220 -28.94 52.43 -8.60
C MET D 220 -27.64 52.35 -9.40
N ASN D 221 -27.43 51.25 -10.13
CA ASN D 221 -26.13 51.02 -10.74
C ASN D 221 -25.95 51.57 -12.14
N SER D 222 -24.86 52.30 -12.35
CA SER D 222 -24.57 52.84 -13.68
C SER D 222 -23.43 52.13 -14.38
N ARG D 223 -23.04 50.97 -13.85
CA ARG D 223 -22.01 50.18 -14.50
C ARG D 223 -22.64 49.31 -15.58
N SER D 224 -21.97 49.18 -16.71
CA SER D 224 -22.51 48.38 -17.80
C SER D 224 -22.62 46.93 -17.35
N VAL D 225 -23.36 46.13 -18.10
CA VAL D 225 -23.44 44.71 -17.85
C VAL D 225 -22.03 44.15 -17.92
N VAL D 226 -21.31 44.56 -18.96
CA VAL D 226 -19.97 44.05 -19.18
C VAL D 226 -19.06 44.44 -18.01
N GLU D 227 -19.29 45.61 -17.42
CA GLU D 227 -18.48 46.02 -16.28
C GLU D 227 -18.76 45.11 -15.09
N LEU D 228 -20.03 44.85 -14.84
CA LEU D 228 -20.42 43.94 -13.78
C LEU D 228 -19.87 42.54 -14.02
N GLN D 229 -19.79 42.14 -15.28
CA GLN D 229 -19.19 40.86 -15.62
C GLN D 229 -17.70 40.79 -15.32
N GLN D 230 -16.96 41.85 -15.61
CA GLN D 230 -15.54 41.89 -15.26
C GLN D 230 -15.37 41.72 -13.74
N GLU D 231 -16.26 42.35 -12.97
CA GLU D 231 -16.19 42.21 -11.52
C GLU D 231 -16.50 40.80 -11.02
N ASP D 232 -17.27 40.03 -11.79
CA ASP D 232 -17.55 38.64 -11.41
C ASP D 232 -16.26 37.86 -11.28
N PHE D 233 -15.38 38.03 -12.25
CA PHE D 233 -14.11 37.33 -12.24
C PHE D 233 -13.29 37.73 -11.02
N VAL D 234 -13.27 39.01 -10.69
CA VAL D 234 -12.52 39.48 -9.52
C VAL D 234 -13.09 38.87 -8.23
N LYS D 235 -14.41 38.83 -8.12
CA LYS D 235 -15.05 38.24 -6.95
C LYS D 235 -14.77 36.74 -6.91
N PHE D 236 -14.82 36.11 -8.08
CA PHE D 236 -14.54 34.68 -8.24
C PHE D 236 -13.13 34.39 -7.71
N GLY D 237 -12.17 35.19 -8.15
CA GLY D 237 -10.79 35.07 -7.69
C GLY D 237 -10.65 35.23 -6.20
N LYS D 238 -11.35 36.20 -5.62
CA LYS D 238 -11.29 36.45 -4.18
C LYS D 238 -11.92 35.32 -3.38
N LEU D 239 -12.97 34.72 -3.93
CA LEU D 239 -13.63 33.58 -3.31
C LEU D 239 -12.65 32.42 -3.18
N ILE D 240 -11.95 32.12 -4.27
CA ILE D 240 -10.99 31.01 -4.27
C ILE D 240 -9.87 31.33 -3.28
N LEU D 241 -9.46 32.59 -3.27
CA LEU D 241 -8.39 33.06 -2.40
C LEU D 241 -8.80 32.93 -0.93
N SER D 242 -10.07 33.18 -0.64
CA SER D 242 -10.60 32.97 0.71
C SER D 242 -10.59 31.50 1.12
N LEU D 243 -10.98 30.63 0.20
CA LEU D 243 -11.02 29.19 0.48
C LEU D 243 -9.62 28.63 0.67
N ALA D 244 -8.67 29.15 -0.10
CA ALA D 244 -7.30 28.68 -0.02
C ALA D 244 -6.63 29.07 1.30
N THR D 245 -6.89 30.30 1.76
CA THR D 245 -6.16 30.86 2.90
C THR D 245 -7.00 30.92 4.18
N GLY D 246 -8.23 30.43 4.10
CA GLY D 246 -9.10 30.41 5.27
C GLY D 246 -9.51 31.78 5.74
N THR D 247 -9.32 32.79 4.88
CA THR D 247 -9.63 34.17 5.21
C THR D 247 -10.85 34.68 4.46
N LEU D 248 -11.78 35.31 5.17
CA LEU D 248 -13.01 35.81 4.56
C LEU D 248 -12.69 36.88 3.52
N PRO D 249 -13.52 36.99 2.45
CA PRO D 249 -13.15 37.97 1.40
C PRO D 249 -13.11 39.40 1.91
N ALA D 250 -13.91 39.73 2.91
CA ALA D 250 -13.89 41.07 3.48
C ALA D 250 -12.55 41.30 4.17
N HIS D 251 -12.04 40.25 4.81
CA HIS D 251 -10.76 40.32 5.50
C HIS D 251 -9.58 40.32 4.53
N LEU D 252 -9.84 40.14 3.24
CA LEU D 252 -8.75 40.03 2.27
C LEU D 252 -8.21 41.42 1.92
N ASN D 253 -7.50 42.02 2.88
CA ASN D 253 -6.92 43.35 2.71
C ASN D 253 -5.67 43.35 1.84
N ASN D 254 -4.88 42.28 1.93
CA ASN D 254 -3.67 42.15 1.14
C ASN D 254 -3.77 41.01 0.13
N ILE D 255 -4.11 41.32 -1.12
CA ILE D 255 -4.28 40.30 -2.14
C ILE D 255 -2.97 39.61 -2.53
N PRO D 256 -1.90 40.38 -2.78
CA PRO D 256 -0.61 39.75 -3.11
C PRO D 256 -0.11 38.79 -2.01
N ALA D 257 -0.29 39.16 -0.76
CA ALA D 257 0.12 38.29 0.33
C ALA D 257 -0.71 37.00 0.34
N ALA D 258 -1.98 37.12 -0.02
CA ALA D 258 -2.86 35.96 -0.09
C ALA D 258 -2.46 35.07 -1.27
N LEU D 259 -2.06 35.70 -2.37
CA LEU D 259 -1.66 34.96 -3.56
C LEU D 259 -0.42 34.12 -3.29
N GLU D 260 0.53 34.67 -2.54
CA GLU D 260 1.74 33.90 -2.22
C GLU D 260 1.41 32.74 -1.28
N THR D 261 0.52 32.95 -0.33
CA THR D 261 0.08 31.84 0.53
C THR D 261 -0.49 30.71 -0.33
N LEU D 262 -1.36 31.07 -1.26
CA LEU D 262 -1.95 30.09 -2.16
C LEU D 262 -0.87 29.39 -2.99
N GLY D 263 0.12 30.14 -3.45
CA GLY D 263 1.23 29.60 -4.21
C GLY D 263 2.06 28.56 -3.44
N ASN D 264 2.08 28.68 -2.11
CA ASN D 264 2.84 27.77 -1.27
C ASN D 264 2.08 26.49 -0.97
N LYS D 265 0.76 26.60 -0.85
CA LYS D 265 -0.09 25.48 -0.48
C LYS D 265 -0.68 24.70 -1.67
N TYR D 266 -0.65 25.31 -2.87
CA TYR D 266 -1.34 24.77 -4.04
C TYR D 266 -0.54 24.84 -5.35
N SER D 267 -1.03 24.13 -6.36
CA SER D 267 -0.37 24.03 -7.66
C SER D 267 -0.21 25.38 -8.37
N ALA D 268 0.78 25.43 -9.25
CA ALA D 268 1.02 26.62 -10.06
C ALA D 268 -0.16 26.83 -11.00
N ASN D 269 -0.81 25.75 -11.39
CA ASN D 269 -1.99 25.82 -12.24
C ASN D 269 -3.10 26.61 -11.55
N LEU D 270 -3.31 26.35 -10.27
CA LEU D 270 -4.32 27.07 -9.51
C LEU D 270 -3.95 28.54 -9.33
N LYS D 271 -2.69 28.80 -8.99
CA LYS D 271 -2.25 30.18 -8.80
C LYS D 271 -2.48 30.99 -10.07
N SER D 272 -2.23 30.36 -11.20
CA SER D 272 -2.41 31.00 -12.50
C SER D 272 -3.88 31.30 -12.78
N ALA D 273 -4.78 30.37 -12.45
CA ALA D 273 -6.20 30.56 -12.67
C ALA D 273 -6.71 31.73 -11.84
N VAL D 274 -6.38 31.70 -10.55
CA VAL D 274 -6.79 32.75 -9.63
C VAL D 274 -6.22 34.10 -10.03
N ASN D 275 -4.96 34.10 -10.45
CA ASN D 275 -4.30 35.33 -10.83
C ASN D 275 -4.96 35.97 -12.04
N TRP D 276 -5.34 35.14 -13.00
CA TRP D 276 -6.04 35.59 -14.20
C TRP D 276 -7.36 36.23 -13.83
N LEU D 277 -8.07 35.61 -12.88
CA LEU D 277 -9.37 36.11 -12.47
C LEU D 277 -9.28 37.47 -11.80
N LEU D 278 -8.20 37.69 -11.05
CA LEU D 278 -8.01 38.96 -10.35
C LEU D 278 -7.47 40.06 -11.27
N ASP D 279 -6.68 39.70 -12.25
CA ASP D 279 -5.96 40.69 -13.04
C ASP D 279 -6.89 41.55 -13.91
N THR D 280 -7.00 42.81 -13.56
CA THR D 280 -7.77 43.76 -14.35
C THR D 280 -6.89 44.58 -15.29
N SER D 281 -5.57 44.38 -15.23
CA SER D 281 -4.66 45.27 -15.94
C SER D 281 -4.39 44.89 -17.39
N SER D 282 -4.53 43.61 -17.73
CA SER D 282 -4.24 43.18 -19.10
C SER D 282 -5.18 43.93 -20.02
N GLY D 283 -4.80 44.10 -21.27
CA GLY D 283 -5.62 44.84 -22.20
C GLY D 283 -6.81 44.06 -22.71
N GLU D 284 -6.96 42.82 -22.24
CA GLU D 284 -7.98 41.94 -22.77
C GLU D 284 -9.25 41.95 -21.93
N THR D 285 -10.38 42.07 -22.62
CA THR D 285 -11.67 41.89 -21.98
C THR D 285 -11.73 40.44 -21.53
N LYS D 286 -11.86 40.22 -20.23
CA LYS D 286 -11.95 38.87 -19.72
C LYS D 286 -13.31 38.29 -20.07
N THR D 287 -13.27 37.04 -20.50
CA THR D 287 -14.42 36.36 -21.02
C THR D 287 -14.58 34.99 -20.36
N ILE D 288 -15.81 34.58 -20.11
CA ILE D 288 -16.03 33.27 -19.53
C ILE D 288 -15.58 32.17 -20.50
N GLU D 289 -15.76 32.42 -21.80
CA GLU D 289 -15.23 31.51 -22.82
C GLU D 289 -13.73 31.33 -22.71
N HIS D 290 -12.97 32.41 -22.52
CA HIS D 290 -11.53 32.28 -22.40
C HIS D 290 -11.16 31.51 -21.13
N PHE D 291 -11.87 31.79 -20.05
CA PHE D 291 -11.59 31.13 -18.79
C PHE D 291 -11.86 29.64 -18.91
N MET D 292 -12.94 29.28 -19.58
CA MET D 292 -13.28 27.88 -19.79
C MET D 292 -12.19 27.12 -20.52
N THR D 293 -11.65 27.72 -21.60
CA THR D 293 -10.58 27.08 -22.37
C THR D 293 -9.37 26.79 -21.49
N GLY D 294 -9.16 27.65 -20.50
CA GLY D 294 -8.02 27.47 -19.62
C GLY D 294 -8.21 26.41 -18.54
N ILE D 295 -9.44 25.96 -18.31
CA ILE D 295 -9.70 24.95 -17.28
C ILE D 295 -10.37 23.73 -17.91
N ALA D 296 -10.13 23.53 -19.20
CA ALA D 296 -10.77 22.47 -19.98
C ALA D 296 -10.53 21.06 -19.44
N SER D 297 -9.31 20.79 -19.00
CA SER D 297 -8.94 19.48 -18.47
C SER D 297 -9.68 19.17 -17.17
N GLN D 298 -9.72 20.15 -16.29
CA GLN D 298 -10.45 20.01 -15.05
C GLN D 298 -11.93 19.79 -15.36
N MET D 299 -12.45 20.53 -16.33
CA MET D 299 -13.87 20.43 -16.66
C MET D 299 -14.21 19.03 -17.17
N THR D 300 -13.33 18.43 -17.94
CA THR D 300 -13.57 17.08 -18.45
C THR D 300 -13.63 16.09 -17.32
N THR D 301 -12.71 16.24 -16.38
CA THR D 301 -12.69 15.40 -15.19
C THR D 301 -13.99 15.49 -14.40
N PHE D 302 -14.52 16.69 -14.20
CA PHE D 302 -15.72 16.79 -13.39
C PHE D 302 -16.95 16.38 -14.20
N PHE D 303 -16.88 16.51 -15.51
CA PHE D 303 -17.89 15.91 -16.38
C PHE D 303 -17.93 14.40 -16.15
N ASP D 304 -16.75 13.79 -16.13
CA ASP D 304 -16.65 12.35 -15.87
C ASP D 304 -17.20 11.98 -14.49
N LEU D 305 -16.80 12.72 -13.45
CA LEU D 305 -17.25 12.40 -12.09
C LEU D 305 -18.74 12.60 -11.95
N ALA D 306 -19.29 13.57 -12.67
CA ALA D 306 -20.72 13.79 -12.65
C ALA D 306 -21.43 12.57 -13.24
N LEU D 307 -20.92 12.07 -14.36
CA LEU D 307 -21.52 10.91 -15.00
C LEU D 307 -21.38 9.65 -14.15
N GLN D 308 -20.25 9.50 -13.47
CA GLN D 308 -20.06 8.36 -12.59
C GLN D 308 -21.00 8.40 -11.41
N ASP D 309 -21.21 9.60 -10.88
CA ASP D 309 -22.15 9.77 -9.78
C ASP D 309 -23.57 9.50 -10.26
N ASN D 310 -23.88 9.91 -11.50
CA ASN D 310 -25.17 9.60 -12.10
C ASN D 310 -25.40 8.09 -12.11
N ASP D 311 -24.36 7.34 -12.49
CA ASP D 311 -24.46 5.89 -12.55
C ASP D 311 -24.67 5.29 -11.16
N GLU D 312 -23.97 5.84 -10.17
CA GLU D 312 -24.13 5.39 -8.80
C GLU D 312 -25.58 5.60 -8.34
N LYS D 313 -26.13 6.78 -8.63
CA LYS D 313 -27.50 7.05 -8.21
C LYS D 313 -28.47 6.13 -8.96
N LEU D 314 -28.22 5.91 -10.24
CA LEU D 314 -29.07 5.03 -11.04
C LEU D 314 -29.09 3.61 -10.49
N PHE D 315 -27.93 3.15 -10.02
CA PHE D 315 -27.81 1.82 -9.44
C PHE D 315 -28.77 1.67 -8.26
N HIS D 316 -28.69 2.59 -7.30
CA HIS D 316 -29.55 2.55 -6.13
C HIS D 316 -31.02 2.75 -6.51
N LEU D 317 -31.29 3.62 -7.47
CA LEU D 317 -32.65 3.84 -7.92
C LEU D 317 -33.26 2.59 -8.54
N ALA D 318 -32.49 1.90 -9.37
CA ALA D 318 -33.00 0.70 -10.02
C ALA D 318 -33.31 -0.37 -8.99
N ARG D 319 -32.48 -0.47 -7.96
CA ARG D 319 -32.75 -1.45 -6.93
C ARG D 319 -33.96 -1.09 -6.08
N GLU D 320 -34.26 0.19 -5.91
CA GLU D 320 -35.40 0.53 -5.07
C GLU D 320 -36.66 0.44 -5.89
N VAL D 321 -36.54 0.65 -7.18
CA VAL D 321 -37.71 0.51 -8.04
C VAL D 321 -38.08 -0.97 -8.11
N GLU D 322 -37.09 -1.86 -8.06
CA GLU D 322 -37.39 -3.29 -8.15
C GLU D 322 -37.93 -3.77 -6.80
N ASN D 323 -37.50 -3.14 -5.72
CA ASN D 323 -38.07 -3.43 -4.40
C ASN D 323 -39.55 -3.08 -4.38
N GLY D 324 -39.89 -1.95 -5.00
CA GLY D 324 -41.28 -1.55 -5.13
C GLY D 324 -42.09 -2.57 -5.91
N ARG D 325 -41.51 -3.08 -6.99
CA ARG D 325 -42.19 -4.07 -7.83
C ARG D 325 -42.38 -5.36 -7.06
N ILE D 326 -41.36 -5.73 -6.30
CA ILE D 326 -41.43 -6.91 -5.45
C ILE D 326 -42.53 -6.74 -4.42
N ALA D 327 -42.60 -5.56 -3.82
CA ALA D 327 -43.61 -5.26 -2.81
C ALA D 327 -45.01 -5.42 -3.39
N ARG D 328 -45.26 -4.82 -4.54
CA ARG D 328 -46.57 -4.93 -5.15
C ARG D 328 -46.89 -6.40 -5.48
N SER D 329 -45.87 -7.15 -5.87
CA SER D 329 -46.06 -8.57 -6.18
C SER D 329 -46.40 -9.38 -4.93
N LEU D 330 -45.72 -9.09 -3.83
CA LEU D 330 -45.97 -9.76 -2.57
C LEU D 330 -47.40 -9.50 -2.11
N MET D 331 -47.88 -8.29 -2.35
CA MET D 331 -49.24 -7.95 -1.96
C MET D 331 -50.23 -8.78 -2.77
N LYS D 332 -50.00 -8.84 -4.07
CA LYS D 332 -50.83 -9.64 -4.98
C LYS D 332 -50.83 -11.10 -4.51
N LEU D 333 -49.67 -11.58 -4.09
CA LEU D 333 -49.54 -12.94 -3.58
C LEU D 333 -50.42 -13.17 -2.36
N LEU D 334 -50.34 -12.23 -1.43
CA LEU D 334 -51.07 -12.32 -0.18
C LEU D 334 -52.55 -12.22 -0.46
N THR D 335 -52.90 -11.44 -1.47
CA THR D 335 -54.28 -11.27 -1.88
C THR D 335 -54.87 -12.54 -2.47
N ILE D 336 -54.05 -13.30 -3.19
CA ILE D 336 -54.52 -14.48 -3.92
C ILE D 336 -54.64 -15.69 -3.00
N LEU D 337 -53.64 -15.90 -2.16
CA LEU D 337 -53.54 -17.13 -1.38
C LEU D 337 -54.36 -17.14 -0.09
N GLU D 338 -54.85 -18.34 0.25
CA GLU D 338 -55.63 -18.58 1.47
C GLU D 338 -56.80 -17.62 1.67
N ARG D 339 -57.66 -17.51 0.67
CA ARG D 339 -58.85 -16.69 0.79
C ARG D 339 -60.01 -17.40 1.51
N GLY D 340 -61.04 -16.62 1.84
CA GLY D 340 -62.26 -17.11 2.43
C GLY D 340 -63.14 -17.77 1.38
N ASP D 341 -62.62 -17.87 0.16
CA ASP D 341 -63.29 -18.52 -0.96
C ASP D 341 -64.63 -17.87 -1.27
N VAL D 345 -65.60 -18.85 -5.80
CA VAL D 345 -65.98 -20.26 -5.76
C VAL D 345 -65.24 -21.02 -4.63
N PRO D 346 -65.73 -22.22 -4.27
CA PRO D 346 -65.13 -22.89 -3.11
C PRO D 346 -63.76 -23.48 -3.37
N SER D 347 -62.84 -23.27 -2.42
CA SER D 347 -61.48 -23.81 -2.50
C SER D 347 -60.64 -23.19 -3.63
N TRP D 348 -61.10 -22.07 -4.18
CA TRP D 348 -60.43 -21.43 -5.31
C TRP D 348 -58.93 -21.23 -5.03
N SER D 349 -58.61 -20.88 -3.80
CA SER D 349 -57.22 -20.63 -3.39
C SER D 349 -56.32 -21.87 -3.34
N GLU D 350 -56.91 -23.03 -3.13
CA GLU D 350 -56.15 -24.29 -2.98
C GLU D 350 -56.17 -25.21 -4.20
N THR D 351 -56.81 -24.79 -5.27
CA THR D 351 -57.01 -25.63 -6.43
C THR D 351 -56.27 -25.10 -7.66
N GLY D 352 -55.87 -25.99 -8.57
CA GLY D 352 -55.32 -25.62 -9.88
C GLY D 352 -54.12 -24.72 -9.83
N ASP D 353 -54.22 -23.63 -10.58
CA ASP D 353 -53.16 -22.64 -10.66
C ASP D 353 -52.76 -22.14 -9.26
N ARG D 354 -53.78 -21.84 -8.46
CA ARG D 354 -53.62 -21.25 -7.15
C ARG D 354 -52.81 -22.17 -6.26
N TYR D 355 -52.99 -23.47 -6.49
CA TYR D 355 -52.31 -24.48 -5.73
C TYR D 355 -50.82 -24.39 -6.02
N GLN D 356 -50.50 -24.18 -7.29
CA GLN D 356 -49.12 -24.01 -7.68
C GLN D 356 -48.51 -22.77 -7.02
N LEU D 357 -49.26 -21.67 -6.99
CA LEU D 357 -48.79 -20.45 -6.34
C LEU D 357 -48.56 -20.67 -4.84
N LYS D 358 -49.45 -21.42 -4.20
CA LYS D 358 -49.31 -21.75 -2.80
C LYS D 358 -47.99 -22.49 -2.57
N LEU D 359 -47.68 -23.42 -3.47
CA LEU D 359 -46.46 -24.22 -3.34
C LEU D 359 -45.24 -23.34 -3.59
N PHE D 360 -45.38 -22.38 -4.50
CA PHE D 360 -44.31 -21.45 -4.79
C PHE D 360 -43.94 -20.64 -3.56
N ARG D 361 -44.94 -20.09 -2.89
CA ARG D 361 -44.71 -19.33 -1.68
C ARG D 361 -43.96 -20.15 -0.63
N ASP D 362 -44.30 -21.43 -0.52
CA ASP D 362 -43.62 -22.29 0.44
C ASP D 362 -42.15 -22.42 0.07
N TYR D 363 -41.89 -22.51 -1.23
CA TYR D 363 -40.54 -22.65 -1.75
C TYR D 363 -39.72 -21.39 -1.49
N VAL D 364 -40.36 -20.23 -1.65
CA VAL D 364 -39.68 -18.94 -1.50
C VAL D 364 -39.47 -18.58 -0.03
N PHE D 365 -40.52 -18.70 0.77
CA PHE D 365 -40.52 -18.15 2.13
C PHE D 365 -40.43 -19.16 3.28
N HIS D 366 -40.65 -20.44 2.98
CA HIS D 366 -40.67 -21.47 4.03
C HIS D 366 -39.53 -22.48 3.90
N ARG D 367 -38.40 -22.02 3.38
CA ARG D 367 -37.21 -22.83 3.22
C ARG D 367 -36.66 -23.33 4.55
N VAL D 368 -35.99 -24.48 4.50
CA VAL D 368 -35.39 -25.09 5.68
C VAL D 368 -34.00 -25.63 5.40
N ASP D 369 -33.14 -25.57 6.41
CA ASP D 369 -31.80 -26.15 6.33
C ASP D 369 -31.88 -27.67 6.36
N ALA D 370 -30.76 -28.33 6.10
CA ALA D 370 -30.66 -29.78 6.19
C ALA D 370 -31.02 -30.26 7.60
N ASP D 371 -30.74 -29.43 8.61
CA ASP D 371 -31.04 -29.79 9.99
C ASP D 371 -32.53 -29.62 10.28
N GLY D 372 -33.27 -29.12 9.28
CA GLY D 372 -34.69 -28.90 9.44
C GLY D 372 -34.99 -27.51 9.96
N LYS D 373 -33.94 -26.79 10.35
CA LYS D 373 -34.08 -25.42 10.86
C LYS D 373 -34.53 -24.50 9.72
N PRO D 374 -35.35 -23.50 10.05
CA PRO D 374 -35.82 -22.61 8.99
C PRO D 374 -34.69 -21.71 8.45
N ASN D 375 -34.66 -21.50 7.14
CA ASN D 375 -33.71 -20.55 6.53
C ASN D 375 -34.35 -19.19 6.28
N LEU D 376 -33.70 -18.13 6.74
CA LEU D 376 -34.27 -16.79 6.67
C LEU D 376 -33.51 -15.89 5.71
N SER D 377 -32.85 -16.50 4.74
CA SER D 377 -32.08 -15.75 3.75
C SER D 377 -32.98 -14.84 2.91
N ILE D 378 -32.85 -13.54 3.12
CA ILE D 378 -33.64 -12.56 2.38
C ILE D 378 -33.27 -12.59 0.89
N GLY D 379 -32.03 -12.98 0.60
CA GLY D 379 -31.54 -13.00 -0.75
C GLY D 379 -32.35 -13.91 -1.63
N HIS D 380 -32.68 -15.10 -1.11
CA HIS D 380 -33.46 -16.07 -1.87
C HIS D 380 -34.84 -15.54 -2.22
N MET D 381 -35.47 -14.86 -1.26
CA MET D 381 -36.83 -14.38 -1.44
C MET D 381 -36.91 -13.30 -2.51
N LEU D 382 -36.02 -12.32 -2.43
CA LEU D 382 -36.01 -11.23 -3.40
C LEU D 382 -35.70 -11.75 -4.79
N THR D 383 -34.72 -12.65 -4.89
CA THR D 383 -34.33 -13.15 -6.21
C THR D 383 -35.48 -13.91 -6.86
N CYS D 384 -36.14 -14.78 -6.09
CA CYS D 384 -37.25 -15.58 -6.63
C CYS D 384 -38.38 -14.68 -7.10
N MET D 385 -38.71 -13.66 -6.33
CA MET D 385 -39.77 -12.76 -6.71
C MET D 385 -39.38 -11.98 -7.98
N SER D 386 -38.11 -11.64 -8.11
CA SER D 386 -37.63 -10.95 -9.31
C SER D 386 -37.76 -11.87 -10.52
N LYS D 387 -37.35 -13.12 -10.35
CA LYS D 387 -37.43 -14.09 -11.42
C LYS D 387 -38.89 -14.37 -11.83
N LEU D 388 -39.80 -14.35 -10.86
CA LEU D 388 -41.22 -14.47 -11.15
C LEU D 388 -41.72 -13.29 -11.97
N GLU D 389 -41.45 -12.08 -11.52
CA GLU D 389 -41.83 -10.89 -12.29
C GLU D 389 -41.30 -10.97 -13.72
N ALA D 390 -40.07 -11.45 -13.87
CA ALA D 390 -39.42 -11.47 -15.16
C ALA D 390 -39.92 -12.63 -16.03
N GLY D 391 -40.51 -13.65 -15.41
CA GLY D 391 -40.94 -14.82 -16.14
C GLY D 391 -39.73 -15.55 -16.69
N VAL D 392 -38.71 -15.69 -15.85
CA VAL D 392 -37.47 -16.31 -16.30
C VAL D 392 -37.74 -17.73 -16.80
N ASP D 393 -36.97 -18.13 -17.81
CA ASP D 393 -37.06 -19.47 -18.36
C ASP D 393 -36.12 -20.38 -17.56
N GLU D 394 -36.41 -20.53 -16.27
CA GLU D 394 -35.61 -21.37 -15.40
C GLU D 394 -36.57 -22.20 -14.57
N ASN D 395 -36.27 -23.48 -14.43
CA ASN D 395 -37.17 -24.38 -13.72
C ASN D 395 -36.84 -24.54 -12.25
N ILE D 396 -37.90 -24.64 -11.44
CA ILE D 396 -37.77 -24.89 -10.02
C ILE D 396 -38.65 -26.07 -9.62
N LEU D 397 -38.37 -26.62 -8.44
CA LEU D 397 -39.07 -27.81 -7.94
C LEU D 397 -39.97 -27.51 -6.74
N LEU D 398 -41.27 -27.61 -6.97
CA LEU D 398 -42.28 -27.42 -5.92
C LEU D 398 -42.78 -28.76 -5.38
N THR D 399 -42.76 -28.93 -4.06
CA THR D 399 -43.20 -30.18 -3.43
C THR D 399 -44.54 -29.96 -2.75
N SER D 400 -45.42 -30.96 -2.79
CA SER D 400 -46.70 -30.91 -2.08
C SER D 400 -46.52 -30.83 -0.57
N ARG D 401 -47.57 -30.36 0.11
CA ARG D 401 -47.55 -30.13 1.57
C ARG D 401 -47.30 -31.45 2.28
N ASP D 402 -47.96 -32.49 1.78
CA ASP D 402 -47.75 -33.86 2.26
C ASP D 402 -46.36 -34.42 1.98
N ASN D 403 -45.60 -33.75 1.12
CA ASN D 403 -44.24 -34.16 0.72
C ASN D 403 -44.23 -35.36 -0.22
N GLU D 404 -45.41 -35.87 -0.55
CA GLU D 404 -45.55 -37.03 -1.42
C GLU D 404 -45.25 -36.71 -2.89
N THR D 405 -45.82 -35.60 -3.38
CA THR D 405 -45.76 -35.22 -4.81
C THR D 405 -44.85 -34.02 -5.10
N VAL D 406 -44.30 -33.97 -6.31
CA VAL D 406 -43.50 -32.83 -6.76
C VAL D 406 -43.91 -32.35 -8.13
N PHE D 407 -43.62 -31.07 -8.37
CA PHE D 407 -43.97 -30.39 -9.59
C PHE D 407 -42.75 -29.63 -10.05
N VAL D 408 -42.51 -29.64 -11.36
CA VAL D 408 -41.43 -28.89 -11.97
C VAL D 408 -42.01 -27.87 -12.93
N LEU D 409 -41.79 -26.58 -12.62
CA LEU D 409 -42.30 -25.48 -13.41
C LEU D 409 -41.20 -24.49 -13.67
N SER D 410 -41.35 -23.76 -14.76
CA SER D 410 -40.52 -22.60 -15.00
C SER D 410 -41.17 -21.39 -14.35
N TYR D 411 -40.35 -20.39 -14.04
CA TYR D 411 -40.88 -19.13 -13.55
C TYR D 411 -41.83 -18.53 -14.59
N ARG D 412 -41.58 -18.82 -15.86
CA ARG D 412 -42.44 -18.27 -16.92
C ARG D 412 -43.87 -18.76 -16.77
N GLU D 413 -44.03 -20.07 -16.61
CA GLU D 413 -45.34 -20.65 -16.42
C GLU D 413 -46.00 -20.13 -15.15
N LEU D 414 -45.21 -20.11 -14.07
CA LEU D 414 -45.67 -19.60 -12.79
C LEU D 414 -46.22 -18.18 -12.96
N ARG D 415 -45.54 -17.36 -13.74
CA ARG D 415 -46.02 -16.00 -13.98
C ARG D 415 -47.35 -16.04 -14.73
N GLN D 416 -47.49 -16.97 -15.68
CA GLN D 416 -48.76 -17.10 -16.38
C GLN D 416 -49.90 -17.43 -15.42
N MET D 417 -49.65 -18.38 -14.53
CA MET D 417 -50.63 -18.80 -13.55
C MET D 417 -50.97 -17.64 -12.62
N TYR D 418 -49.93 -16.98 -12.15
CA TYR D 418 -50.03 -15.85 -11.23
C TYR D 418 -50.84 -14.70 -11.84
N ASP D 419 -50.59 -14.40 -13.10
CA ASP D 419 -51.30 -13.32 -13.77
C ASP D 419 -52.77 -13.69 -13.97
N ARG D 420 -53.03 -14.95 -14.29
CA ARG D 420 -54.39 -15.42 -14.50
C ARG D 420 -55.20 -15.38 -13.20
N ALA D 421 -54.59 -15.85 -12.12
CA ALA D 421 -55.26 -15.87 -10.82
C ALA D 421 -55.65 -14.46 -10.41
N PHE D 422 -54.74 -13.52 -10.56
CA PHE D 422 -55.04 -12.16 -10.15
C PHE D 422 -56.11 -11.52 -11.04
N ASN D 423 -56.00 -11.72 -12.36
CA ASN D 423 -56.96 -11.14 -13.29
C ASN D 423 -58.36 -11.67 -13.05
N GLU D 424 -58.48 -12.90 -12.56
CA GLU D 424 -59.78 -13.44 -12.20
C GLU D 424 -60.39 -12.60 -11.10
N LEU D 425 -59.58 -12.36 -10.06
CA LEU D 425 -59.98 -11.53 -8.95
C LEU D 425 -60.35 -10.12 -9.43
N VAL D 426 -59.58 -9.58 -10.36
CA VAL D 426 -59.89 -8.25 -10.87
C VAL D 426 -61.26 -8.28 -11.55
N LYS D 427 -61.52 -9.32 -12.34
CA LYS D 427 -62.83 -9.46 -12.99
C LYS D 427 -63.95 -9.52 -11.97
N ALA D 428 -63.76 -10.34 -10.94
CA ALA D 428 -64.75 -10.47 -9.87
C ALA D 428 -65.02 -9.10 -9.26
N SER D 429 -64.01 -8.23 -9.31
CA SER D 429 -64.19 -6.82 -9.03
C SER D 429 -64.70 -6.59 -7.63
N PRO E 16 52.87 -8.53 -8.86
CA PRO E 16 52.81 -7.78 -7.60
C PRO E 16 51.95 -6.51 -7.63
N LEU E 17 50.76 -6.57 -7.04
CA LEU E 17 49.89 -5.40 -6.98
C LEU E 17 50.53 -4.24 -6.23
N PHE E 18 50.21 -3.02 -6.65
CA PHE E 18 50.78 -1.82 -6.03
C PHE E 18 50.25 -1.67 -4.61
N SER E 19 49.02 -2.11 -4.36
CA SER E 19 48.46 -2.05 -3.01
C SER E 19 49.22 -2.95 -2.03
N ALA E 20 50.03 -3.88 -2.53
CA ALA E 20 50.71 -4.80 -1.64
C ALA E 20 51.74 -4.09 -0.76
N TRP E 21 51.56 -4.23 0.56
CA TRP E 21 52.52 -3.72 1.54
C TRP E 21 53.22 -4.88 2.25
N PRO E 22 54.42 -4.64 2.77
CA PRO E 22 55.09 -5.75 3.45
C PRO E 22 54.35 -6.20 4.71
N ALA E 23 54.11 -7.50 4.81
CA ALA E 23 53.33 -8.07 5.89
C ALA E 23 53.99 -7.98 7.26
N ASP E 24 55.32 -8.05 7.31
CA ASP E 24 56.02 -8.25 8.58
C ASP E 24 56.38 -6.95 9.34
N ILE E 25 55.84 -5.82 8.89
CA ILE E 25 56.07 -4.56 9.57
C ILE E 25 55.15 -4.47 10.78
N ILE E 26 55.72 -4.10 11.93
CA ILE E 26 55.00 -4.03 13.19
C ILE E 26 54.63 -2.59 13.56
N SER E 27 53.40 -2.39 14.04
CA SER E 27 52.95 -1.10 14.57
C SER E 27 52.60 -1.26 16.05
N ASP E 28 52.66 -0.16 16.79
CA ASP E 28 52.16 -0.08 18.17
C ASP E 28 50.83 0.66 18.15
N VAL E 29 49.85 0.20 18.94
CA VAL E 29 48.51 0.81 18.96
C VAL E 29 48.03 1.30 20.32
N GLY E 30 48.65 0.83 21.40
CA GLY E 30 48.14 1.13 22.73
C GLY E 30 48.45 2.51 23.27
N ALA E 31 49.53 3.13 22.79
CA ALA E 31 50.19 4.24 23.48
C ALA E 31 49.30 5.45 23.78
N PRO E 32 49.54 6.09 24.95
CA PRO E 32 48.85 7.36 25.24
C PRO E 32 49.39 8.51 24.39
N PRO E 33 48.62 9.60 24.29
CA PRO E 33 49.04 10.77 23.50
C PRO E 33 50.31 11.44 24.04
N LEU E 34 50.99 12.16 23.17
CA LEU E 34 52.24 12.81 23.53
C LEU E 34 52.03 13.79 24.68
N GLN E 35 52.78 13.56 25.76
CA GLN E 35 52.83 14.49 26.87
C GLN E 35 54.18 15.20 26.87
N LEU E 36 54.16 16.53 26.85
CA LEU E 36 55.39 17.33 26.78
C LEU E 36 55.75 17.95 28.14
N GLU E 37 57.04 18.10 28.41
CA GLU E 37 57.45 18.73 29.66
C GLU E 37 56.94 20.17 29.72
N PRO E 38 56.28 20.56 30.82
CA PRO E 38 55.72 21.92 30.95
C PRO E 38 56.78 23.01 30.78
N SER E 39 58.00 22.73 31.25
CA SER E 39 59.11 23.65 31.01
C SER E 39 59.20 23.92 29.51
N PHE E 40 59.17 22.86 28.73
CA PHE E 40 59.33 22.98 27.29
C PHE E 40 58.22 23.80 26.64
N VAL E 41 56.99 23.62 27.11
CA VAL E 41 55.86 24.33 26.49
C VAL E 41 55.99 25.83 26.70
N ALA E 42 56.63 26.22 27.81
CA ALA E 42 56.85 27.64 28.08
C ALA E 42 57.70 28.25 26.96
N THR E 43 58.65 27.47 26.46
CA THR E 43 59.54 27.88 25.37
C THR E 43 58.75 28.34 24.14
N LEU E 44 57.54 27.80 23.97
CA LEU E 44 56.80 28.02 22.74
C LEU E 44 56.03 29.34 22.80
N LYS E 45 55.89 29.97 21.64
CA LYS E 45 55.20 31.25 21.54
C LYS E 45 53.80 31.08 20.94
N GLN E 46 52.80 31.26 21.80
CA GLN E 46 51.40 31.04 21.44
C GLN E 46 50.88 31.87 20.28
N ALA E 47 50.09 31.23 19.43
CA ALA E 47 49.34 31.89 18.37
C ALA E 47 47.91 31.40 18.42
N GLU E 48 46.99 32.11 17.77
CA GLU E 48 45.57 31.77 17.86
C GLU E 48 45.23 30.37 17.34
N TRP E 49 46.12 29.77 16.57
CA TRP E 49 45.90 28.40 16.09
C TRP E 49 46.77 27.39 16.81
N GLY E 50 47.77 27.84 17.55
CA GLY E 50 48.64 26.92 18.26
C GLY E 50 49.94 27.52 18.74
N LEU E 51 50.90 26.66 19.06
CA LEU E 51 52.17 27.08 19.62
C LEU E 51 53.32 26.83 18.66
N TYR E 52 54.28 27.75 18.60
CA TYR E 52 55.50 27.52 17.82
C TYR E 52 56.75 28.06 18.52
N GLY E 53 57.89 27.43 18.25
CA GLY E 53 59.13 27.77 18.90
C GLY E 53 60.33 27.04 18.32
N LYS E 54 61.48 27.17 18.98
CA LYS E 54 62.72 26.54 18.52
C LYS E 54 62.88 25.13 19.09
N ASN E 55 63.21 24.17 18.22
CA ASN E 55 63.36 22.80 18.68
C ASN E 55 64.60 22.72 19.54
N THR E 56 64.45 22.38 20.82
CA THR E 56 65.61 22.17 21.69
C THR E 56 65.94 20.69 21.84
N ARG E 57 64.93 19.83 21.70
CA ARG E 57 65.09 18.39 21.98
C ARG E 57 65.99 17.64 21.01
N ASN E 58 66.68 16.64 21.54
CA ASN E 58 67.57 15.78 20.76
C ASN E 58 66.85 14.60 20.12
N VAL E 59 65.83 14.92 19.32
CA VAL E 59 65.10 13.90 18.60
C VAL E 59 65.18 14.16 17.10
N ARG E 60 65.50 13.12 16.34
CA ARG E 60 65.49 13.21 14.89
C ARG E 60 64.12 13.69 14.44
N ARG E 61 64.08 14.33 13.27
CA ARG E 61 62.84 14.86 12.75
C ARG E 61 61.84 13.73 12.52
N ASN E 62 60.61 13.93 13.00
CA ASN E 62 59.54 12.95 12.87
C ASN E 62 59.93 11.56 13.38
N GLN E 63 60.73 11.51 14.45
CA GLN E 63 61.12 10.25 15.07
C GLN E 63 59.99 9.56 15.84
N VAL E 64 60.02 8.23 15.87
CA VAL E 64 59.06 7.46 16.65
C VAL E 64 59.18 7.74 18.16
N GLU E 65 58.10 8.21 18.78
CA GLU E 65 58.07 8.52 20.22
C GLU E 65 57.42 7.46 21.14
N ASP E 66 58.17 6.96 22.13
CA ASP E 66 57.65 5.96 23.07
C ASP E 66 56.97 6.61 24.29
N THR E 67 55.66 6.82 24.21
CA THR E 67 54.92 7.30 25.39
C THR E 67 54.70 6.19 26.43
N PRO F 16 -38.46 -0.34 17.57
CA PRO F 16 -38.21 -1.60 16.84
C PRO F 16 -39.23 -1.75 15.73
N LEU F 17 -38.89 -1.22 14.55
CA LEU F 17 -39.76 -1.25 13.37
C LEU F 17 -39.98 -2.67 12.88
N PHE F 18 -41.17 -2.93 12.35
CA PHE F 18 -41.48 -4.27 11.88
C PHE F 18 -40.59 -4.63 10.67
N SER F 19 -40.24 -3.63 9.88
CA SER F 19 -39.37 -3.85 8.73
C SER F 19 -37.98 -4.31 9.15
N ALA F 20 -37.64 -4.13 10.41
CA ALA F 20 -36.31 -4.50 10.87
C ALA F 20 -36.10 -6.02 10.82
N TRP F 21 -35.09 -6.45 10.08
CA TRP F 21 -34.72 -7.85 10.00
C TRP F 21 -33.37 -8.04 10.68
N PRO F 22 -33.08 -9.27 11.14
CA PRO F 22 -31.75 -9.44 11.75
C PRO F 22 -30.64 -9.22 10.71
N ALA F 23 -29.70 -8.37 11.06
CA ALA F 23 -28.64 -7.96 10.14
C ALA F 23 -27.70 -9.11 9.78
N ASP F 24 -27.51 -10.03 10.72
CA ASP F 24 -26.44 -11.02 10.64
C ASP F 24 -26.80 -12.31 9.89
N ILE F 25 -27.94 -12.35 9.23
CA ILE F 25 -28.32 -13.49 8.41
C ILE F 25 -27.62 -13.45 7.06
N ILE F 26 -27.05 -14.58 6.65
CA ILE F 26 -26.27 -14.67 5.41
C ILE F 26 -27.06 -15.31 4.28
N SER F 27 -26.91 -14.74 3.08
CA SER F 27 -27.46 -15.32 1.84
C SER F 27 -26.32 -15.64 0.89
N ASP F 28 -26.54 -16.59 0.00
CA ASP F 28 -25.64 -16.88 -1.13
C ASP F 28 -26.28 -16.28 -2.37
N VAL F 29 -25.48 -15.70 -3.26
CA VAL F 29 -26.03 -15.07 -4.46
C VAL F 29 -25.49 -15.67 -5.76
N GLY F 30 -24.35 -16.34 -5.69
CA GLY F 30 -23.68 -16.77 -6.91
C GLY F 30 -24.17 -18.04 -7.60
N ALA F 31 -24.84 -18.92 -6.84
CA ALA F 31 -25.00 -20.32 -7.25
C ALA F 31 -25.68 -20.54 -8.60
N PRO F 32 -25.25 -21.58 -9.34
CA PRO F 32 -25.96 -21.91 -10.58
C PRO F 32 -27.34 -22.48 -10.31
N PRO F 33 -28.24 -22.43 -11.30
CA PRO F 33 -29.59 -22.98 -11.12
C PRO F 33 -29.61 -24.50 -10.95
N LEU F 34 -30.68 -24.99 -10.33
CA LEU F 34 -30.85 -26.41 -10.04
C LEU F 34 -30.93 -27.25 -11.32
N GLN F 35 -30.02 -28.21 -11.42
CA GLN F 35 -30.10 -29.25 -12.45
C GLN F 35 -30.44 -30.60 -11.83
N LEU F 36 -31.45 -31.26 -12.39
CA LEU F 36 -31.97 -32.51 -11.85
C LEU F 36 -31.47 -33.73 -12.60
N GLU F 37 -31.38 -34.83 -11.86
CA GLU F 37 -30.94 -36.10 -12.43
C GLU F 37 -31.84 -36.47 -13.61
N PRO F 38 -31.26 -36.78 -14.77
CA PRO F 38 -32.10 -37.12 -15.93
C PRO F 38 -32.95 -38.34 -15.61
N SER F 39 -32.37 -39.25 -14.82
CA SER F 39 -33.08 -40.41 -14.32
C SER F 39 -34.35 -39.96 -13.60
N PHE F 40 -34.20 -38.99 -12.71
CA PHE F 40 -35.34 -38.50 -11.93
C PHE F 40 -36.40 -37.87 -12.82
N VAL F 41 -35.98 -37.18 -13.88
CA VAL F 41 -36.92 -36.54 -14.78
C VAL F 41 -37.77 -37.58 -15.50
N ALA F 42 -37.20 -38.77 -15.72
CA ALA F 42 -37.96 -39.84 -16.36
C ALA F 42 -39.18 -40.22 -15.52
N THR F 43 -38.99 -40.18 -14.20
CA THR F 43 -40.05 -40.47 -13.24
C THR F 43 -41.30 -39.63 -13.47
N LEU F 44 -41.11 -38.44 -14.03
CA LEU F 44 -42.19 -37.46 -14.08
C LEU F 44 -43.11 -37.62 -15.28
N LYS F 45 -44.37 -37.24 -15.08
CA LYS F 45 -45.40 -37.33 -16.10
C LYS F 45 -45.68 -35.95 -16.65
N GLN F 46 -45.31 -35.75 -17.91
CA GLN F 46 -45.44 -34.45 -18.56
C GLN F 46 -46.87 -33.93 -18.50
N ALA F 47 -47.01 -32.64 -18.23
CA ALA F 47 -48.29 -31.96 -18.30
C ALA F 47 -48.11 -30.66 -19.09
N GLU F 48 -49.22 -30.09 -19.53
CA GLU F 48 -49.21 -28.94 -20.42
C GLU F 48 -48.50 -27.71 -19.83
N TRP F 49 -48.39 -27.68 -18.51
CA TRP F 49 -47.72 -26.58 -17.81
C TRP F 49 -46.39 -26.98 -17.19
N GLY F 50 -46.12 -28.27 -17.11
CA GLY F 50 -44.89 -28.75 -16.49
C GLY F 50 -44.94 -30.23 -16.21
N LEU F 51 -44.08 -30.68 -15.31
CA LEU F 51 -43.96 -32.10 -14.97
C LEU F 51 -44.42 -32.36 -13.54
N TYR F 52 -45.08 -33.49 -13.30
CA TYR F 52 -45.43 -33.88 -11.94
C TYR F 52 -45.22 -35.36 -11.71
N GLY F 53 -44.90 -35.72 -10.47
CA GLY F 53 -44.58 -37.11 -10.15
C GLY F 53 -44.43 -37.32 -8.66
N LYS F 54 -43.99 -38.51 -8.27
CA LYS F 54 -43.85 -38.85 -6.86
C LYS F 54 -42.46 -38.49 -6.34
N ASN F 55 -42.42 -37.79 -5.21
CA ASN F 55 -41.16 -37.39 -4.62
C ASN F 55 -40.46 -38.64 -4.10
N THR F 56 -39.33 -38.96 -4.72
CA THR F 56 -38.47 -40.05 -4.28
C THR F 56 -37.28 -39.52 -3.48
N ARG F 57 -36.94 -38.25 -3.69
CA ARG F 57 -35.73 -37.67 -3.12
C ARG F 57 -35.77 -37.63 -1.60
N ASN F 58 -34.60 -37.74 -0.98
CA ASN F 58 -34.48 -37.76 0.48
C ASN F 58 -34.43 -36.35 1.09
N VAL F 59 -34.29 -35.35 0.23
CA VAL F 59 -34.25 -33.97 0.68
C VAL F 59 -35.56 -33.56 1.36
N ARG F 60 -35.45 -32.89 2.51
CA ARG F 60 -36.61 -32.31 3.18
C ARG F 60 -37.36 -31.41 2.19
N ARG F 61 -38.67 -31.26 2.38
CA ARG F 61 -39.47 -30.42 1.50
C ARG F 61 -39.02 -28.97 1.61
N ASN F 62 -38.83 -28.32 0.47
CA ASN F 62 -38.35 -26.95 0.40
C ASN F 62 -37.04 -26.77 1.16
N GLN F 63 -36.19 -27.78 1.11
CA GLN F 63 -34.86 -27.67 1.72
C GLN F 63 -33.98 -26.77 0.87
N VAL F 64 -33.05 -26.07 1.52
CA VAL F 64 -32.13 -25.21 0.79
C VAL F 64 -31.33 -26.06 -0.18
N GLU F 65 -31.37 -25.71 -1.45
CA GLU F 65 -30.70 -26.54 -2.45
C GLU F 65 -29.28 -26.04 -2.51
N ASP F 66 -28.34 -26.88 -2.12
CA ASP F 66 -26.96 -26.43 -2.10
C ASP F 66 -26.28 -26.66 -3.44
N THR F 67 -26.50 -25.75 -4.39
CA THR F 67 -25.69 -25.72 -5.59
C THR F 67 -24.47 -24.94 -5.08
N ARG F 68 -23.27 -25.27 -5.54
CA ARG F 68 -22.08 -24.69 -4.93
C ARG F 68 -21.88 -23.21 -5.28
N ASN F 69 -21.48 -22.43 -4.27
CA ASN F 69 -21.17 -21.00 -4.37
C ASN F 69 -21.88 -20.21 -5.47
#